data_1UY1
# 
_entry.id   1UY1 
# 
_audit_conform.dict_name       mmcif_pdbx.dic 
_audit_conform.dict_version    5.382 
_audit_conform.dict_location   http://mmcif.pdb.org/dictionaries/ascii/mmcif_pdbx.dic 
# 
loop_
_database_2.database_id 
_database_2.database_code 
_database_2.pdbx_database_accession 
_database_2.pdbx_DOI 
PDB   1UY1         pdb_00001uy1 10.2210/pdb1uy1/pdb 
PDBE  EBI-14694    ?            ?                   
WWPDB D_1290014694 ?            ?                   
# 
loop_
_pdbx_database_related.db_name 
_pdbx_database_related.db_id 
_pdbx_database_related.content_type 
_pdbx_database_related.details 
PDB 1NAE unspecified 'STRUCTURE OF CSCBM6-3 FROM CLOSTRIDIUM STERCORARIUM INCOMPLEX WITH XYLOTRIOSE' 
PDB 1OD3 unspecified 'STRUCTURE OF CBM6-3 IN COMPLEX WITH LAMINARIBIOSE'                             
PDB 1UY2 unspecified 'STRUCTURE OF CARBOHYDRATE-BINDING MODULE LAMINARIBIOSE'                        
PDB 1UY3 unspecified 'STRUCTURE OF CARBOHYDRATE-BINDING MODULE LAMINARIBIOSE'                        
PDB 1UY4 unspecified 'STRUCTURE OF CARBOHYDRATE-BINDING MODULE LAMINARIBIOSE'                        
# 
_pdbx_database_status.status_code                     REL 
_pdbx_database_status.entry_id                        1UY1 
_pdbx_database_status.deposit_site                    PDBE 
_pdbx_database_status.process_site                    PDBE 
_pdbx_database_status.SG_entry                        . 
_pdbx_database_status.recvd_initial_deposition_date   2004-03-01 
_pdbx_database_status.pdb_format_compatible           Y 
_pdbx_database_status.status_code_sf                  REL 
_pdbx_database_status.status_code_mr                  ? 
_pdbx_database_status.status_code_cs                  ? 
_pdbx_database_status.methods_development_category    ? 
_pdbx_database_status.status_code_nmr_data            ? 
# 
loop_
_audit_author.name 
_audit_author.pdbx_ordinal 
'Van Bueren, A.L.' 1 
'Boraston, A.B.'   2 
# 
_citation.id                        primary 
_citation.title                     
;Binding Sub-Site Dissection of a Carbohydrate-Binding Module Reveals the Contribution of Entropy to Oligosaccharide Recognition at "Non-Primary" Binding Subsites.
;
_citation.journal_abbrev            J.Mol.Biol. 
_citation.journal_volume            340 
_citation.page_first                869 
_citation.page_last                 ? 
_citation.year                      2004 
_citation.journal_id_ASTM           JMOBAK 
_citation.country                   UK 
_citation.journal_id_ISSN           0022-2836 
_citation.journal_id_CSD            0070 
_citation.book_publisher            ? 
_citation.pdbx_database_id_PubMed   15223327 
_citation.pdbx_database_id_DOI      10.1016/J.JMB.2004.05.038 
# 
loop_
_citation_author.citation_id 
_citation_author.name 
_citation_author.ordinal 
_citation_author.identifier_ORCID 
primary 'Van Bueren, A.L.' 1 ? 
primary 'Boraston, A.B.'   2 ? 
# 
_cell.entry_id           1UY1 
_cell.length_a           83.438 
_cell.length_b           83.438 
_cell.length_c           44.776 
_cell.angle_alpha        90.00 
_cell.angle_beta         90.00 
_cell.angle_gamma        90.00 
_cell.Z_PDB              8 
_cell.pdbx_unique_axis   ? 
# 
_symmetry.entry_id                         1UY1 
_symmetry.space_group_name_H-M             'P 41 21 2' 
_symmetry.pdbx_full_space_group_name_H-M   ? 
_symmetry.cell_setting                     ? 
_symmetry.Int_Tables_number                92 
# 
loop_
_entity.id 
_entity.type 
_entity.src_method 
_entity.pdbx_description 
_entity.formula_weight 
_entity.pdbx_number_of_molecules 
_entity.pdbx_ec 
_entity.pdbx_mutation 
_entity.pdbx_fragment 
_entity.details 
1 polymer     man 'ENDO-1,4-BETA-XYLANASE A' 15240.524 1   ? ? 'CARBOHYDRATE-BINDING MODULE, RESIDUES 1-139' ? 
2 non-polymer syn 'SODIUM ION'               22.990    1   ? ? ?                                             ? 
3 non-polymer syn 'CALCIUM ION'              40.078    1   ? ? ?                                             ? 
4 non-polymer syn GLYCEROL                   92.094    2   ? ? ?                                             ? 
5 water       nat water                      18.015    154 ? ? ?                                             ? 
# 
_entity_name_com.entity_id   1 
_entity_name_com.name        'CSCBM6-1,1,4-BETA-D-XYLAN XYLANOHYDROLASE A' 
# 
_entity_poly.entity_id                      1 
_entity_poly.type                           'polypeptide(L)' 
_entity_poly.nstd_linkage                   no 
_entity_poly.nstd_monomer                   no 
_entity_poly.pdbx_seq_one_letter_code       
;GSHMASPTPAPSQSPIRRDAFSIIEAEEYNSTNSSTLQVIGTPNNGRGIGYIENGNTVTYSNIDFGSGATGFSATVATEV
NTSIQIRSDSPTGTLLGTLYVSSTGSWNTYNTVSTNISKITGVHDIVLVFSGPVNVDNFIFSRSS
;
_entity_poly.pdbx_seq_one_letter_code_can   
;GSHMASPTPAPSQSPIRRDAFSIIEAEEYNSTNSSTLQVIGTPNNGRGIGYIENGNTVTYSNIDFGSGATGFSATVATEV
NTSIQIRSDSPTGTLLGTLYVSSTGSWNTYNTVSTNISKITGVHDIVLVFSGPVNVDNFIFSRSS
;
_entity_poly.pdbx_strand_id                 A 
_entity_poly.pdbx_target_identifier         ? 
# 
loop_
_entity_poly_seq.entity_id 
_entity_poly_seq.num 
_entity_poly_seq.mon_id 
_entity_poly_seq.hetero 
1 1   GLY n 
1 2   SER n 
1 3   HIS n 
1 4   MET n 
1 5   ALA n 
1 6   SER n 
1 7   PRO n 
1 8   THR n 
1 9   PRO n 
1 10  ALA n 
1 11  PRO n 
1 12  SER n 
1 13  GLN n 
1 14  SER n 
1 15  PRO n 
1 16  ILE n 
1 17  ARG n 
1 18  ARG n 
1 19  ASP n 
1 20  ALA n 
1 21  PHE n 
1 22  SER n 
1 23  ILE n 
1 24  ILE n 
1 25  GLU n 
1 26  ALA n 
1 27  GLU n 
1 28  GLU n 
1 29  TYR n 
1 30  ASN n 
1 31  SER n 
1 32  THR n 
1 33  ASN n 
1 34  SER n 
1 35  SER n 
1 36  THR n 
1 37  LEU n 
1 38  GLN n 
1 39  VAL n 
1 40  ILE n 
1 41  GLY n 
1 42  THR n 
1 43  PRO n 
1 44  ASN n 
1 45  ASN n 
1 46  GLY n 
1 47  ARG n 
1 48  GLY n 
1 49  ILE n 
1 50  GLY n 
1 51  TYR n 
1 52  ILE n 
1 53  GLU n 
1 54  ASN n 
1 55  GLY n 
1 56  ASN n 
1 57  THR n 
1 58  VAL n 
1 59  THR n 
1 60  TYR n 
1 61  SER n 
1 62  ASN n 
1 63  ILE n 
1 64  ASP n 
1 65  PHE n 
1 66  GLY n 
1 67  SER n 
1 68  GLY n 
1 69  ALA n 
1 70  THR n 
1 71  GLY n 
1 72  PHE n 
1 73  SER n 
1 74  ALA n 
1 75  THR n 
1 76  VAL n 
1 77  ALA n 
1 78  THR n 
1 79  GLU n 
1 80  VAL n 
1 81  ASN n 
1 82  THR n 
1 83  SER n 
1 84  ILE n 
1 85  GLN n 
1 86  ILE n 
1 87  ARG n 
1 88  SER n 
1 89  ASP n 
1 90  SER n 
1 91  PRO n 
1 92  THR n 
1 93  GLY n 
1 94  THR n 
1 95  LEU n 
1 96  LEU n 
1 97  GLY n 
1 98  THR n 
1 99  LEU n 
1 100 TYR n 
1 101 VAL n 
1 102 SER n 
1 103 SER n 
1 104 THR n 
1 105 GLY n 
1 106 SER n 
1 107 TRP n 
1 108 ASN n 
1 109 THR n 
1 110 TYR n 
1 111 ASN n 
1 112 THR n 
1 113 VAL n 
1 114 SER n 
1 115 THR n 
1 116 ASN n 
1 117 ILE n 
1 118 SER n 
1 119 LYS n 
1 120 ILE n 
1 121 THR n 
1 122 GLY n 
1 123 VAL n 
1 124 HIS n 
1 125 ASP n 
1 126 ILE n 
1 127 VAL n 
1 128 LEU n 
1 129 VAL n 
1 130 PHE n 
1 131 SER n 
1 132 GLY n 
1 133 PRO n 
1 134 VAL n 
1 135 ASN n 
1 136 VAL n 
1 137 ASP n 
1 138 ASN n 
1 139 PHE n 
1 140 ILE n 
1 141 PHE n 
1 142 SER n 
1 143 ARG n 
1 144 SER n 
1 145 SER n 
# 
_entity_src_gen.entity_id                          1 
_entity_src_gen.pdbx_src_id                        1 
_entity_src_gen.pdbx_alt_source_flag               sample 
_entity_src_gen.pdbx_seq_type                      ? 
_entity_src_gen.pdbx_beg_seq_num                   ? 
_entity_src_gen.pdbx_end_seq_num                   ? 
_entity_src_gen.gene_src_common_name               ? 
_entity_src_gen.gene_src_genus                     ? 
_entity_src_gen.pdbx_gene_src_gene                 ? 
_entity_src_gen.gene_src_species                   ? 
_entity_src_gen.gene_src_strain                    'NCIB 11745' 
_entity_src_gen.gene_src_tissue                    ? 
_entity_src_gen.gene_src_tissue_fraction           ? 
_entity_src_gen.gene_src_details                   ? 
_entity_src_gen.pdbx_gene_src_fragment             ? 
_entity_src_gen.pdbx_gene_src_scientific_name      'CLOSTRIDIUM STERCORARIUM' 
_entity_src_gen.pdbx_gene_src_ncbi_taxonomy_id     1510 
_entity_src_gen.pdbx_gene_src_variant              ? 
_entity_src_gen.pdbx_gene_src_cell_line            ? 
_entity_src_gen.pdbx_gene_src_atcc                 ? 
_entity_src_gen.pdbx_gene_src_organ                ? 
_entity_src_gen.pdbx_gene_src_organelle            ? 
_entity_src_gen.pdbx_gene_src_cell                 ? 
_entity_src_gen.pdbx_gene_src_cellular_location    ? 
_entity_src_gen.host_org_common_name               ? 
_entity_src_gen.pdbx_host_org_scientific_name      'ESCHERICHIA COLI' 
_entity_src_gen.pdbx_host_org_ncbi_taxonomy_id     469008 
_entity_src_gen.host_org_genus                     ? 
_entity_src_gen.pdbx_host_org_gene                 ? 
_entity_src_gen.pdbx_host_org_organ                ? 
_entity_src_gen.host_org_species                   ? 
_entity_src_gen.pdbx_host_org_tissue               ? 
_entity_src_gen.pdbx_host_org_tissue_fraction      ? 
_entity_src_gen.pdbx_host_org_strain               'BL21(DE3)' 
_entity_src_gen.pdbx_host_org_variant              ? 
_entity_src_gen.pdbx_host_org_cell_line            ? 
_entity_src_gen.pdbx_host_org_atcc                 ? 
_entity_src_gen.pdbx_host_org_culture_collection   ? 
_entity_src_gen.pdbx_host_org_cell                 ? 
_entity_src_gen.pdbx_host_org_organelle            ? 
_entity_src_gen.pdbx_host_org_cellular_location    ? 
_entity_src_gen.pdbx_host_org_vector_type          ? 
_entity_src_gen.pdbx_host_org_vector               'PET 28' 
_entity_src_gen.host_org_details                   ? 
_entity_src_gen.expression_system_id               ? 
_entity_src_gen.plasmid_name                       PET-CBM6-1 
_entity_src_gen.plasmid_details                    ? 
_entity_src_gen.pdbx_description                   ? 
# 
loop_
_struct_ref.id 
_struct_ref.db_name 
_struct_ref.db_code 
_struct_ref.entity_id 
_struct_ref.pdbx_seq_one_letter_code 
_struct_ref.pdbx_align_begin 
_struct_ref.pdbx_db_accession 
_struct_ref.pdbx_db_isoform 
1 PDB 1UY1   1 ? ? 1UY1   ? 
2 UNP Q93AQ5 1 ? ? Q93AQ5 ? 
# 
loop_
_struct_ref_seq.align_id 
_struct_ref_seq.ref_id 
_struct_ref_seq.pdbx_PDB_id_code 
_struct_ref_seq.pdbx_strand_id 
_struct_ref_seq.seq_align_beg 
_struct_ref_seq.pdbx_seq_align_beg_ins_code 
_struct_ref_seq.seq_align_end 
_struct_ref_seq.pdbx_seq_align_end_ins_code 
_struct_ref_seq.pdbx_db_accession 
_struct_ref_seq.db_align_beg 
_struct_ref_seq.pdbx_db_align_beg_ins_code 
_struct_ref_seq.db_align_end 
_struct_ref_seq.pdbx_db_align_end_ins_code 
_struct_ref_seq.pdbx_auth_seq_align_beg 
_struct_ref_seq.pdbx_auth_seq_align_end 
1 1 1UY1 A 1 ? 6   ? 1UY1   1 ? 6   ? 1 6   
2 2 1UY1 A 7 ? 145 ? Q93AQ5 1 ? 139 ? 7 145 
# 
_struct_ref_seq_dif.align_id                     1 
_struct_ref_seq_dif.pdbx_pdb_id_code             1UY1 
_struct_ref_seq_dif.mon_id                       ASN 
_struct_ref_seq_dif.pdbx_pdb_strand_id           A 
_struct_ref_seq_dif.seq_num                      111 
_struct_ref_seq_dif.pdbx_pdb_ins_code            ? 
_struct_ref_seq_dif.pdbx_seq_db_name             UNP 
_struct_ref_seq_dif.pdbx_seq_db_accession_code   Q93AQ5 
_struct_ref_seq_dif.db_mon_id                    GLN 
_struct_ref_seq_dif.pdbx_seq_db_seq_num          105 
_struct_ref_seq_dif.details                      conflict 
_struct_ref_seq_dif.pdbx_auth_seq_num            111 
_struct_ref_seq_dif.pdbx_ordinal                 1 
# 
loop_
_chem_comp.id 
_chem_comp.type 
_chem_comp.mon_nstd_flag 
_chem_comp.name 
_chem_comp.pdbx_synonyms 
_chem_comp.formula 
_chem_comp.formula_weight 
ALA 'L-peptide linking' y ALANINE         ?                               'C3 H7 N O2'     89.093  
ARG 'L-peptide linking' y ARGININE        ?                               'C6 H15 N4 O2 1' 175.209 
ASN 'L-peptide linking' y ASPARAGINE      ?                               'C4 H8 N2 O3'    132.118 
ASP 'L-peptide linking' y 'ASPARTIC ACID' ?                               'C4 H7 N O4'     133.103 
CA  non-polymer         . 'CALCIUM ION'   ?                               'Ca 2'           40.078  
GLN 'L-peptide linking' y GLUTAMINE       ?                               'C5 H10 N2 O3'   146.144 
GLU 'L-peptide linking' y 'GLUTAMIC ACID' ?                               'C5 H9 N O4'     147.129 
GLY 'peptide linking'   y GLYCINE         ?                               'C2 H5 N O2'     75.067  
GOL non-polymer         . GLYCEROL        'GLYCERIN; PROPANE-1,2,3-TRIOL' 'C3 H8 O3'       92.094  
HIS 'L-peptide linking' y HISTIDINE       ?                               'C6 H10 N3 O2 1' 156.162 
HOH non-polymer         . WATER           ?                               'H2 O'           18.015  
ILE 'L-peptide linking' y ISOLEUCINE      ?                               'C6 H13 N O2'    131.173 
LEU 'L-peptide linking' y LEUCINE         ?                               'C6 H13 N O2'    131.173 
LYS 'L-peptide linking' y LYSINE          ?                               'C6 H15 N2 O2 1' 147.195 
MET 'L-peptide linking' y METHIONINE      ?                               'C5 H11 N O2 S'  149.211 
NA  non-polymer         . 'SODIUM ION'    ?                               'Na 1'           22.990  
PHE 'L-peptide linking' y PHENYLALANINE   ?                               'C9 H11 N O2'    165.189 
PRO 'L-peptide linking' y PROLINE         ?                               'C5 H9 N O2'     115.130 
SER 'L-peptide linking' y SERINE          ?                               'C3 H7 N O3'     105.093 
THR 'L-peptide linking' y THREONINE       ?                               'C4 H9 N O3'     119.119 
TRP 'L-peptide linking' y TRYPTOPHAN      ?                               'C11 H12 N2 O2'  204.225 
TYR 'L-peptide linking' y TYROSINE        ?                               'C9 H11 N O3'    181.189 
VAL 'L-peptide linking' y VALINE          ?                               'C5 H11 N O2'    117.146 
# 
_exptl.entry_id          1UY1 
_exptl.method            'X-RAY DIFFRACTION' 
_exptl.crystals_number   1 
# 
_exptl_crystal.id                    1 
_exptl_crystal.density_meas          ? 
_exptl_crystal.density_Matthews      2.56 
_exptl_crystal.density_percent_sol   51.89 
_exptl_crystal.description           ? 
# 
_exptl_crystal_grow.crystal_id      1 
_exptl_crystal_grow.method          ? 
_exptl_crystal_grow.temp            ? 
_exptl_crystal_grow.temp_details    ? 
_exptl_crystal_grow.pH              4.50 
_exptl_crystal_grow.pdbx_pH_range   ? 
_exptl_crystal_grow.pdbx_details    'pH 4.50' 
# 
_diffrn.id                     1 
_diffrn.ambient_temp           113.0 
_diffrn.ambient_temp_details   ? 
_diffrn.crystal_id             1 
# 
_diffrn_detector.diffrn_id              1 
_diffrn_detector.detector               'IMAGE PLATE' 
_diffrn_detector.type                   'RIGAKU R-AXIS IV++' 
_diffrn_detector.pdbx_collection_date   ? 
_diffrn_detector.details                'OSMIC BLUE' 
# 
_diffrn_radiation.diffrn_id                        1 
_diffrn_radiation.wavelength_id                    1 
_diffrn_radiation.pdbx_monochromatic_or_laue_m_l   M 
_diffrn_radiation.monochromator                    ? 
_diffrn_radiation.pdbx_diffrn_protocol             'SINGLE WAVELENGTH' 
_diffrn_radiation.pdbx_scattering_type             x-ray 
# 
_diffrn_radiation_wavelength.id           1 
_diffrn_radiation_wavelength.wavelength   1.5418 
_diffrn_radiation_wavelength.wt           1.0 
# 
_diffrn_source.diffrn_id                   1 
_diffrn_source.source                      'ROTATING ANODE' 
_diffrn_source.type                        'RIGAKU MICROMAX-002' 
_diffrn_source.pdbx_synchrotron_site       ? 
_diffrn_source.pdbx_synchrotron_beamline   ? 
_diffrn_source.pdbx_wavelength             1.5418 
_diffrn_source.pdbx_wavelength_list        ? 
# 
_reflns.pdbx_diffrn_id               1 
_reflns.pdbx_ordinal                 1 
_reflns.entry_id                     1UY1 
_reflns.observed_criterion_sigma_I   ? 
_reflns.observed_criterion_sigma_F   ? 
_reflns.d_resolution_low             20.000 
_reflns.d_resolution_high            1.800 
_reflns.number_obs                   15153 
_reflns.number_all                   ? 
_reflns.percent_possible_obs         99.9 
_reflns.pdbx_Rmerge_I_obs            0.06800 
_reflns.pdbx_Rsym_value              ? 
_reflns.pdbx_netI_over_sigmaI        16.3000 
_reflns.B_iso_Wilson_estimate        ? 
_reflns.pdbx_redundancy              8.200 
# 
_reflns_shell.pdbx_diffrn_id         1 
_reflns_shell.pdbx_ordinal           1 
_reflns_shell.d_res_high             1.80 
_reflns_shell.d_res_low              1.86 
_reflns_shell.percent_possible_all   100.0 
_reflns_shell.Rmerge_I_obs           0.33600 
_reflns_shell.pdbx_Rsym_value        ? 
_reflns_shell.meanI_over_sigI_obs    5.600 
_reflns_shell.pdbx_redundancy        7.80 
# 
_refine.pdbx_refine_id                           'X-RAY DIFFRACTION' 
_refine.entry_id                                 1UY1 
_refine.pdbx_diffrn_id                           1 
_refine.pdbx_TLS_residual_ADP_flag               ? 
_refine.ls_number_reflns_obs                     14366 
_refine.ls_number_reflns_all                     ? 
_refine.pdbx_ls_sigma_I                          ? 
_refine.pdbx_ls_sigma_F                          ? 
_refine.pdbx_data_cutoff_high_absF               ? 
_refine.pdbx_data_cutoff_low_absF                ? 
_refine.pdbx_data_cutoff_high_rms_absF           ? 
_refine.ls_d_res_low                             20.00 
_refine.ls_d_res_high                            1.80 
_refine.ls_percent_reflns_obs                    99.9 
_refine.ls_R_factor_obs                          0.140 
_refine.ls_R_factor_all                          ? 
_refine.ls_R_factor_R_work                       0.138 
_refine.ls_R_factor_R_free                       0.178 
_refine.ls_R_factor_R_free_error                 ? 
_refine.ls_R_factor_R_free_error_details         ? 
_refine.ls_percent_reflns_R_free                 5.100 
_refine.ls_number_reflns_R_free                  767 
_refine.ls_number_parameters                     ? 
_refine.ls_number_restraints                     ? 
_refine.occupancy_min                            ? 
_refine.occupancy_max                            ? 
_refine.correlation_coeff_Fo_to_Fc               0.972 
_refine.correlation_coeff_Fo_to_Fc_free          0.959 
_refine.B_iso_mean                               23.41 
_refine.aniso_B[1][1]                            -0.65000 
_refine.aniso_B[2][2]                            -0.65000 
_refine.aniso_B[3][3]                            1.30000 
_refine.aniso_B[1][2]                            0.00000 
_refine.aniso_B[1][3]                            0.00000 
_refine.aniso_B[2][3]                            0.00000 
_refine.solvent_model_details                    'BABINET MODEL WITH MASK' 
_refine.solvent_model_param_ksol                 ? 
_refine.solvent_model_param_bsol                 ? 
_refine.pdbx_solvent_vdw_probe_radii             1.40 
_refine.pdbx_solvent_ion_probe_radii             0.80 
_refine.pdbx_solvent_shrinkage_radii             0.80 
_refine.pdbx_ls_cross_valid_method               THROUGHOUT 
_refine.details                                  'HYDROGENS HAVE BEEN ADDED IN THE RIDING POSITIONS' 
_refine.pdbx_starting_model                      'PDB ENTRY 1GMM' 
_refine.pdbx_method_to_determine_struct          'MOLECULAR REPLACEMENT' 
_refine.pdbx_isotropic_thermal_model             ? 
_refine.pdbx_stereochemistry_target_values       'MAXIMUM LIKELIHOOD' 
_refine.pdbx_stereochem_target_val_spec_case     ? 
_refine.pdbx_R_Free_selection_details            RANDOM 
_refine.pdbx_overall_ESU_R                       0.137 
_refine.pdbx_overall_ESU_R_Free                  0.093 
_refine.overall_SU_ML                            0.059 
_refine.pdbx_overall_phase_error                 ? 
_refine.overall_SU_B                             1.956 
_refine.overall_SU_R_Cruickshank_DPI             ? 
_refine.pdbx_overall_SU_R_free_Cruickshank_DPI   ? 
_refine.pdbx_overall_SU_R_Blow_DPI               ? 
_refine.pdbx_overall_SU_R_free_Blow_DPI          ? 
# 
_refine_hist.pdbx_refine_id                   'X-RAY DIFFRACTION' 
_refine_hist.cycle_id                         LAST 
_refine_hist.pdbx_number_atoms_protein        986 
_refine_hist.pdbx_number_atoms_nucleic_acid   0 
_refine_hist.pdbx_number_atoms_ligand         14 
_refine_hist.number_atoms_solvent             154 
_refine_hist.number_atoms_total               1154 
_refine_hist.d_res_high                       1.80 
_refine_hist.d_res_low                        20.00 
# 
loop_
_refine_ls_restr.type 
_refine_ls_restr.dev_ideal 
_refine_ls_restr.dev_ideal_target 
_refine_ls_restr.weight 
_refine_ls_restr.number 
_refine_ls_restr.pdbx_refine_id 
_refine_ls_restr.pdbx_restraint_function 
r_bond_refined_d             0.018 0.021 ? 1021 'X-RAY DIFFRACTION' ? 
r_bond_other_d               0.002 0.020 ? 887  'X-RAY DIFFRACTION' ? 
r_angle_refined_deg          1.622 1.926 ? 1392 'X-RAY DIFFRACTION' ? 
r_angle_other_deg            0.890 3.000 ? 2070 'X-RAY DIFFRACTION' ? 
r_dihedral_angle_1_deg       7.063 5.000 ? 131  'X-RAY DIFFRACTION' ? 
r_dihedral_angle_2_deg       ?     ?     ? ?    'X-RAY DIFFRACTION' ? 
r_dihedral_angle_3_deg       ?     ?     ? ?    'X-RAY DIFFRACTION' ? 
r_dihedral_angle_4_deg       ?     ?     ? ?    'X-RAY DIFFRACTION' ? 
r_chiral_restr               0.110 0.200 ? 169  'X-RAY DIFFRACTION' ? 
r_gen_planes_refined         0.009 0.020 ? 1144 'X-RAY DIFFRACTION' ? 
r_gen_planes_other           0.010 0.020 ? 204  'X-RAY DIFFRACTION' ? 
r_nbd_refined                0.200 0.200 ? 182  'X-RAY DIFFRACTION' ? 
r_nbd_other                  0.262 0.200 ? 1066 'X-RAY DIFFRACTION' ? 
r_nbtor_refined              ?     ?     ? ?    'X-RAY DIFFRACTION' ? 
r_nbtor_other                0.089 0.200 ? 620  'X-RAY DIFFRACTION' ? 
r_xyhbond_nbd_refined        0.196 0.200 ? 83   'X-RAY DIFFRACTION' ? 
r_xyhbond_nbd_other          ?     ?     ? ?    'X-RAY DIFFRACTION' ? 
r_metal_ion_refined          0.172 0.200 ? 3    'X-RAY DIFFRACTION' ? 
r_metal_ion_other            ?     ?     ? ?    'X-RAY DIFFRACTION' ? 
r_symmetry_vdw_refined       0.221 0.200 ? 12   'X-RAY DIFFRACTION' ? 
r_symmetry_vdw_other         0.267 0.200 ? 29   'X-RAY DIFFRACTION' ? 
r_symmetry_hbond_refined     0.302 0.200 ? 16   'X-RAY DIFFRACTION' ? 
r_symmetry_hbond_other       ?     ?     ? ?    'X-RAY DIFFRACTION' ? 
r_symmetry_metal_ion_refined ?     ?     ? ?    'X-RAY DIFFRACTION' ? 
r_symmetry_metal_ion_other   ?     ?     ? ?    'X-RAY DIFFRACTION' ? 
r_mcbond_it                  1.759 1.500 ? 654  'X-RAY DIFFRACTION' ? 
r_mcbond_other               ?     ?     ? ?    'X-RAY DIFFRACTION' ? 
r_mcangle_it                 2.644 2.000 ? 1074 'X-RAY DIFFRACTION' ? 
r_mcangle_other              ?     ?     ? ?    'X-RAY DIFFRACTION' ? 
r_scbond_it                  4.437 3.000 ? 367  'X-RAY DIFFRACTION' ? 
r_scbond_other               ?     ?     ? ?    'X-RAY DIFFRACTION' ? 
r_scangle_it                 6.336 4.500 ? 318  'X-RAY DIFFRACTION' ? 
r_scangle_other              ?     ?     ? ?    'X-RAY DIFFRACTION' ? 
r_long_range_B_refined       ?     ?     ? ?    'X-RAY DIFFRACTION' ? 
r_long_range_B_other         ?     ?     ? ?    'X-RAY DIFFRACTION' ? 
r_rigid_bond_restr           ?     ?     ? ?    'X-RAY DIFFRACTION' ? 
r_sphericity_free            ?     ?     ? ?    'X-RAY DIFFRACTION' ? 
r_sphericity_bonded          ?     ?     ? ?    'X-RAY DIFFRACTION' ? 
# 
_refine_ls_shell.pdbx_refine_id                   'X-RAY DIFFRACTION' 
_refine_ls_shell.pdbx_total_number_of_bins_used   20 
_refine_ls_shell.d_res_high                       1.80 
_refine_ls_shell.d_res_low                        1.85 
_refine_ls_shell.number_reflns_R_work             1014 
_refine_ls_shell.R_factor_R_work                  0.2140 
_refine_ls_shell.percent_reflns_obs               ? 
_refine_ls_shell.R_factor_R_free                  0.2340 
_refine_ls_shell.R_factor_R_free_error            ? 
_refine_ls_shell.percent_reflns_R_free            ? 
_refine_ls_shell.number_reflns_R_free             69 
_refine_ls_shell.number_reflns_all                ? 
_refine_ls_shell.R_factor_all                     ? 
# 
_struct.entry_id                  1UY1 
_struct.title                     
'Binding sub-site dissection of a family 6 carbohydrate-binding module by X-ray crystallography and isothermal titration calorimetry' 
_struct.pdbx_model_details        ? 
_struct.pdbx_CASP_flag            ? 
_struct.pdbx_model_type_details   ? 
# 
_struct_keywords.entry_id        1UY1 
_struct_keywords.pdbx_keywords   'CARBOHYDRATE-BINDING MODULE' 
_struct_keywords.text            
'CARBOHYDRATE-BINDING MODULE, THERMODYNAMICS, PROTEIN STRUCTURE, XYLAN, PROTEIN-CARBOHYDRATE INTERACTIONS' 
# 
loop_
_struct_asym.id 
_struct_asym.pdbx_blank_PDB_chainid_flag 
_struct_asym.pdbx_modified 
_struct_asym.entity_id 
_struct_asym.details 
A N N 1 ? 
B N N 2 ? 
C N N 3 ? 
D N N 4 ? 
E N N 4 ? 
F N N 5 ? 
# 
_struct_biol.id   1 
# 
loop_
_struct_conn.id 
_struct_conn.conn_type_id 
_struct_conn.pdbx_leaving_atom_flag 
_struct_conn.pdbx_PDB_id 
_struct_conn.ptnr1_label_asym_id 
_struct_conn.ptnr1_label_comp_id 
_struct_conn.ptnr1_label_seq_id 
_struct_conn.ptnr1_label_atom_id 
_struct_conn.pdbx_ptnr1_label_alt_id 
_struct_conn.pdbx_ptnr1_PDB_ins_code 
_struct_conn.pdbx_ptnr1_standard_comp_id 
_struct_conn.ptnr1_symmetry 
_struct_conn.ptnr2_label_asym_id 
_struct_conn.ptnr2_label_comp_id 
_struct_conn.ptnr2_label_seq_id 
_struct_conn.ptnr2_label_atom_id 
_struct_conn.pdbx_ptnr2_label_alt_id 
_struct_conn.pdbx_ptnr2_PDB_ins_code 
_struct_conn.ptnr1_auth_asym_id 
_struct_conn.ptnr1_auth_comp_id 
_struct_conn.ptnr1_auth_seq_id 
_struct_conn.ptnr2_auth_asym_id 
_struct_conn.ptnr2_auth_comp_id 
_struct_conn.ptnr2_auth_seq_id 
_struct_conn.ptnr2_symmetry 
_struct_conn.pdbx_ptnr3_label_atom_id 
_struct_conn.pdbx_ptnr3_label_seq_id 
_struct_conn.pdbx_ptnr3_label_comp_id 
_struct_conn.pdbx_ptnr3_label_asym_id 
_struct_conn.pdbx_ptnr3_label_alt_id 
_struct_conn.pdbx_ptnr3_PDB_ins_code 
_struct_conn.details 
_struct_conn.pdbx_dist_value 
_struct_conn.pdbx_value_order 
_struct_conn.pdbx_role 
metalc1  metalc ? ? A GLU 25  OE1 ? ? ? 1_555 C CA  . CA ? ? A GLU 25   A CA  1147 1_555 ? ? ? ? ? ? ? 2.163 ? ? 
metalc2  metalc ? ? A GLU 27  OE1 ? ? ? 1_555 C CA  . CA ? ? A GLU 27   A CA  1147 1_555 ? ? ? ? ? ? ? 2.492 ? ? 
metalc3  metalc ? ? A GLU 27  OE2 ? ? ? 1_555 C CA  . CA ? ? A GLU 27   A CA  1147 1_555 ? ? ? ? ? ? ? 2.578 ? ? 
metalc4  metalc ? ? A SER 35  OG  ? ? ? 1_555 B NA  . NA ? ? A SER 35   A NA  1146 1_555 ? ? ? ? ? ? ? 2.503 ? ? 
metalc5  metalc ? ? A ARG 47  O   ? ? ? 1_555 C CA  . CA ? ? A ARG 47   A CA  1147 1_555 ? ? ? ? ? ? ? 2.277 ? ? 
metalc6  metalc ? ? A THR 98  O   ? ? ? 3_545 B NA  . NA ? ? A THR 98   A NA  1146 1_555 ? ? ? ? ? ? ? 2.483 ? ? 
metalc7  metalc ? ? A THR 115 OG1 ? ? ? 3_545 B NA  . NA ? ? A THR 115  A NA  1146 1_555 ? ? ? ? ? ? ? 2.467 ? ? 
metalc8  metalc ? ? A ASP 137 OD1 ? ? ? 1_555 C CA  . CA ? ? A ASP 137  A CA  1147 1_555 ? ? ? ? ? ? ? 2.371 ? ? 
metalc9  metalc ? ? A ASP 137 O   ? ? ? 1_555 C CA  . CA ? ? A ASP 137  A CA  1147 1_555 ? ? ? ? ? ? ? 2.507 ? ? 
metalc10 metalc ? ? B NA  .   NA  ? ? ? 1_555 F HOH . O  ? ? A NA  1146 A HOH 2120 3_545 ? ? ? ? ? ? ? 2.245 ? ? 
metalc11 metalc ? ? B NA  .   NA  ? ? ? 1_555 F HOH . O  ? ? A NA  1146 A HOH 2121 3_545 ? ? ? ? ? ? ? 2.499 ? ? 
metalc12 metalc ? ? C CA  .   CA  ? ? ? 1_555 F HOH . O  ? ? A CA  1147 A HOH 2052 1_555 ? ? ? ? ? ? ? 2.450 ? ? 
# 
_struct_conn_type.id          metalc 
_struct_conn_type.criteria    ? 
_struct_conn_type.reference   ? 
# 
loop_
_struct_sheet.id 
_struct_sheet.type 
_struct_sheet.number_strands 
_struct_sheet.details 
AA ? 3 ? 
AB ? 5 ? 
AC ? 4 ? 
AD ? 2 ? 
# 
loop_
_struct_sheet_order.sheet_id 
_struct_sheet_order.range_id_1 
_struct_sheet_order.range_id_2 
_struct_sheet_order.offset 
_struct_sheet_order.sense 
AA 1 2 ? parallel      
AA 2 3 ? anti-parallel 
AB 1 2 ? parallel      
AB 2 3 ? anti-parallel 
AB 3 4 ? anti-parallel 
AB 4 5 ? anti-parallel 
AC 1 2 ? anti-parallel 
AC 2 3 ? anti-parallel 
AC 3 4 ? anti-parallel 
AD 1 2 ? anti-parallel 
# 
loop_
_struct_sheet_range.sheet_id 
_struct_sheet_range.id 
_struct_sheet_range.beg_label_comp_id 
_struct_sheet_range.beg_label_asym_id 
_struct_sheet_range.beg_label_seq_id 
_struct_sheet_range.pdbx_beg_PDB_ins_code 
_struct_sheet_range.end_label_comp_id 
_struct_sheet_range.end_label_asym_id 
_struct_sheet_range.end_label_seq_id 
_struct_sheet_range.pdbx_end_PDB_ins_code 
_struct_sheet_range.beg_auth_comp_id 
_struct_sheet_range.beg_auth_asym_id 
_struct_sheet_range.beg_auth_seq_id 
_struct_sheet_range.end_auth_comp_id 
_struct_sheet_range.end_auth_asym_id 
_struct_sheet_range.end_auth_seq_id 
AA 1 ARG A 18  ? ASP A 19  ? ARG A 18  ASP A 19  
AA 2 THR A 57  ? ASP A 64  ? THR A 57  ASP A 64  
AA 3 SER A 31  ? THR A 32  ? SER A 31  THR A 32  
AB 1 ARG A 18  ? ASP A 19  ? ARG A 18  ASP A 19  
AB 2 THR A 57  ? ASP A 64  ? THR A 57  ASP A 64  
AB 3 VAL A 123 ? PHE A 130 ? VAL A 123 PHE A 130 
AB 4 THR A 82  ? SER A 88  ? THR A 82  SER A 88  
AB 5 LEU A 95  ? VAL A 101 ? LEU A 95  VAL A 101 
AC 1 ILE A 24  ? GLU A 25  ? ILE A 24  GLU A 25  
AC 2 ASN A 135 ? ARG A 143 ? ASN A 135 ARG A 143 
AC 3 ALA A 69  ? ALA A 77  ? ALA A 69  ALA A 77  
AC 4 ASN A 111 ? ILE A 120 ? ASN A 111 ILE A 120 
AD 1 GLN A 38  ? GLY A 41  ? GLN A 38  GLY A 41  
AD 2 ARG A 47  ? GLY A 50  ? ARG A 47  GLY A 50  
# 
loop_
_pdbx_struct_sheet_hbond.sheet_id 
_pdbx_struct_sheet_hbond.range_id_1 
_pdbx_struct_sheet_hbond.range_id_2 
_pdbx_struct_sheet_hbond.range_1_label_atom_id 
_pdbx_struct_sheet_hbond.range_1_label_comp_id 
_pdbx_struct_sheet_hbond.range_1_label_asym_id 
_pdbx_struct_sheet_hbond.range_1_label_seq_id 
_pdbx_struct_sheet_hbond.range_1_PDB_ins_code 
_pdbx_struct_sheet_hbond.range_1_auth_atom_id 
_pdbx_struct_sheet_hbond.range_1_auth_comp_id 
_pdbx_struct_sheet_hbond.range_1_auth_asym_id 
_pdbx_struct_sheet_hbond.range_1_auth_seq_id 
_pdbx_struct_sheet_hbond.range_2_label_atom_id 
_pdbx_struct_sheet_hbond.range_2_label_comp_id 
_pdbx_struct_sheet_hbond.range_2_label_asym_id 
_pdbx_struct_sheet_hbond.range_2_label_seq_id 
_pdbx_struct_sheet_hbond.range_2_PDB_ins_code 
_pdbx_struct_sheet_hbond.range_2_auth_atom_id 
_pdbx_struct_sheet_hbond.range_2_auth_comp_id 
_pdbx_struct_sheet_hbond.range_2_auth_asym_id 
_pdbx_struct_sheet_hbond.range_2_auth_seq_id 
AA 1 2 N ARG A 18  ? N ARG A 18  O ASN A 62  ? O ASN A 62  
AA 2 3 N THR A 59  ? N THR A 59  O SER A 31  ? O SER A 31  
AB 1 2 N ARG A 18  ? N ARG A 18  O ASN A 62  ? O ASN A 62  
AB 2 3 N ILE A 63  ? N ILE A 63  O HIS A 124 ? O HIS A 124 
AB 3 4 N VAL A 129 ? N VAL A 129 O GLN A 85  ? O GLN A 85  
AB 4 5 O ILE A 86  ? O ILE A 86  N LEU A 96  ? N LEU A 96  
AC 1 2 N ILE A 24  ? N ILE A 24  O PHE A 139 ? O PHE A 139 
AC 2 3 O SER A 142 ? O SER A 142 N THR A 70  ? N THR A 70  
AC 3 4 N VAL A 76  ? N VAL A 76  O ASN A 111 ? O ASN A 111 
AD 1 2 N ILE A 40  ? N ILE A 40  O GLY A 48  ? O GLY A 48  
# 
loop_
_struct_site.id 
_struct_site.pdbx_evidence_code 
_struct_site.pdbx_auth_asym_id 
_struct_site.pdbx_auth_comp_id 
_struct_site.pdbx_auth_seq_id 
_struct_site.pdbx_auth_ins_code 
_struct_site.pdbx_num_residues 
_struct_site.details 
AC1 Software ? ? ? ? 6  'BINDING SITE FOR RESIDUE NA A1146'  
AC2 Software ? ? ? ? 5  'BINDING SITE FOR RESIDUE CA A1147'  
AC3 Software ? ? ? ? 10 'BINDING SITE FOR RESIDUE GOL A1148' 
AC4 Software ? ? ? ? 6  'BINDING SITE FOR RESIDUE GOL A1149' 
# 
loop_
_struct_site_gen.id 
_struct_site_gen.site_id 
_struct_site_gen.pdbx_num_res 
_struct_site_gen.label_comp_id 
_struct_site_gen.label_asym_id 
_struct_site_gen.label_seq_id 
_struct_site_gen.pdbx_auth_ins_code 
_struct_site_gen.auth_comp_id 
_struct_site_gen.auth_asym_id 
_struct_site_gen.auth_seq_id 
_struct_site_gen.label_atom_id 
_struct_site_gen.label_alt_id 
_struct_site_gen.symmetry 
_struct_site_gen.details 
1  AC1 6  SER A 35  ? SER A 35   . ? 1_555 ? 
2  AC1 6  THR A 98  ? THR A 98   . ? 1_555 ? 
3  AC1 6  THR A 115 ? THR A 115  . ? 1_555 ? 
4  AC1 6  HOH F .   ? HOH A 2118 . ? 1_555 ? 
5  AC1 6  HOH F .   ? HOH A 2120 . ? 1_555 ? 
6  AC1 6  HOH F .   ? HOH A 2121 . ? 1_555 ? 
7  AC2 5  GLU A 25  ? GLU A 25   . ? 1_555 ? 
8  AC2 5  GLU A 27  ? GLU A 27   . ? 1_555 ? 
9  AC2 5  ARG A 47  ? ARG A 47   . ? 1_555 ? 
10 AC2 5  ASP A 137 ? ASP A 137  . ? 1_555 ? 
11 AC2 5  HOH F .   ? HOH A 2052 . ? 1_555 ? 
12 AC3 10 SER A 88  ? SER A 88   . ? 1_555 ? 
13 AC3 10 ASP A 89  ? ASP A 89   . ? 1_555 ? 
14 AC3 10 SER A 90  ? SER A 90   . ? 1_555 ? 
15 AC3 10 THR A 92  ? THR A 92   . ? 1_555 ? 
16 AC3 10 THR A 94  ? THR A 94   . ? 1_555 ? 
17 AC3 10 LEU A 96  ? LEU A 96   . ? 1_555 ? 
18 AC3 10 HIS A 124 ? HIS A 124  . ? 1_555 ? 
19 AC3 10 HOH F .   ? HOH A 2123 . ? 1_555 ? 
20 AC3 10 HOH F .   ? HOH A 2153 . ? 1_555 ? 
21 AC3 10 HOH F .   ? HOH A 2154 . ? 1_555 ? 
22 AC4 6  GLY A 50  ? GLY A 50   . ? 1_555 ? 
23 AC4 6  TYR A 51  ? TYR A 51   . ? 1_555 ? 
24 AC4 6  PRO A 133 ? PRO A 133  . ? 1_555 ? 
25 AC4 6  ASN A 135 ? ASN A 135  . ? 1_555 ? 
26 AC4 6  HOH F .   ? HOH A 2055 . ? 1_555 ? 
27 AC4 6  HOH F .   ? HOH A 2141 . ? 1_555 ? 
# 
_atom_sites.entry_id                    1UY1 
_atom_sites.fract_transf_matrix[1][1]   -0.00107745 
_atom_sites.fract_transf_matrix[1][2]   0.01144412 
_atom_sites.fract_transf_matrix[1][3]   0.00339286 
_atom_sites.fract_transf_matrix[2][1]   -0.00129965 
_atom_sites.fract_transf_matrix[2][2]   0.00327393 
_atom_sites.fract_transf_matrix[2][3]   -0.01145568 
_atom_sites.fract_transf_matrix[3][1]   -0.02211033 
_atom_sites.fract_transf_matrix[3][2]   -0.00260466 
_atom_sites.fract_transf_matrix[3][3]   0.00176404 
_atom_sites.fract_transf_vector[1]      0.292554 
_atom_sites.fract_transf_vector[2]      0.107924 
_atom_sites.fract_transf_vector[3]      0.083937 
# 
loop_
_atom_type.symbol 
C  
CA 
N  
NA 
O  
# 
loop_
_atom_site.group_PDB 
_atom_site.id 
_atom_site.type_symbol 
_atom_site.label_atom_id 
_atom_site.label_alt_id 
_atom_site.label_comp_id 
_atom_site.label_asym_id 
_atom_site.label_entity_id 
_atom_site.label_seq_id 
_atom_site.pdbx_PDB_ins_code 
_atom_site.Cartn_x 
_atom_site.Cartn_y 
_atom_site.Cartn_z 
_atom_site.occupancy 
_atom_site.B_iso_or_equiv 
_atom_site.pdbx_formal_charge 
_atom_site.auth_seq_id 
_atom_site.auth_comp_id 
_atom_site.auth_asym_id 
_atom_site.auth_atom_id 
_atom_site.pdbx_PDB_model_num 
ATOM   1    N  N   . SER A 1 14  ? 6.315   -11.299 9.533   1.00 42.73 ? 14   SER A N   1 
ATOM   2    C  CA  . SER A 1 14  ? 6.537   -10.556 8.247   1.00 41.16 ? 14   SER A CA  1 
ATOM   3    C  C   . SER A 1 14  ? 7.933   -9.971  8.312   1.00 40.47 ? 14   SER A C   1 
ATOM   4    O  O   . SER A 1 14  ? 8.465   -9.805  9.405   1.00 41.05 ? 14   SER A O   1 
ATOM   5    C  CB  . SER A 1 14  ? 5.456   -9.469  8.076   1.00 41.83 ? 14   SER A CB  1 
ATOM   6    O  OG  . SER A 1 14  ? 4.230   -10.060 7.657   1.00 39.04 ? 14   SER A OG  1 
ATOM   7    N  N   . PRO A 1 15  ? 8.559   -9.642  7.185   1.00 39.36 ? 15   PRO A N   1 
ATOM   8    C  CA  . PRO A 1 15  ? 9.964   -9.155  7.249   1.00 38.90 ? 15   PRO A CA  1 
ATOM   9    C  C   . PRO A 1 15  ? 10.100  -7.892  8.135   1.00 38.44 ? 15   PRO A C   1 
ATOM   10   O  O   . PRO A 1 15  ? 9.203   -7.022  8.089   1.00 38.76 ? 15   PRO A O   1 
ATOM   11   C  CB  . PRO A 1 15  ? 10.321  -8.819  5.790   1.00 38.43 ? 15   PRO A CB  1 
ATOM   12   C  CG  . PRO A 1 15  ? 9.151   -9.416  4.924   1.00 39.69 ? 15   PRO A CG  1 
ATOM   13   C  CD  . PRO A 1 15  ? 7.995   -9.643  5.824   1.00 38.13 ? 15   PRO A CD  1 
ATOM   14   N  N   . ILE A 1 16  ? 11.188  -7.802  8.907   1.00 37.94 ? 16   ILE A N   1 
ATOM   15   C  CA  . ILE A 1 16  ? 11.487  -6.669  9.765   1.00 38.22 ? 16   ILE A CA  1 
ATOM   16   C  C   . ILE A 1 16  ? 11.895  -5.424  8.958   1.00 36.86 ? 16   ILE A C   1 
ATOM   17   O  O   . ILE A 1 16  ? 11.743  -4.284  9.435   1.00 35.63 ? 16   ILE A O   1 
ATOM   18   C  CB  . ILE A 1 16  ? 12.601  -7.058  10.811  1.00 39.42 ? 16   ILE A CB  1 
ATOM   19   C  CG1 . ILE A 1 16  ? 12.726  -5.985  11.898  1.00 44.07 ? 16   ILE A CG1 1 
ATOM   20   C  CG2 . ILE A 1 16  ? 13.950  -7.174  10.168  1.00 41.43 ? 16   ILE A CG2 1 
ATOM   21   C  CD1 . ILE A 1 16  ? 11.472  -5.805  12.743  1.00 46.57 ? 16   ILE A CD1 1 
ATOM   22   N  N   . ARG A 1 17  ? 12.408  -5.642  7.734   1.00 35.76 ? 17   ARG A N   1 
ATOM   23   C  CA  . ARG A 1 17  ? 12.800  -4.552  6.856   1.00 35.41 ? 17   ARG A CA  1 
ATOM   24   C  C   . ARG A 1 17  ? 12.738  -4.951  5.392   1.00 32.74 ? 17   ARG A C   1 
ATOM   25   O  O   . ARG A 1 17  ? 12.749  -6.161  5.064   1.00 32.01 ? 17   ARG A O   1 
ATOM   26   C  CB  . ARG A 1 17  ? 14.216  -4.077  7.163   1.00 36.87 ? 17   ARG A CB  1 
ATOM   27   C  CG  . ARG A 1 17  ? 15.327  -5.057  6.887   1.00 40.69 ? 17   ARG A CG  1 
ATOM   28   C  CD  . ARG A 1 17  ? 16.708  -4.525  7.448   1.00 47.39 ? 17   ARG A CD  1 
ATOM   29   N  NE  . ARG A 1 17  ? 16.554  -3.834  8.748   1.00 54.58 ? 17   ARG A NE  1 
ATOM   30   C  CZ  . ARG A 1 17  ? 16.548  -2.476  8.961   1.00 59.75 ? 17   ARG A CZ  1 
ATOM   31   N  NH1 . ARG A 1 17  ? 16.354  -2.021  10.205  1.00 59.24 ? 17   ARG A NH1 1 
ATOM   32   N  NH2 . ARG A 1 17  ? 16.753  -1.573  7.974   1.00 58.73 ? 17   ARG A NH2 1 
ATOM   33   N  N   . ARG A 1 18  ? 12.694  -3.939  4.530   1.00 29.42 ? 18   ARG A N   1 
ATOM   34   C  CA  . ARG A 1 18  ? 12.535  -4.158  3.089   1.00 26.84 ? 18   ARG A CA  1 
ATOM   35   C  C   . ARG A 1 18  ? 13.064  -2.996  2.261   1.00 25.33 ? 18   ARG A C   1 
ATOM   36   O  O   . ARG A 1 18  ? 13.250  -1.898  2.746   1.00 23.48 ? 18   ARG A O   1 
ATOM   37   C  CB  . ARG A 1 18  ? 11.057  -4.421  2.737   1.00 28.03 ? 18   ARG A CB  1 
ATOM   38   C  CG  . ARG A 1 18  ? 10.623  -5.957  2.914   1.00 28.92 ? 18   ARG A CG  1 
ATOM   39   C  CD  . ARG A 1 18  ? 9.135   -6.200  2.681   1.00 31.59 ? 18   ARG A CD  1 
ATOM   40   N  NE  . ARG A 1 18  ? 8.488   -5.821  3.948   1.00 33.80 ? 18   ARG A NE  1 
ATOM   41   C  CZ  . ARG A 1 18  ? 7.247   -6.086  4.273   1.00 32.95 ? 18   ARG A CZ  1 
ATOM   42   N  NH1 . ARG A 1 18  ? 6.825   -5.718  5.459   1.00 30.53 ? 18   ARG A NH1 1 
ATOM   43   N  NH2 . ARG A 1 18  ? 6.428   -6.720  3.436   1.00 33.13 ? 18   ARG A NH2 1 
ATOM   44   N  N   . ASP A 1 19  ? 13.310  -3.276  0.992   1.00 24.68 ? 19   ASP A N   1 
ATOM   45   C  CA  . ASP A 1 19  ? 13.820  -2.306  0.026   1.00 24.81 ? 19   ASP A CA  1 
ATOM   46   C  C   . ASP A 1 19  ? 12.587  -1.609  -0.621  1.00 24.38 ? 19   ASP A C   1 
ATOM   47   O  O   . ASP A 1 19  ? 11.646  -2.288  -1.023  1.00 24.62 ? 19   ASP A O   1 
ATOM   48   C  CB  . ASP A 1 19  ? 14.592  -3.117  -0.993  1.00 25.50 ? 19   ASP A CB  1 
ATOM   49   C  CG  . ASP A 1 19  ? 15.225  -2.294  -2.167  1.00 27.66 ? 19   ASP A CG  1 
ATOM   50   O  OD1 . ASP A 1 19  ? 15.154  -1.070  -2.298  1.00 28.85 ? 19   ASP A OD1 1 
ATOM   51   O  OD2 . ASP A 1 19  ? 15.891  -2.893  -3.080  1.00 39.45 ? 19   ASP A OD2 1 
ATOM   52   N  N   . ALA A 1 20  ? 12.584  -0.286  -0.708  1.00 22.60 ? 20   ALA A N   1 
ATOM   53   C  CA  . ALA A 1 20  ? 11.483  0.429   -1.363  1.00 21.98 ? 20   ALA A CA  1 
ATOM   54   C  C   . ALA A 1 20  ? 11.362  0.139   -2.855  1.00 22.66 ? 20   ALA A C   1 
ATOM   55   O  O   . ALA A 1 20  ? 10.269  0.315   -3.409  1.00 21.63 ? 20   ALA A O   1 
ATOM   56   C  CB  . ALA A 1 20  ? 11.621  1.902   -1.196  1.00 21.77 ? 20   ALA A CB  1 
ATOM   57   N  N   . PHE A 1 21  ? 12.476  -0.270  -3.489  1.00 22.09 ? 21   PHE A N   1 
ATOM   58   C  CA  . PHE A 1 21  ? 12.588  -0.413  -4.953  1.00 22.75 ? 21   PHE A CA  1 
ATOM   59   C  C   . PHE A 1 21  ? 12.667  -1.888  -5.335  1.00 23.55 ? 21   PHE A C   1 
ATOM   60   O  O   . PHE A 1 21  ? 13.406  -2.288  -6.231  1.00 24.40 ? 21   PHE A O   1 
ATOM   61   C  CB  . PHE A 1 21  ? 13.800  0.388   -5.464  1.00 24.00 ? 21   PHE A CB  1 
ATOM   62   C  CG  . PHE A 1 21  ? 13.879  1.775   -4.883  1.00 24.26 ? 21   PHE A CG  1 
ATOM   63   C  CD1 . PHE A 1 21  ? 12.953  2.745   -5.236  1.00 22.61 ? 21   PHE A CD1 1 
ATOM   64   C  CD2 . PHE A 1 21  ? 14.871  2.105   -3.960  1.00 25.80 ? 21   PHE A CD2 1 
ATOM   65   C  CE1 . PHE A 1 21  ? 13.003  3.997   -4.672  1.00 26.58 ? 21   PHE A CE1 1 
ATOM   66   C  CE2 . PHE A 1 21  ? 14.946  3.395   -3.405  1.00 25.54 ? 21   PHE A CE2 1 
ATOM   67   C  CZ  . PHE A 1 21  ? 14.011  4.327   -3.774  1.00 26.00 ? 21   PHE A CZ  1 
ATOM   68   N  N   . SER A 1 22  ? 11.895  -2.704  -4.624  1.00 22.96 ? 22   SER A N   1 
ATOM   69   C  CA  . SER A 1 22  ? 11.573  -4.078  -5.020  1.00 23.88 ? 22   SER A CA  1 
ATOM   70   C  C   . SER A 1 22  ? 10.144  -4.306  -4.523  1.00 22.67 ? 22   SER A C   1 
ATOM   71   O  O   . SER A 1 22  ? 9.694   -3.603  -3.630  1.00 20.94 ? 22   SER A O   1 
ATOM   72   C  CB  . SER A 1 22  ? 12.580  -5.064  -4.428  1.00 25.27 ? 22   SER A CB  1 
ATOM   73   O  OG  . SER A 1 22  ? 12.245  -6.412  -4.678  1.00 26.75 ? 22   SER A OG  1 
ATOM   74   N  N   . ILE A 1 23  ? 9.439   -5.269  -5.108  1.00 21.92 ? 23   ILE A N   1 
ATOM   75   C  CA  . ILE A 1 23  ? 8.027   -5.492  -4.829  1.00 21.33 ? 23   ILE A CA  1 
ATOM   76   C  C   . ILE A 1 23  ? 7.876   -5.809  -3.339  1.00 22.37 ? 23   ILE A C   1 
ATOM   77   O  O   . ILE A 1 23  ? 8.616   -6.635  -2.775  1.00 22.66 ? 23   ILE A O   1 
ATOM   78   C  CB  . ILE A 1 23  ? 7.485   -6.671  -5.666  1.00 21.47 ? 23   ILE A CB  1 
ATOM   79   C  CG1 . ILE A 1 23  ? 7.373   -6.296  -7.151  1.00 21.12 ? 23   ILE A CG1 1 
ATOM   80   C  CG2 . ILE A 1 23  ? 6.113   -7.177  -5.094  1.00 20.16 ? 23   ILE A CG2 1 
ATOM   81   C  CD1 . ILE A 1 23  ? 6.317   -5.249  -7.485  1.00 22.89 ? 23   ILE A CD1 1 
ATOM   82   N  N   . ILE A 1 24  ? 6.914   -5.136  -2.715  1.00 22.19 ? 24   ILE A N   1 
ATOM   83   C  CA  . ILE A 1 24  ? 6.547   -5.384  -1.329  1.00 21.02 ? 24   ILE A CA  1 
ATOM   84   C  C   . ILE A 1 24  ? 5.186   -6.002  -1.402  1.00 21.35 ? 24   ILE A C   1 
ATOM   85   O  O   . ILE A 1 24  ? 4.313   -5.489  -2.076  1.00 20.62 ? 24   ILE A O   1 
ATOM   86   C  CB  . ILE A 1 24  ? 6.521   -4.055  -0.524  1.00 21.25 ? 24   ILE A CB  1 
ATOM   87   C  CG1 . ILE A 1 24  ? 7.950   -3.477  -0.443  1.00 20.59 ? 24   ILE A CG1 1 
ATOM   88   C  CG2 . ILE A 1 24  ? 5.997   -4.307  0.901   1.00 20.68 ? 24   ILE A CG2 1 
ATOM   89   C  CD1 . ILE A 1 24  ? 7.977   -1.983  -0.080  1.00 24.01 ? 24   ILE A CD1 1 
ATOM   90   N  N   . GLU A 1 25  ? 5.037   -7.170  -0.773  1.00 21.53 ? 25   GLU A N   1 
ATOM   91   C  CA  . GLU A 1 25  ? 3.731   -7.864  -0.724  1.00 21.62 ? 25   GLU A CA  1 
ATOM   92   C  C   . GLU A 1 25  ? 2.832   -7.280  0.351   1.00 22.10 ? 25   GLU A C   1 
ATOM   93   O  O   . GLU A 1 25  ? 3.186   -7.215  1.511   1.00 22.28 ? 25   GLU A O   1 
ATOM   94   C  CB  . GLU A 1 25  ? 3.942   -9.367  -0.510  1.00 21.62 ? 25   GLU A CB  1 
ATOM   95   C  CG  . GLU A 1 25  ? 4.784   -9.996  -1.646  1.00 21.40 ? 25   GLU A CG  1 
ATOM   96   C  CD  . GLU A 1 25  ? 4.038   -10.060 -2.962  1.00 20.65 ? 25   GLU A CD  1 
ATOM   97   O  OE1 . GLU A 1 25  ? 2.788   -9.718  -3.053  1.00 19.51 ? 25   GLU A OE1 1 
ATOM   98   O  OE2 . GLU A 1 25  ? 4.696   -10.427 -3.916  1.00 26.34 ? 25   GLU A OE2 1 
ATOM   99   N  N   . ALA A 1 26  ? 1.632   -6.863  -0.047  1.00 21.43 ? 26   ALA A N   1 
ATOM   100  C  CA  . ALA A 1 26  ? 0.710   -6.234  0.876   1.00 22.28 ? 26   ALA A CA  1 
ATOM   101  C  C   . ALA A 1 26  ? 0.300   -7.156  2.046   1.00 22.22 ? 26   ALA A C   1 
ATOM   102  O  O   . ALA A 1 26  ? 0.091   -6.684  3.194   1.00 21.53 ? 26   ALA A O   1 
ATOM   103  C  CB  . ALA A 1 26  ? -0.519  -5.723  0.137   1.00 19.88 ? 26   ALA A CB  1 
ATOM   104  N  N   . GLU A 1 27  ? 0.180   -8.447  1.750   1.00 22.67 ? 27   GLU A N   1 
ATOM   105  C  CA  . GLU A 1 27  ? -0.151  -9.467  2.733   1.00 22.92 ? 27   GLU A CA  1 
ATOM   106  C  C   . GLU A 1 27  ? 0.933   -9.734  3.770   1.00 23.64 ? 27   GLU A C   1 
ATOM   107  O  O   . GLU A 1 27  ? 0.687   -10.402 4.767   1.00 23.54 ? 27   GLU A O   1 
ATOM   108  C  CB  . GLU A 1 27  ? -0.528  -10.802 2.032   1.00 24.27 ? 27   GLU A CB  1 
ATOM   109  C  CG  . GLU A 1 27  ? 0.617   -11.457 1.254   1.00 24.62 ? 27   GLU A CG  1 
ATOM   110  C  CD  . GLU A 1 27  ? 0.652   -11.030 -0.201  1.00 24.22 ? 27   GLU A CD  1 
ATOM   111  O  OE1 . GLU A 1 27  ? 0.174   -9.909  -0.535  1.00 21.42 ? 27   GLU A OE1 1 
ATOM   112  O  OE2 . GLU A 1 27  ? 1.180   -11.822 -1.029  1.00 23.69 ? 27   GLU A OE2 1 
ATOM   113  N  N   . GLU A 1 28  ? 2.142   -9.253  3.528   1.00 24.39 ? 28   GLU A N   1 
ATOM   114  C  CA  . GLU A 1 28  ? 3.239   -9.314  4.477   1.00 24.58 ? 28   GLU A CA  1 
ATOM   115  C  C   . GLU A 1 28  ? 3.371   -8.009  5.284   1.00 23.71 ? 28   GLU A C   1 
ATOM   116  O  O   . GLU A 1 28  ? 4.418   -7.396  5.389   1.00 22.96 ? 28   GLU A O   1 
ATOM   117  C  CB  . GLU A 1 28  ? 4.512   -9.677  3.707   1.00 25.09 ? 28   GLU A CB  1 
ATOM   118  C  CG  . GLU A 1 28  ? 4.390   -11.058 3.051   1.00 28.15 ? 28   GLU A CG  1 
ATOM   119  C  CD  . GLU A 1 28  ? 5.626   -11.486 2.295   1.00 29.29 ? 28   GLU A CD  1 
ATOM   120  O  OE1 . GLU A 1 28  ? 5.581   -12.574 1.683   1.00 37.37 ? 28   GLU A OE1 1 
ATOM   121  O  OE2 . GLU A 1 28  ? 6.633   -10.753 2.300   1.00 33.92 ? 28   GLU A OE2 1 
ATOM   122  N  N   . TYR A 1 29  ? 2.270   -7.600  5.906   1.00 24.38 ? 29   TYR A N   1 
ATOM   123  C  CA  . TYR A 1 29  ? 2.277   -6.383  6.693   1.00 23.48 ? 29   TYR A CA  1 
ATOM   124  C  C   . TYR A 1 29  ? 2.777   -6.687  8.092   1.00 23.67 ? 29   TYR A C   1 
ATOM   125  O  O   . TYR A 1 29  ? 2.791   -7.861  8.535   1.00 22.85 ? 29   TYR A O   1 
ATOM   126  C  CB  . TYR A 1 29  ? 0.881   -5.790  6.754   1.00 23.73 ? 29   TYR A CB  1 
ATOM   127  C  CG  . TYR A 1 29  ? -0.171  -6.705  7.341   1.00 23.02 ? 29   TYR A CG  1 
ATOM   128  C  CD1 . TYR A 1 29  ? -0.475  -6.677  8.719   1.00 25.78 ? 29   TYR A CD1 1 
ATOM   129  C  CD2 . TYR A 1 29  ? -0.874  -7.572  6.537   1.00 25.10 ? 29   TYR A CD2 1 
ATOM   130  C  CE1 . TYR A 1 29  ? -1.436  -7.514  9.252   1.00 27.49 ? 29   TYR A CE1 1 
ATOM   131  C  CE2 . TYR A 1 29  ? -1.863  -8.415  7.063   1.00 25.47 ? 29   TYR A CE2 1 
ATOM   132  C  CZ  . TYR A 1 29  ? -2.134  -8.373  8.419   1.00 26.34 ? 29   TYR A CZ  1 
ATOM   133  O  OH  . TYR A 1 29  ? -3.100  -9.165  8.954   1.00 30.50 ? 29   TYR A OH  1 
ATOM   134  N  N   . ASN A 1 30  ? 3.200   -5.632  8.802   1.00 22.07 ? 30   ASN A N   1 
ATOM   135  C  CA  . ASN A 1 30  ? 3.722   -5.834  10.169  1.00 22.76 ? 30   ASN A CA  1 
ATOM   136  C  C   . ASN A 1 30  ? 2.700   -5.578  11.295  1.00 23.27 ? 30   ASN A C   1 
ATOM   137  O  O   . ASN A 1 30  ? 2.746   -6.226  12.329  1.00 22.60 ? 30   ASN A O   1 
ATOM   138  C  CB  . ASN A 1 30  ? 4.995   -5.066  10.349  1.00 23.94 ? 30   ASN A CB  1 
ATOM   139  C  CG  . ASN A 1 30  ? 6.052   -5.521  9.381   1.00 23.54 ? 30   ASN A CG  1 
ATOM   140  O  OD1 . ASN A 1 30  ? 6.142   -4.990  8.268   1.00 23.06 ? 30   ASN A OD1 1 
ATOM   141  N  ND2 . ASN A 1 30  ? 6.773   -6.586  9.741   1.00 22.88 ? 30   ASN A ND2 1 
ATOM   142  N  N   . SER A 1 31  ? 1.765   -4.653  11.087  1.00 22.30 ? 31   SER A N   1 
ATOM   143  C  CA  . SER A 1 31  ? 0.693   -4.439  12.062  1.00 22.79 ? 31   SER A CA  1 
ATOM   144  C  C   . SER A 1 31  ? -0.508  -3.818  11.381  1.00 22.56 ? 31   SER A C   1 
ATOM   145  O  O   . SER A 1 31  ? -0.380  -3.299  10.291  1.00 21.96 ? 31   SER A O   1 
ATOM   146  C  CB  . SER A 1 31  ? 1.188   -3.606  13.239  1.00 22.41 ? 31   SER A CB  1 
ATOM   147  O  OG  . SER A 1 31  ? 1.593   -2.288  12.884  1.00 23.59 ? 31   SER A OG  1 
ATOM   148  N  N   . THR A 1 32  ? -1.689  -3.898  12.003  1.00 21.87 ? 32   THR A N   1 
ATOM   149  C  CA  . THR A 1 32  ? -2.819  -3.201  11.485  1.00 21.39 ? 32   THR A CA  1 
ATOM   150  C  C   . THR A 1 32  ? -3.783  -2.916  12.615  1.00 21.83 ? 32   THR A C   1 
ATOM   151  O  O   . THR A 1 32  ? -3.796  -3.645  13.613  1.00 23.07 ? 32   THR A O   1 
ATOM   152  C  CB  . THR A 1 32  ? -3.511  -4.053  10.396  1.00 20.33 ? 32   THR A CB  1 
ATOM   153  O  OG1 . THR A 1 32  ? -4.674  -3.391  9.875   1.00 21.06 ? 32   THR A OG1 1 
ATOM   154  C  CG2 . THR A 1 32  ? -3.986  -5.422  10.941  1.00 21.34 ? 32   THR A CG2 1 
ATOM   155  N  N   . ASN A 1 33  ? -4.599  -1.883  12.454  1.00 21.77 ? 33   ASN A N   1 
ATOM   156  C  CA  . ASN A 1 33  ? -5.701  -1.639  13.410  1.00 21.53 ? 33   ASN A CA  1 
ATOM   157  C  C   . ASN A 1 33  ? -6.975  -2.445  13.074  1.00 22.40 ? 33   ASN A C   1 
ATOM   158  O  O   . ASN A 1 33  ? -7.928  -2.413  13.829  1.00 22.97 ? 33   ASN A O   1 
ATOM   159  C  CB  . ASN A 1 33  ? -6.057  -0.148  13.560  1.00 21.23 ? 33   ASN A CB  1 
ATOM   160  C  CG  . ASN A 1 33  ? -6.698  0.435   12.283  1.00 20.25 ? 33   ASN A CG  1 
ATOM   161  O  OD1 . ASN A 1 33  ? -6.764  -0.248  11.257  1.00 20.69 ? 33   ASN A OD1 1 
ATOM   162  N  ND2 . ASN A 1 33  ? -7.175  1.675   12.349  1.00 20.47 ? 33   ASN A ND2 1 
ATOM   163  N  N   . SER A 1 34  ? -6.981  -3.153  11.953  1.00 22.53 ? 34   SER A N   1 
ATOM   164  C  CA  . SER A 1 34  ? -8.178  -3.688  11.393  1.00 23.88 ? 34   SER A CA  1 
ATOM   165  C  C   . SER A 1 34  ? -8.691  -4.881  12.208  1.00 25.08 ? 34   SER A C   1 
ATOM   166  O  O   . SER A 1 34  ? -7.913  -5.723  12.678  1.00 26.37 ? 34   SER A O   1 
ATOM   167  C  CB  . SER A 1 34  ? -7.916  -4.195  9.962   1.00 24.19 ? 34   SER A CB  1 
ATOM   168  O  OG  . SER A 1 34  ? -9.142  -4.448  9.325   1.00 24.31 ? 34   SER A OG  1 
ATOM   169  N  N   . SER A 1 35  ? -9.991  -4.968  12.302  1.00 25.54 ? 35   SER A N   1 
ATOM   170  C  CA  . SER A 1 35  ? -10.609 -6.161  12.862  1.00 26.97 ? 35   SER A CA  1 
ATOM   171  C  C   . SER A 1 35  ? -11.270 -7.042  11.791  1.00 27.30 ? 35   SER A C   1 
ATOM   172  O  O   . SER A 1 35  ? -11.882 -8.073  12.133  1.00 28.12 ? 35   SER A O   1 
ATOM   173  C  CB  . SER A 1 35  ? -11.629 -5.763  13.911  1.00 27.04 ? 35   SER A CB  1 
ATOM   174  O  OG  . SER A 1 35  ? -11.030 -5.043  15.000  1.00 30.67 ? 35   SER A OG  1 
ATOM   175  N  N   . THR A 1 36  ? -11.178 -6.629  10.533  1.00 27.07 ? 36   THR A N   1 
ATOM   176  C  CA  . THR A 1 36  ? -11.835 -7.331  9.410   1.00 27.62 ? 36   THR A CA  1 
ATOM   177  C  C   . THR A 1 36  ? -10.852 -7.869  8.386   1.00 27.43 ? 36   THR A C   1 
ATOM   178  O  O   . THR A 1 36  ? -11.148 -8.838  7.688   1.00 28.25 ? 36   THR A O   1 
ATOM   179  C  CB  . THR A 1 36  ? -12.823 -6.412  8.708   1.00 28.02 ? 36   THR A CB  1 
ATOM   180  O  OG1 . THR A 1 36  ? -12.219 -5.145  8.340   1.00 28.30 ? 36   THR A OG1 1 
ATOM   181  C  CG2 . THR A 1 36  ? -14.024 -6.089  9.627   1.00 31.30 ? 36   THR A CG2 1 
ATOM   182  N  N   . LEU A 1 37  ? -9.669  -7.250  8.304   1.00 26.95 ? 37   LEU A N   1 
ATOM   183  C  CA  . LEU A 1 37  ? -8.751  -7.529  7.208   1.00 27.09 ? 37   LEU A CA  1 
ATOM   184  C  C   . LEU A 1 37  ? -8.420  -9.013  7.158   1.00 27.43 ? 37   LEU A C   1 
ATOM   185  O  O   . LEU A 1 37  ? -8.131  -9.640  8.193   1.00 25.66 ? 37   LEU A O   1 
ATOM   186  C  CB  . LEU A 1 37  ? -7.484  -6.637  7.320   1.00 25.81 ? 37   LEU A CB  1 
ATOM   187  C  CG  . LEU A 1 37  ? -6.344  -6.798  6.303   1.00 28.05 ? 37   LEU A CG  1 
ATOM   188  C  CD1 . LEU A 1 37  ? -5.470  -5.530  6.308   1.00 27.60 ? 37   LEU A CD1 1 
ATOM   189  C  CD2 . LEU A 1 37  ? -5.487  -8.041  6.548   1.00 28.70 ? 37   LEU A CD2 1 
ATOM   190  N  N   . GLN A 1 38  ? -8.464  -9.570  5.933   1.00 28.37 ? 38   GLN A N   1 
ATOM   191  C  CA  . GLN A 1 38  ? -8.007  -10.939 5.666   1.00 28.97 ? 38   GLN A CA  1 
ATOM   192  C  C   . GLN A 1 38  ? -6.966  -10.978 4.570   1.00 27.51 ? 38   GLN A C   1 
ATOM   193  O  O   . GLN A 1 38  ? -6.951  -10.129 3.647   1.00 26.66 ? 38   GLN A O   1 
ATOM   194  C  CB  . GLN A 1 38  ? -9.162  -11.844 5.247   1.00 29.70 ? 38   GLN A CB  1 
ATOM   195  C  CG  . GLN A 1 38  ? -10.363 -11.825 6.221   1.00 35.71 ? 38   GLN A CG  1 
ATOM   196  C  CD  . GLN A 1 38  ? -11.391 -12.916 5.921   1.00 40.82 ? 38   GLN A CD  1 
ATOM   197  O  OE1 . GLN A 1 38  ? -11.043 -13.960 5.342   1.00 45.73 ? 38   GLN A OE1 1 
ATOM   198  N  NE2 . GLN A 1 38  ? -12.667 -12.668 6.287   1.00 45.75 ? 38   GLN A NE2 1 
ATOM   199  N  N   . VAL A 1 39  ? -6.107  -11.981 4.668   1.00 27.55 ? 39   VAL A N   1 
ATOM   200  C  CA  . VAL A 1 39  ? -5.275  -12.385 3.542   1.00 28.53 ? 39   VAL A CA  1 
ATOM   201  C  C   . VAL A 1 39  ? -6.186  -13.168 2.586   1.00 28.72 ? 39   VAL A C   1 
ATOM   202  O  O   . VAL A 1 39  ? -6.922  -14.096 3.001   1.00 28.01 ? 39   VAL A O   1 
ATOM   203  C  CB  . VAL A 1 39  ? -4.045  -13.185 3.976   1.00 28.55 ? 39   VAL A CB  1 
ATOM   204  C  CG1 . VAL A 1 39  ? -3.266  -13.728 2.760   1.00 31.30 ? 39   VAL A CG1 1 
ATOM   205  C  CG2 . VAL A 1 39  ? -3.184  -12.321 4.861   1.00 30.26 ? 39   VAL A CG2 1 
ATOM   206  N  N   . ILE A 1 40  ? -6.183  -12.732 1.326   1.00 27.73 ? 40   ILE A N   1 
ATOM   207  C  CA  . ILE A 1 40  ? -7.020  -13.285 0.281   1.00 27.27 ? 40   ILE A CA  1 
ATOM   208  C  C   . ILE A 1 40  ? -6.134  -13.849 -0.849  1.00 27.35 ? 40   ILE A C   1 
ATOM   209  O  O   . ILE A 1 40  ? -4.971  -13.489 -0.987  1.00 26.86 ? 40   ILE A O   1 
ATOM   210  C  CB  . ILE A 1 40  ? -7.990  -12.222 -0.250  1.00 27.91 ? 40   ILE A CB  1 
ATOM   211  C  CG1 . ILE A 1 40  ? -7.222  -11.005 -0.813  1.00 26.36 ? 40   ILE A CG1 1 
ATOM   212  C  CG2 . ILE A 1 40  ? -8.982  -11.822 0.827   1.00 29.60 ? 40   ILE A CG2 1 
ATOM   213  C  CD1 . ILE A 1 40  ? -8.027  -10.152 -1.674  1.00 29.34 ? 40   ILE A CD1 1 
ATOM   214  N  N   . GLY A 1 41  ? -6.713  -14.725 -1.667  1.00 27.71 ? 41   GLY A N   1 
ATOM   215  C  CA  . GLY A 1 41  ? -6.075  -15.194 -2.861  1.00 26.90 ? 41   GLY A CA  1 
ATOM   216  C  C   . GLY A 1 41  ? -6.372  -14.266 -4.031  1.00 26.56 ? 41   GLY A C   1 
ATOM   217  O  O   . GLY A 1 41  ? -7.357  -13.552 -4.041  1.00 25.87 ? 41   GLY A O   1 
ATOM   218  N  N   . THR A 1 42  ? -5.537  -14.342 -5.066  1.00 27.16 ? 42   THR A N   1 
ATOM   219  C  CA  . THR A 1 42  ? -5.738  -13.603 -6.335  1.00 26.76 ? 42   THR A CA  1 
ATOM   220  C  C   . THR A 1 42  ? -5.894  -14.583 -7.476  1.00 25.92 ? 42   THR A C   1 
ATOM   221  O  O   . THR A 1 42  ? -5.621  -15.752 -7.281  1.00 26.55 ? 42   THR A O   1 
ATOM   222  C  CB  . THR A 1 42  ? -4.548  -12.656 -6.632  1.00 27.26 ? 42   THR A CB  1 
ATOM   223  O  OG1 . THR A 1 42  ? -3.349  -13.417 -6.806  1.00 28.94 ? 42   THR A OG1 1 
ATOM   224  C  CG2 . THR A 1 42  ? -4.321  -11.688 -5.458  1.00 26.06 ? 42   THR A CG2 1 
ATOM   225  N  N   . PRO A 1 43  ? -6.381  -14.145 -8.647  1.00 26.27 ? 43   PRO A N   1 
ATOM   226  C  CA  . PRO A 1 43  ? -6.621  -15.099 -9.751  1.00 26.58 ? 43   PRO A CA  1 
ATOM   227  C  C   . PRO A 1 43  ? -5.470  -15.967 -10.195 1.00 26.24 ? 43   PRO A C   1 
ATOM   228  O  O   . PRO A 1 43  ? -5.729  -17.103 -10.660 1.00 28.40 ? 43   PRO A O   1 
ATOM   229  C  CB  . PRO A 1 43  ? -7.103  -14.208 -10.891 1.00 26.19 ? 43   PRO A CB  1 
ATOM   230  C  CG  . PRO A 1 43  ? -7.759  -13.070 -10.190 1.00 27.23 ? 43   PRO A CG  1 
ATOM   231  C  CD  . PRO A 1 43  ? -6.931  -12.812 -8.974  1.00 25.62 ? 43   PRO A CD  1 
ATOM   232  N  N   . ASN A 1 44  ? -4.245  -15.487 -10.112 1.00 25.59 ? 44   ASN A N   1 
ATOM   233  C  CA  . ASN A 1 44  ? -3.089  -16.286 -10.544 1.00 25.71 ? 44   ASN A CA  1 
ATOM   234  C  C   . ASN A 1 44  ? -2.364  -16.910 -9.345  1.00 25.87 ? 44   ASN A C   1 
ATOM   235  O  O   . ASN A 1 44  ? -1.155  -17.171 -9.387  1.00 25.42 ? 44   ASN A O   1 
ATOM   236  C  CB  . ASN A 1 44  ? -2.119  -15.407 -11.383 1.00 25.52 ? 44   ASN A CB  1 
ATOM   237  C  CG  . ASN A 1 44  ? -2.719  -15.000 -12.731 1.00 25.16 ? 44   ASN A CG  1 
ATOM   238  O  OD1 . ASN A 1 44  ? -3.621  -15.668 -13.216 1.00 23.24 ? 44   ASN A OD1 1 
ATOM   239  N  ND2 . ASN A 1 44  ? -2.195  -13.945 -13.352 1.00 22.17 ? 44   ASN A ND2 1 
ATOM   240  N  N   . ASN A 1 45  ? -3.142  -17.179 -8.300  1.00 27.41 ? 45   ASN A N   1 
ATOM   241  C  CA  . ASN A 1 45  ? -2.698  -17.871 -7.107  1.00 28.36 ? 45   ASN A CA  1 
ATOM   242  C  C   . ASN A 1 45  ? -1.630  -17.146 -6.328  1.00 27.52 ? 45   ASN A C   1 
ATOM   243  O  O   . ASN A 1 45  ? -0.759  -17.747 -5.690  1.00 26.05 ? 45   ASN A O   1 
ATOM   244  C  CB  . ASN A 1 45  ? -2.341  -19.324 -7.484  1.00 30.33 ? 45   ASN A CB  1 
ATOM   245  C  CG  . ASN A 1 45  ? -3.592  -20.086 -7.936  1.00 37.16 ? 45   ASN A CG  1 
ATOM   246  O  OD1 . ASN A 1 45  ? -4.613  -20.123 -7.206  1.00 45.15 ? 45   ASN A OD1 1 
ATOM   247  N  ND2 . ASN A 1 45  ? -3.566  -20.617 -9.163  1.00 45.44 ? 45   ASN A ND2 1 
ATOM   248  N  N   . GLY A 1 46  ? -1.725  -15.811 -6.358  1.00 27.46 ? 46   GLY A N   1 
ATOM   249  C  CA  . GLY A 1 46  ? -0.942  -14.971 -5.455  1.00 27.13 ? 46   GLY A CA  1 
ATOM   250  C  C   . GLY A 1 46  ? -1.805  -14.670 -4.245  1.00 25.84 ? 46   GLY A C   1 
ATOM   251  O  O   . GLY A 1 46  ? -2.839  -15.306 -4.027  1.00 25.37 ? 46   GLY A O   1 
ATOM   252  N  N   . ARG A 1 47  ? -1.380  -13.713 -3.449  1.00 24.98 ? 47   ARG A N   1 
ATOM   253  C  CA  . ARG A 1 47  ? -2.141  -13.285 -2.282  1.00 25.99 ? 47   ARG A CA  1 
ATOM   254  C  C   . ARG A 1 47  ? -2.194  -11.765 -2.219  1.00 24.18 ? 47   ARG A C   1 
ATOM   255  O  O   . ARG A 1 47  ? -1.428  -11.047 -2.879  1.00 23.71 ? 47   ARG A O   1 
ATOM   256  C  CB  . ARG A 1 47  ? -1.549  -13.879 -0.998  1.00 26.10 ? 47   ARG A CB  1 
ATOM   257  C  CG  . ARG A 1 47  ? -1.408  -15.430 -1.047  1.00 32.69 ? 47   ARG A CG  1 
ATOM   258  C  CD  . ARG A 1 47  ? -1.130  -16.130 0.278   1.00 43.87 ? 47   ARG A CD  1 
ATOM   259  N  NE  . ARG A 1 47  ? -2.367  -16.808 0.675   1.00 53.24 ? 47   ARG A NE  1 
ATOM   260  C  CZ  . ARG A 1 47  ? -2.766  -17.085 1.946   1.00 59.17 ? 47   ARG A CZ  1 
ATOM   261  N  NH1 . ARG A 1 47  ? -1.997  -16.804 3.008   1.00 59.70 ? 47   ARG A NH1 1 
ATOM   262  N  NH2 . ARG A 1 47  ? -3.965  -17.661 2.141   1.00 59.71 ? 47   ARG A NH2 1 
ATOM   263  N  N   . GLY A 1 48  ? -3.108  -11.291 -1.400  1.00 23.96 ? 48   GLY A N   1 
ATOM   264  C  CA  . GLY A 1 48  ? -3.287  -9.891  -1.143  1.00 23.54 ? 48   GLY A CA  1 
ATOM   265  C  C   . GLY A 1 48  ? -4.013  -9.701  0.178   1.00 23.87 ? 48   GLY A C   1 
ATOM   266  O  O   . GLY A 1 48  ? -4.183  -10.636 0.954   1.00 24.91 ? 48   GLY A O   1 
ATOM   267  N  N   . ILE A 1 49  ? -4.369  -8.455  0.448   1.00 23.26 ? 49   ILE A N   1 
ATOM   268  C  CA  . ILE A 1 49  ? -5.209  -8.137  1.575   1.00 23.52 ? 49   ILE A CA  1 
ATOM   269  C  C   . ILE A 1 49  ? -6.492  -7.607  1.063   1.00 23.92 ? 49   ILE A C   1 
ATOM   270  O  O   . ILE A 1 49  ? -6.532  -6.905  0.062   1.00 23.71 ? 49   ILE A O   1 
ATOM   271  C  CB  . ILE A 1 49  ? -4.525  -7.147  2.564   1.00 22.25 ? 49   ILE A CB  1 
ATOM   272  C  CG1 . ILE A 1 49  ? -4.109  -5.870  1.827   1.00 22.76 ? 49   ILE A CG1 1 
ATOM   273  C  CG2 . ILE A 1 49  ? -3.297  -7.794  3.164   1.00 24.65 ? 49   ILE A CG2 1 
ATOM   274  C  CD1 . ILE A 1 49  ? -3.551  -4.746  2.687   1.00 20.72 ? 49   ILE A CD1 1 
ATOM   275  N  N   . GLY A 1 50  ? -7.571  -8.013  1.743   1.00 22.86 ? 50   GLY A N   1 
ATOM   276  C  CA  . GLY A 1 50  ? -8.915  -7.517  1.507   1.00 24.36 ? 50   GLY A CA  1 
ATOM   277  C  C   . GLY A 1 50  ? -9.709  -7.483  2.795   1.00 24.47 ? 50   GLY A C   1 
ATOM   278  O  O   . GLY A 1 50  ? -9.116  -7.535  3.883   1.00 24.27 ? 50   GLY A O   1 
ATOM   279  N  N   . TYR A 1 51  ? -11.024 -7.375  2.661   1.00 24.68 ? 51   TYR A N   1 
ATOM   280  C  CA  . TYR A 1 51  ? -11.999 -7.131  3.740   1.00 27.06 ? 51   TYR A CA  1 
ATOM   281  C  C   . TYR A 1 51  ? -11.608 -5.896  4.564   1.00 26.16 ? 51   TYR A C   1 
ATOM   282  O  O   . TYR A 1 51  ? -11.629 -5.904  5.774   1.00 25.84 ? 51   TYR A O   1 
ATOM   283  C  CB  . TYR A 1 51  ? -12.233 -8.382  4.600   1.00 27.06 ? 51   TYR A CB  1 
ATOM   284  C  CG  . TYR A 1 51  ? -12.826 -9.487  3.765   1.00 29.45 ? 51   TYR A CG  1 
ATOM   285  C  CD1 . TYR A 1 51  ? -12.015 -10.378 3.092   1.00 33.93 ? 51   TYR A CD1 1 
ATOM   286  C  CD2 . TYR A 1 51  ? -14.223 -9.613  3.620   1.00 32.90 ? 51   TYR A CD2 1 
ATOM   287  C  CE1 . TYR A 1 51  ? -12.550 -11.393 2.297   1.00 35.95 ? 51   TYR A CE1 1 
ATOM   288  C  CE2 . TYR A 1 51  ? -14.768 -10.611 2.798   1.00 34.59 ? 51   TYR A CE2 1 
ATOM   289  C  CZ  . TYR A 1 51  ? -13.921 -11.506 2.170   1.00 36.41 ? 51   TYR A CZ  1 
ATOM   290  O  OH  . TYR A 1 51  ? -14.439 -12.503 1.369   1.00 41.80 ? 51   TYR A OH  1 
ATOM   291  N  N   . ILE A 1 52  ? -11.205 -4.860  3.846   1.00 26.50 ? 52   ILE A N   1 
ATOM   292  C  CA  . ILE A 1 52  ? -10.700 -3.630  4.422   1.00 26.22 ? 52   ILE A CA  1 
ATOM   293  C  C   . ILE A 1 52  ? -11.845 -2.670  4.598   1.00 26.53 ? 52   ILE A C   1 
ATOM   294  O  O   . ILE A 1 52  ? -12.741 -2.596  3.760   1.00 25.59 ? 52   ILE A O   1 
ATOM   295  C  CB  . ILE A 1 52  ? -9.546  -3.027  3.511   1.00 26.24 ? 52   ILE A CB  1 
ATOM   296  C  CG1 . ILE A 1 52  ? -8.304  -3.882  3.681   1.00 24.74 ? 52   ILE A CG1 1 
ATOM   297  C  CG2 . ILE A 1 52  ? -9.220  -1.571  3.896   1.00 28.53 ? 52   ILE A CG2 1 
ATOM   298  C  CD1 . ILE A 1 52  ? -7.221  -3.520  2.704   1.00 26.52 ? 52   ILE A CD1 1 
ATOM   299  N  N   . GLU A 1 53  ? -11.830 -1.949  5.713   1.00 25.90 ? 53   GLU A N   1 
ATOM   300  C  CA  . GLU A 1 53  ? -12.819 -0.912  5.949   1.00 27.59 ? 53   GLU A CA  1 
ATOM   301  C  C   . GLU A 1 53  ? -12.195 0.445   6.131   1.00 26.82 ? 53   GLU A C   1 
ATOM   302  O  O   . GLU A 1 53  ? -10.997 0.559   6.403   1.00 24.57 ? 53   GLU A O   1 
ATOM   303  C  CB  . GLU A 1 53  ? -13.657 -1.297  7.161   1.00 29.57 ? 53   GLU A CB  1 
ATOM   304  C  CG  . GLU A 1 53  ? -14.321 -2.656  6.948   1.00 34.00 ? 53   GLU A CG  1 
ATOM   305  C  CD  . GLU A 1 53  ? -15.471 -2.941  7.891   1.00 41.18 ? 53   GLU A CD  1 
ATOM   306  O  OE1 . GLU A 1 53  ? -15.438 -2.428  9.001   1.00 44.13 ? 53   GLU A OE1 1 
ATOM   307  O  OE2 . GLU A 1 53  ? -16.369 -3.740  7.540   1.00 46.14 ? 53   GLU A OE2 1 
ATOM   308  N  N   . ASN A 1 54  ? -13.022 1.466   5.891   1.00 26.98 ? 54   ASN A N   1 
ATOM   309  C  CA  . ASN A 1 54  ? -12.708 2.874   6.135   1.00 27.68 ? 54   ASN A CA  1 
ATOM   310  C  C   . ASN A 1 54  ? -12.107 3.072   7.524   1.00 27.36 ? 54   ASN A C   1 
ATOM   311  O  O   . ASN A 1 54  ? -12.636 2.571   8.538   1.00 27.95 ? 54   ASN A O   1 
ATOM   312  C  CB  . ASN A 1 54  ? -13.995 3.704   5.962   1.00 28.90 ? 54   ASN A CB  1 
ATOM   313  C  CG  . ASN A 1 54  ? -13.799 5.171   6.220   1.00 28.59 ? 54   ASN A CG  1 
ATOM   314  O  OD1 . ASN A 1 54  ? -12.865 5.813   5.765   1.00 34.65 ? 54   ASN A OD1 1 
ATOM   315  N  ND2 . ASN A 1 54  ? -14.691 5.710   6.960   1.00 37.33 ? 54   ASN A ND2 1 
ATOM   316  N  N   . GLY A 1 55  ? -10.985 3.767   7.543   1.00 26.98 ? 55   GLY A N   1 
ATOM   317  C  CA  . GLY A 1 55  ? -10.179 3.971   8.750   1.00 26.28 ? 55   GLY A CA  1 
ATOM   318  C  C   . GLY A 1 55  ? -9.115  2.948   9.057   1.00 24.60 ? 55   GLY A C   1 
ATOM   319  O  O   . GLY A 1 55  ? -8.333  3.141   9.997   1.00 24.99 ? 55   GLY A O   1 
ATOM   320  N  N   . ASN A 1 56  ? -9.129  1.831   8.343   1.00 22.51 ? 56   ASN A N   1 
ATOM   321  C  CA  . ASN A 1 56  ? -8.130  0.809   8.549   1.00 22.47 ? 56   ASN A CA  1 
ATOM   322  C  C   . ASN A 1 56  ? -6.777  1.367   8.160   1.00 20.41 ? 56   ASN A C   1 
ATOM   323  O  O   . ASN A 1 56  ? -6.628  2.082   7.145   1.00 21.07 ? 56   ASN A O   1 
ATOM   324  C  CB  . ASN A 1 56  ? -8.402  -0.448  7.716   1.00 22.22 ? 56   ASN A CB  1 
ATOM   325  C  CG  . ASN A 1 56  ? -9.476  -1.387  8.306   1.00 23.97 ? 56   ASN A CG  1 
ATOM   326  O  OD1 . ASN A 1 56  ? -9.669  -2.490  7.763   1.00 27.13 ? 56   ASN A OD1 1 
ATOM   327  N  ND2 . ASN A 1 56  ? -10.147 -0.993  9.381   1.00 24.58 ? 56   ASN A ND2 1 
ATOM   328  N  N   . THR A 1 57  ? -5.786  1.004   8.950   1.00 19.96 ? 57   THR A N   1 
ATOM   329  C  CA  . THR A 1 57  ? -4.396  1.261   8.684   1.00 20.69 ? 57   THR A CA  1 
ATOM   330  C  C   . THR A 1 57  ? -3.652  -0.047  8.606   1.00 20.40 ? 57   THR A C   1 
ATOM   331  O  O   . THR A 1 57  ? -3.950  -1.019  9.330   1.00 20.61 ? 57   THR A O   1 
ATOM   332  C  CB  . THR A 1 57  ? -3.732  2.156   9.765   1.00 19.83 ? 57   THR A CB  1 
ATOM   333  O  OG1 . THR A 1 57  ? -3.760  1.553   11.072  1.00 21.80 ? 57   THR A OG1 1 
ATOM   334  C  CG2 . THR A 1 57  ? -4.516  3.441   9.953   1.00 21.69 ? 57   THR A CG2 1 
ATOM   335  N  N   . VAL A 1 58  ? -2.612  -0.046  7.796   1.00 20.82 ? 58   VAL A N   1 
ATOM   336  C  CA  . VAL A 1 58  ? -1.750  -1.208  7.628   1.00 19.46 ? 58   VAL A CA  1 
ATOM   337  C  C   . VAL A 1 58  ? -0.310  -0.712  7.555   1.00 18.79 ? 58   VAL A C   1 
ATOM   338  O  O   . VAL A 1 58  ? 0.048   0.116   6.716   1.00 20.02 ? 58   VAL A O   1 
ATOM   339  C  CB  . VAL A 1 58  ? -2.114  -2.030  6.392   1.00 18.47 ? 58   VAL A CB  1 
ATOM   340  C  CG1 . VAL A 1 58  ? -1.195  -3.213  6.272   1.00 21.54 ? 58   VAL A CG1 1 
ATOM   341  C  CG2 . VAL A 1 58  ? -3.592  -2.481  6.465   1.00 21.67 ? 58   VAL A CG2 1 
ATOM   342  N  N   . THR A 1 59  ? 0.536   -1.278  8.405   1.00 19.39 ? 59   THR A N   1 
ATOM   343  C  CA  . THR A 1 59  ? 1.893   -0.757  8.584   1.00 19.66 ? 59   THR A CA  1 
ATOM   344  C  C   . THR A 1 59  ? 2.895   -1.774  8.112   1.00 19.86 ? 59   THR A C   1 
ATOM   345  O  O   . THR A 1 59  ? 2.767   -2.963  8.438   1.00 19.31 ? 59   THR A O   1 
ATOM   346  C  CB  . THR A 1 59  ? 2.134   -0.449  10.101  1.00 21.33 ? 59   THR A CB  1 
ATOM   347  O  OG1 . THR A 1 59  ? 1.258   0.604   10.515  1.00 21.76 ? 59   THR A OG1 1 
ATOM   348  C  CG2 . THR A 1 59  ? 3.548   0.058   10.374  1.00 21.46 ? 59   THR A CG2 1 
ATOM   349  N  N   . TYR A 1 60  ? 3.945   -1.260  7.458   1.00 18.59 ? 60   TYR A N   1 
ATOM   350  C  CA  . TYR A 1 60  ? 5.049   -2.040  6.871   1.00 19.64 ? 60   TYR A CA  1 
ATOM   351  C  C   . TYR A 1 60  ? 6.308   -1.446  7.451   1.00 19.75 ? 60   TYR A C   1 
ATOM   352  O  O   . TYR A 1 60  ? 6.529   -0.268  7.362   1.00 21.12 ? 60   TYR A O   1 
ATOM   353  C  CB  . TYR A 1 60  ? 5.063   -1.946  5.336   1.00 19.79 ? 60   TYR A CB  1 
ATOM   354  C  CG  . TYR A 1 60  ? 3.805   -2.479  4.758   1.00 16.98 ? 60   TYR A CG  1 
ATOM   355  C  CD1 . TYR A 1 60  ? 2.679   -1.676  4.636   1.00 18.80 ? 60   TYR A CD1 1 
ATOM   356  C  CD2 . TYR A 1 60  ? 3.744   -3.812  4.323   1.00 17.83 ? 60   TYR A CD2 1 
ATOM   357  C  CE1 . TYR A 1 60  ? 1.476   -2.206  4.162   1.00 18.41 ? 60   TYR A CE1 1 
ATOM   358  C  CE2 . TYR A 1 60  ? 2.531   -4.350  3.827   1.00 16.90 ? 60   TYR A CE2 1 
ATOM   359  C  CZ  . TYR A 1 60  ? 1.420   -3.532  3.771   1.00 19.01 ? 60   TYR A CZ  1 
ATOM   360  O  OH  . TYR A 1 60  ? 0.253   -4.044  3.273   1.00 19.12 ? 60   TYR A OH  1 
ATOM   361  N  N   . SER A 1 61  ? 7.104   -2.282  8.098   1.00 22.21 ? 61   SER A N   1 
ATOM   362  C  CA  . SER A 1 61  ? 8.238   -1.793  8.906   1.00 24.04 ? 61   SER A CA  1 
ATOM   363  C  C   . SER A 1 61  ? 9.494   -1.573  8.113   1.00 23.75 ? 61   SER A C   1 
ATOM   364  O  O   . SER A 1 61  ? 9.783   -2.352  7.223   1.00 24.81 ? 61   SER A O   1 
ATOM   365  C  CB  A SER A 1 61  ? 8.436   -2.662  10.161  0.65 25.55 ? 61   SER A CB  1 
ATOM   366  C  CB  B SER A 1 61  ? 8.620   -2.864  9.977   0.35 23.84 ? 61   SER A CB  1 
ATOM   367  O  OG  A SER A 1 61  ? 8.997   -3.862  9.843   0.65 25.85 ? 61   SER A OG  1 
ATOM   368  O  OG  B SER A 1 61  ? 7.511   -3.443  10.650  0.35 21.11 ? 61   SER A OG  1 
ATOM   369  N  N   . ASN A 1 62  ? 10.228  -0.482  8.428   1.00 24.13 ? 62   ASN A N   1 
ATOM   370  C  CA  . ASN A 1 62  ? 11.610  -0.288  8.021   1.00 24.37 ? 62   ASN A CA  1 
ATOM   371  C  C   . ASN A 1 62  ? 11.819  -0.433  6.492   1.00 23.65 ? 62   ASN A C   1 
ATOM   372  O  O   . ASN A 1 62  ? 12.649  -1.213  6.031   1.00 24.02 ? 62   ASN A O   1 
ATOM   373  C  CB  . ASN A 1 62  ? 12.548  -1.226  8.778   1.00 24.79 ? 62   ASN A CB  1 
ATOM   374  C  CG  . ASN A 1 62  ? 12.502  -1.019  10.291  1.00 26.90 ? 62   ASN A CG  1 
ATOM   375  O  OD1 . ASN A 1 62  ? 12.609  0.113   10.781  1.00 29.10 ? 62   ASN A OD1 1 
ATOM   376  N  ND2 . ASN A 1 62  ? 12.295  -2.111  11.034  1.00 27.24 ? 62   ASN A ND2 1 
ATOM   377  N  N   . ILE A 1 63  ? 11.065  0.350   5.731   1.00 22.56 ? 63   ILE A N   1 
ATOM   378  C  CA  . ILE A 1 63  ? 11.273  0.434   4.293   1.00 21.66 ? 63   ILE A CA  1 
ATOM   379  C  C   . ILE A 1 63  ? 12.435  1.368   4.015   1.00 21.20 ? 63   ILE A C   1 
ATOM   380  O  O   . ILE A 1 63  ? 12.468  2.517   4.522   1.00 22.07 ? 63   ILE A O   1 
ATOM   381  C  CB  . ILE A 1 63  ? 10.039  0.946   3.579   1.00 21.66 ? 63   ILE A CB  1 
ATOM   382  C  CG1 . ILE A 1 63  ? 8.792   0.079   3.903   1.00 25.15 ? 63   ILE A CG1 1 
ATOM   383  C  CG2 . ILE A 1 63  ? 10.307  1.000   2.077   1.00 23.03 ? 63   ILE A CG2 1 
ATOM   384  C  CD1 . ILE A 1 63  ? 9.021   -1.391  3.943   1.00 26.47 ? 63   ILE A CD1 1 
ATOM   385  N  N   . ASP A 1 64  ? 13.386  0.908   3.212   1.00 22.01 ? 64   ASP A N   1 
ATOM   386  C  CA  . ASP A 1 64  ? 14.590  1.676   2.941   1.00 22.02 ? 64   ASP A CA  1 
ATOM   387  C  C   . ASP A 1 64  ? 14.435  2.362   1.557   1.00 22.26 ? 64   ASP A C   1 
ATOM   388  O  O   . ASP A 1 64  ? 14.390  1.692   0.494   1.00 22.22 ? 64   ASP A O   1 
ATOM   389  C  CB  . ASP A 1 64  ? 15.780  0.745   2.964   1.00 22.79 ? 64   ASP A CB  1 
ATOM   390  C  CG  . ASP A 1 64  ? 17.086  1.447   2.786   1.00 25.56 ? 64   ASP A CG  1 
ATOM   391  O  OD1 . ASP A 1 64  ? 17.125  2.703   2.624   1.00 24.45 ? 64   ASP A OD1 1 
ATOM   392  O  OD2 . ASP A 1 64  ? 18.164  0.768   2.784   1.00 30.74 ? 64   ASP A OD2 1 
ATOM   393  N  N   . PHE A 1 65  ? 14.267  3.676   1.610   1.00 20.15 ? 65   PHE A N   1 
ATOM   394  C  CA  . PHE A 1 65  ? 14.139  4.543   0.455   1.00 20.91 ? 65   PHE A CA  1 
ATOM   395  C  C   . PHE A 1 65  ? 15.451  5.081   -0.069  1.00 21.58 ? 65   PHE A C   1 
ATOM   396  O  O   . PHE A 1 65  ? 15.451  5.886   -1.004  1.00 22.72 ? 65   PHE A O   1 
ATOM   397  C  CB  . PHE A 1 65  ? 13.273  5.724   0.816   1.00 20.17 ? 65   PHE A CB  1 
ATOM   398  C  CG  . PHE A 1 65  ? 11.882  5.309   1.198   1.00 19.67 ? 65   PHE A CG  1 
ATOM   399  C  CD1 . PHE A 1 65  ? 11.556  5.082   2.523   1.00 22.38 ? 65   PHE A CD1 1 
ATOM   400  C  CD2 . PHE A 1 65  ? 10.950  5.069   0.221   1.00 20.52 ? 65   PHE A CD2 1 
ATOM   401  C  CE1 . PHE A 1 65  ? 10.318  4.676   2.877   1.00 22.16 ? 65   PHE A CE1 1 
ATOM   402  C  CE2 . PHE A 1 65  ? 9.685   4.657   0.572   1.00 21.79 ? 65   PHE A CE2 1 
ATOM   403  C  CZ  . PHE A 1 65  ? 9.371   4.440   1.903   1.00 23.06 ? 65   PHE A CZ  1 
ATOM   404  N  N   . GLY A 1 66  ? 16.539  4.660   0.517   1.00 23.69 ? 66   GLY A N   1 
ATOM   405  C  CA  . GLY A 1 66  ? 17.862  5.128   0.085   1.00 24.66 ? 66   GLY A CA  1 
ATOM   406  C  C   . GLY A 1 66  ? 17.898  6.622   -0.143  1.00 24.93 ? 66   GLY A C   1 
ATOM   407  O  O   . GLY A 1 66  ? 17.509  7.405   0.720   1.00 25.75 ? 66   GLY A O   1 
ATOM   408  N  N   . SER A 1 67  ? 18.413  7.026   -1.295  1.00 27.32 ? 67   SER A N   1 
ATOM   409  C  CA  . SER A 1 67  ? 18.636  8.445   -1.633  1.00 26.34 ? 67   SER A CA  1 
ATOM   410  C  C   . SER A 1 67  ? 17.390  9.104   -2.154  1.00 25.99 ? 67   SER A C   1 
ATOM   411  O  O   . SER A 1 67  ? 17.430  10.261  -2.519  1.00 24.90 ? 67   SER A O   1 
ATOM   412  C  CB  . SER A 1 67  ? 19.756  8.601   -2.702  1.00 27.48 ? 67   SER A CB  1 
ATOM   413  O  OG  . SER A 1 67  ? 19.437  7.801   -3.850  1.00 31.70 ? 67   SER A OG  1 
ATOM   414  N  N   . GLY A 1 68  ? 16.268  8.386   -2.226  1.00 24.41 ? 68   GLY A N   1 
ATOM   415  C  CA  . GLY A 1 68  ? 15.019  9.038   -2.523  1.00 25.21 ? 68   GLY A CA  1 
ATOM   416  C  C   . GLY A 1 68  ? 14.005  8.286   -3.375  1.00 24.01 ? 68   GLY A C   1 
ATOM   417  O  O   . GLY A 1 68  ? 14.365  7.721   -4.429  1.00 24.23 ? 68   GLY A O   1 
ATOM   418  N  N   . ALA A 1 69  ? 12.737  8.343   -2.941  1.00 23.67 ? 69   ALA A N   1 
ATOM   419  C  CA  . ALA A 1 69  ? 11.580  7.905   -3.743  1.00 22.84 ? 69   ALA A CA  1 
ATOM   420  C  C   . ALA A 1 69  ? 10.604  9.092   -3.929  1.00 22.72 ? 69   ALA A C   1 
ATOM   421  O  O   . ALA A 1 69  ? 10.304  9.803   -2.964  1.00 21.62 ? 69   ALA A O   1 
ATOM   422  C  CB  . ALA A 1 69  ? 10.810  6.739   -3.059  1.00 23.67 ? 69   ALA A CB  1 
ATOM   423  N  N   . THR A 1 70  ? 10.097  9.261   -5.150  1.00 22.27 ? 70   THR A N   1 
ATOM   424  C  CA  . THR A 1 70  ? 9.050   10.267  -5.448  1.00 21.29 ? 70   THR A CA  1 
ATOM   425  C  C   . THR A 1 70  ? 7.762   9.754   -6.080  1.00 22.70 ? 70   THR A C   1 
ATOM   426  O  O   . THR A 1 70  ? 6.883   10.550  -6.408  1.00 21.77 ? 70   THR A O   1 
ATOM   427  C  CB  . THR A 1 70  ? 9.591   11.403  -6.241  1.00 21.72 ? 70   THR A CB  1 
ATOM   428  O  OG1 . THR A 1 70  ? 10.275  10.927  -7.438  1.00 22.75 ? 70   THR A OG1 1 
ATOM   429  C  CG2 . THR A 1 70  ? 10.668  12.146  -5.395  1.00 21.10 ? 70   THR A CG2 1 
ATOM   430  N  N   . GLY A 1 71  ? 7.636   8.433   -6.175  1.00 21.99 ? 71   GLY A N   1 
ATOM   431  C  CA  . GLY A 1 71  ? 6.394   7.824   -6.619  1.00 22.77 ? 71   GLY A CA  1 
ATOM   432  C  C   . GLY A 1 71  ? 6.051   6.519   -5.909  1.00 21.68 ? 71   GLY A C   1 
ATOM   433  O  O   . GLY A 1 71  ? 6.877   5.865   -5.329  1.00 22.85 ? 71   GLY A O   1 
ATOM   434  N  N   . PHE A 1 72  ? 4.783   6.171   -5.951  1.00 22.61 ? 72   PHE A N   1 
ATOM   435  C  CA  . PHE A 1 72  ? 4.266   4.944   -5.364  1.00 22.33 ? 72   PHE A CA  1 
ATOM   436  C  C   . PHE A 1 72  ? 3.322   4.309   -6.387  1.00 22.40 ? 72   PHE A C   1 
ATOM   437  O  O   . PHE A 1 72  ? 2.498   5.007   -6.976  1.00 22.42 ? 72   PHE A O   1 
ATOM   438  C  CB  . PHE A 1 72  ? 3.506   5.332   -4.081  1.00 22.11 ? 72   PHE A CB  1 
ATOM   439  C  CG  . PHE A 1 72  ? 2.765   4.218   -3.423  1.00 20.36 ? 72   PHE A CG  1 
ATOM   440  C  CD1 . PHE A 1 72  ? 3.408   3.339   -2.566  1.00 18.87 ? 72   PHE A CD1 1 
ATOM   441  C  CD2 . PHE A 1 72  ? 1.376   4.085   -3.616  1.00 20.52 ? 72   PHE A CD2 1 
ATOM   442  C  CE1 . PHE A 1 72  ? 2.705   2.321   -1.924  1.00 19.43 ? 72   PHE A CE1 1 
ATOM   443  C  CE2 . PHE A 1 72  ? 0.667   3.037   -2.959  1.00 21.87 ? 72   PHE A CE2 1 
ATOM   444  C  CZ  . PHE A 1 72  ? 1.369   2.153   -2.133  1.00 18.39 ? 72   PHE A CZ  1 
ATOM   445  N  N   . SER A 1 73  ? 3.427   2.993   -6.531  1.00 21.64 ? 73   SER A N   1 
ATOM   446  C  CA  . SER A 1 73  ? 2.600   2.177   -7.428  1.00 22.12 ? 73   SER A CA  1 
ATOM   447  C  C   . SER A 1 73  ? 2.080   1.003   -6.608  1.00 22.57 ? 73   SER A C   1 
ATOM   448  O  O   . SER A 1 73  ? 2.836   0.413   -5.842  1.00 21.76 ? 73   SER A O   1 
ATOM   449  C  CB  A SER A 1 73  ? 3.506   1.719   -8.564  0.65 23.19 ? 73   SER A CB  1 
ATOM   450  C  CB  B SER A 1 73  ? 3.423   1.662   -8.609  0.35 21.55 ? 73   SER A CB  1 
ATOM   451  O  OG  A SER A 1 73  ? 2.827   1.038   -9.580  0.65 29.95 ? 73   SER A OG  1 
ATOM   452  O  OG  B SER A 1 73  ? 3.969   2.718   -9.395  0.35 13.89 ? 73   SER A OG  1 
ATOM   453  N  N   . ALA A 1 74  ? 0.771   0.711   -6.702  1.00 22.67 ? 74   ALA A N   1 
ATOM   454  C  CA  . ALA A 1 74  ? 0.209   -0.438  -6.076  1.00 21.86 ? 74   ALA A CA  1 
ATOM   455  C  C   . ALA A 1 74  ? -0.627  -1.191  -7.108  1.00 22.66 ? 74   ALA A C   1 
ATOM   456  O  O   . ALA A 1 74  ? -1.207  -0.576  -8.033  1.00 22.64 ? 74   ALA A O   1 
ATOM   457  C  CB  . ALA A 1 74  ? -0.650  -0.031  -4.910  1.00 22.54 ? 74   ALA A CB  1 
ATOM   458  N  N   . THR A 1 75  ? -0.716  -2.518  -6.939  1.00 22.18 ? 75   THR A N   1 
ATOM   459  C  CA  . THR A 1 75  ? -1.570  -3.338  -7.743  1.00 21.79 ? 75   THR A CA  1 
ATOM   460  C  C   . THR A 1 75  ? -2.797  -3.689  -6.938  1.00 21.44 ? 75   THR A C   1 
ATOM   461  O  O   . THR A 1 75  ? -2.710  -4.410  -5.907  1.00 21.85 ? 75   THR A O   1 
ATOM   462  C  CB  . THR A 1 75  ? -0.787  -4.587  -8.195  1.00 23.15 ? 75   THR A CB  1 
ATOM   463  O  OG1 . THR A 1 75  ? 0.300   -4.134  -9.031  1.00 23.45 ? 75   THR A OG1 1 
ATOM   464  C  CG2 . THR A 1 75  ? -1.605  -5.498  -9.065  1.00 22.11 ? 75   THR A CG2 1 
ATOM   465  N  N   . VAL A 1 76  ? -3.933  -3.190  -7.417  1.00 20.06 ? 76   VAL A N   1 
ATOM   466  C  CA  . VAL A 1 76  ? -5.181  -3.158  -6.630  1.00 20.40 ? 76   VAL A CA  1 
ATOM   467  C  C   . VAL A 1 76  ? -6.403  -3.570  -7.448  1.00 21.81 ? 76   VAL A C   1 
ATOM   468  O  O   . VAL A 1 76  ? -6.420  -3.439  -8.672  1.00 20.65 ? 76   VAL A O   1 
ATOM   469  C  CB  . VAL A 1 76  ? -5.405  -1.749  -6.030  1.00 20.54 ? 76   VAL A CB  1 
ATOM   470  C  CG1 . VAL A 1 76  ? -4.263  -1.341  -5.104  1.00 22.66 ? 76   VAL A CG1 1 
ATOM   471  C  CG2 . VAL A 1 76  ? -5.535  -0.679  -7.117  1.00 21.48 ? 76   VAL A CG2 1 
ATOM   472  N  N   . ALA A 1 77  ? -7.438  -4.042  -6.749  1.00 22.52 ? 77   ALA A N   1 
ATOM   473  C  CA  . ALA A 1 77  ? -8.770  -4.310  -7.320  1.00 23.42 ? 77   ALA A CA  1 
ATOM   474  C  C   . ALA A 1 77  ? -9.831  -3.732  -6.405  1.00 23.76 ? 77   ALA A C   1 
ATOM   475  O  O   . ALA A 1 77  ? -9.780  -3.883  -5.190  1.00 23.94 ? 77   ALA A O   1 
ATOM   476  C  CB  . ALA A 1 77  ? -9.011  -5.805  -7.447  1.00 23.79 ? 77   ALA A CB  1 
ATOM   477  N  N   . THR A 1 78  ? -10.828 -3.106  -7.003  1.00 25.50 ? 78   THR A N   1 
ATOM   478  C  CA  . THR A 1 78  ? -11.952 -2.638  -6.252  1.00 26.45 ? 78   THR A CA  1 
ATOM   479  C  C   . THR A 1 78  ? -13.133 -2.361  -7.163  1.00 27.96 ? 78   THR A C   1 
ATOM   480  O  O   . THR A 1 78  ? -12.966 -2.154  -8.350  1.00 26.10 ? 78   THR A O   1 
ATOM   481  C  CB  . THR A 1 78  ? -11.571 -1.372  -5.418  1.00 25.35 ? 78   THR A CB  1 
ATOM   482  O  OG1 . THR A 1 78  ? -12.678 -0.956  -4.598  1.00 26.30 ? 78   THR A OG1 1 
ATOM   483  C  CG2 . THR A 1 78  ? -11.305 -0.215  -6.290  1.00 24.61 ? 78   THR A CG2 1 
ATOM   484  N  N   . GLU A 1 79  ? -14.328 -2.374  -6.572  1.00 30.42 ? 79   GLU A N   1 
ATOM   485  C  CA  . GLU A 1 79  ? -15.550 -2.014  -7.292  1.00 33.03 ? 79   GLU A CA  1 
ATOM   486  C  C   . GLU A 1 79  ? -16.115 -0.653  -6.882  1.00 34.60 ? 79   GLU A C   1 
ATOM   487  O  O   . GLU A 1 79  ? -17.166 -0.234  -7.367  1.00 34.99 ? 79   GLU A O   1 
ATOM   488  C  CB  . GLU A 1 79  ? -16.587 -3.147  -7.132  1.00 33.74 ? 79   GLU A CB  1 
ATOM   489  C  CG  . GLU A 1 79  ? -16.237 -4.336  -8.023  1.00 35.36 ? 79   GLU A CG  1 
ATOM   490  C  CD  . GLU A 1 79  ? -17.338 -5.354  -8.156  1.00 38.19 ? 79   GLU A CD  1 
ATOM   491  O  OE1 . GLU A 1 79  ? -17.029 -6.495  -8.540  1.00 37.93 ? 79   GLU A OE1 1 
ATOM   492  O  OE2 . GLU A 1 79  ? -18.498 -5.025  -7.877  1.00 39.09 ? 79   GLU A OE2 1 
ATOM   493  N  N   . VAL A 1 80  ? -15.383 0.038   -6.015  1.00 35.83 ? 80   VAL A N   1 
ATOM   494  C  CA  . VAL A 1 80  ? -15.758 1.347   -5.510  1.00 37.05 ? 80   VAL A CA  1 
ATOM   495  C  C   . VAL A 1 80  ? -14.614 2.318   -5.652  1.00 36.76 ? 80   VAL A C   1 
ATOM   496  O  O   . VAL A 1 80  ? -13.446 1.963   -5.483  1.00 37.05 ? 80   VAL A O   1 
ATOM   497  C  CB  . VAL A 1 80  ? -16.066 1.306   -3.981  1.00 38.24 ? 80   VAL A CB  1 
ATOM   498  C  CG1 . VAL A 1 80  ? -16.759 2.577   -3.564  1.00 41.83 ? 80   VAL A CG1 1 
ATOM   499  C  CG2 . VAL A 1 80  ? -16.960 0.122   -3.591  1.00 40.55 ? 80   VAL A CG2 1 
ATOM   500  N  N   . ASN A 1 81  ? -14.952 3.571   -5.870  1.00 36.77 ? 81   ASN A N   1 
ATOM   501  C  CA  . ASN A 1 81  ? -13.986 4.626   -5.802  1.00 37.14 ? 81   ASN A CA  1 
ATOM   502  C  C   . ASN A 1 81  ? -13.483 4.760   -4.364  1.00 36.72 ? 81   ASN A C   1 
ATOM   503  O  O   . ASN A 1 81  ? -14.254 4.801   -3.380  1.00 37.63 ? 81   ASN A O   1 
ATOM   504  C  CB  . ASN A 1 81  ? -14.589 5.927   -6.321  1.00 38.38 ? 81   ASN A CB  1 
ATOM   505  C  CG  . ASN A 1 81  ? -15.076 5.799   -7.720  1.00 39.83 ? 81   ASN A CG  1 
ATOM   506  O  OD1 . ASN A 1 81  ? -14.535 5.018   -8.525  1.00 46.18 ? 81   ASN A OD1 1 
ATOM   507  N  ND2 . ASN A 1 81  ? -16.158 6.518   -8.030  1.00 45.86 ? 81   ASN A ND2 1 
ATOM   508  N  N   . THR A 1 82  ? -12.169 4.775   -4.228  1.00 34.45 ? 82   THR A N   1 
ATOM   509  C  CA  . THR A 1 82  ? -11.584 4.818   -2.914  1.00 35.05 ? 82   THR A CA  1 
ATOM   510  C  C   . THR A 1 82  ? -10.189 5.468   -2.997  1.00 32.33 ? 82   THR A C   1 
ATOM   511  O  O   . THR A 1 82  ? -9.687  5.724   -4.095  1.00 32.94 ? 82   THR A O   1 
ATOM   512  C  CB  . THR A 1 82  ? -11.554 3.413   -2.347  1.00 35.15 ? 82   THR A CB  1 
ATOM   513  O  OG1 . THR A 1 82  ? -11.144 3.471   -0.992  1.00 42.28 ? 82   THR A OG1 1 
ATOM   514  C  CG2 . THR A 1 82  ? -10.512 2.586   -3.012  1.00 38.90 ? 82   THR A CG2 1 
ATOM   515  N  N   . SER A 1 83  ? -9.657  5.845   -1.846  1.00 29.47 ? 83   SER A N   1 
ATOM   516  C  CA  . SER A 1 83  ? -8.324  6.418   -1.751  1.00 29.49 ? 83   SER A CA  1 
ATOM   517  C  C   . SER A 1 83  ? -7.544  5.746   -0.617  1.00 27.84 ? 83   SER A C   1 
ATOM   518  O  O   . SER A 1 83  ? -8.141  5.170   0.338   1.00 28.15 ? 83   SER A O   1 
ATOM   519  C  CB  . SER A 1 83  ? -8.411  7.944   -1.566  1.00 28.68 ? 83   SER A CB  1 
ATOM   520  O  OG  . SER A 1 83  ? -8.986  8.192   -0.306  1.00 31.05 ? 83   SER A OG  1 
ATOM   521  N  N   . ILE A 1 84  ? -6.222  5.762   -0.777  1.00 26.04 ? 84   ILE A N   1 
ATOM   522  C  CA  . ILE A 1 84  ? -5.275  5.216   0.166   1.00 24.47 ? 84   ILE A CA  1 
ATOM   523  C  C   . ILE A 1 84  ? -4.235  6.301   0.402   1.00 23.53 ? 84   ILE A C   1 
ATOM   524  O  O   . ILE A 1 84  ? -3.443  6.654   -0.521  1.00 21.45 ? 84   ILE A O   1 
ATOM   525  C  CB  . ILE A 1 84  ? -4.528  3.946   -0.398  1.00 25.43 ? 84   ILE A CB  1 
ATOM   526  C  CG1 . ILE A 1 84  ? -5.535  2.895   -0.942  1.00 24.31 ? 84   ILE A CG1 1 
ATOM   527  C  CG2 . ILE A 1 84  ? -3.525  3.391   0.679   1.00 25.29 ? 84   ILE A CG2 1 
ATOM   528  C  CD1 . ILE A 1 84  ? -4.912  1.765   -1.792  1.00 24.87 ? 84   ILE A CD1 1 
ATOM   529  N  N   . GLN A 1 85  ? -4.179  6.791   1.628   1.00 21.55 ? 85   GLN A N   1 
ATOM   530  C  CA  . GLN A 1 85  ? -3.026  7.642   2.046   1.00 22.12 ? 85   GLN A CA  1 
ATOM   531  C  C   . GLN A 1 85  ? -1.798  6.824   2.259   1.00 21.28 ? 85   GLN A C   1 
ATOM   532  O  O   . GLN A 1 85  ? -1.868  5.726   2.833   1.00 22.26 ? 85   GLN A O   1 
ATOM   533  C  CB  . GLN A 1 85  ? -3.300  8.446   3.319   1.00 22.34 ? 85   GLN A CB  1 
ATOM   534  C  CG  . GLN A 1 85  ? -4.545  9.315   3.241   1.00 24.16 ? 85   GLN A CG  1 
ATOM   535  C  CD  . GLN A 1 85  ? -4.664  10.186  4.452   1.00 28.79 ? 85   GLN A CD  1 
ATOM   536  O  OE1 . GLN A 1 85  ? -4.215  9.802   5.544   1.00 29.48 ? 85   GLN A OE1 1 
ATOM   537  N  NE2 . GLN A 1 85  ? -5.251  11.369  4.277   1.00 31.79 ? 85   GLN A NE2 1 
ATOM   538  N  N   . ILE A 1 86  ? -0.644  7.398   1.879   1.00 20.67 ? 86   ILE A N   1 
ATOM   539  C  CA  . ILE A 1 86  ? 0.632   6.785   2.161   1.00 20.47 ? 86   ILE A CA  1 
ATOM   540  C  C   . ILE A 1 86  ? 1.308   7.720   3.145   1.00 21.13 ? 86   ILE A C   1 
ATOM   541  O  O   . ILE A 1 86  ? 1.596   8.870   2.821   1.00 21.40 ? 86   ILE A O   1 
ATOM   542  C  CB  . ILE A 1 86  ? 1.483   6.615   0.894   1.00 20.51 ? 86   ILE A CB  1 
ATOM   543  C  CG1 . ILE A 1 86  ? 0.717   5.815   -0.198  1.00 22.63 ? 86   ILE A CG1 1 
ATOM   544  C  CG2 . ILE A 1 86  ? 2.789   5.933   1.221   1.00 20.94 ? 86   ILE A CG2 1 
ATOM   545  C  CD1 . ILE A 1 86  ? 0.342   6.668   -1.397  1.00 24.40 ? 86   ILE A CD1 1 
ATOM   546  N  N   . ARG A 1 87  ? 1.540   7.221   4.353   1.00 22.01 ? 87   ARG A N   1 
ATOM   547  C  CA  . ARG A 1 87  ? 2.172   7.984   5.432   1.00 22.40 ? 87   ARG A CA  1 
ATOM   548  C  C   . ARG A 1 87  ? 3.474   7.391   5.853   1.00 22.21 ? 87   ARG A C   1 
ATOM   549  O  O   . ARG A 1 87  ? 3.684   6.169   5.854   1.00 22.57 ? 87   ARG A O   1 
ATOM   550  C  CB  . ARG A 1 87  ? 1.256   7.974   6.661   1.00 22.55 ? 87   ARG A CB  1 
ATOM   551  C  CG  . ARG A 1 87  ? -0.093  8.620   6.400   1.00 25.58 ? 87   ARG A CG  1 
ATOM   552  C  CD  . ARG A 1 87  ? -0.296  9.792   7.264   1.00 30.67 ? 87   ARG A CD  1 
ATOM   553  N  NE  . ARG A 1 87  ? -1.540  10.442  7.010   1.00 32.90 ? 87   ARG A NE  1 
ATOM   554  C  CZ  . ARG A 1 87  ? -1.787  11.694  7.307   1.00 31.81 ? 87   ARG A CZ  1 
ATOM   555  N  NH1 . ARG A 1 87  ? -0.844  12.432  7.893   1.00 29.21 ? 87   ARG A NH1 1 
ATOM   556  N  NH2 . ARG A 1 87  ? -2.989  12.210  7.004   1.00 29.67 ? 87   ARG A NH2 1 
ATOM   557  N  N   . SER A 1 88  ? 4.373   8.253   6.274   1.00 22.26 ? 88   SER A N   1 
ATOM   558  C  CA  . SER A 1 88  ? 5.613   7.808   6.817   1.00 21.44 ? 88   SER A CA  1 
ATOM   559  C  C   . SER A 1 88  ? 5.515   7.723   8.330   1.00 21.27 ? 88   SER A C   1 
ATOM   560  O  O   . SER A 1 88  ? 4.891   8.574   8.957   1.00 21.97 ? 88   SER A O   1 
ATOM   561  C  CB  A SER A 1 88  ? 6.819   8.665   6.376   0.65 22.45 ? 88   SER A CB  1 
ATOM   562  C  CB  B SER A 1 88  ? 6.657   8.871   6.397   0.35 21.01 ? 88   SER A CB  1 
ATOM   563  O  OG  A SER A 1 88  ? 6.701   10.002  6.756   0.65 25.88 ? 88   SER A OG  1 
ATOM   564  O  OG  B SER A 1 88  ? 7.968   8.610   6.831   0.35 14.98 ? 88   SER A OG  1 
ATOM   565  N  N   . ASP A 1 89  ? 6.205   6.732   8.890   1.00 22.87 ? 89   ASP A N   1 
ATOM   566  C  CA  . ASP A 1 89  ? 6.487   6.557   10.339  1.00 24.20 ? 89   ASP A CA  1 
ATOM   567  C  C   . ASP A 1 89  ? 5.336   6.063   11.210  1.00 23.06 ? 89   ASP A C   1 
ATOM   568  O  O   . ASP A 1 89  ? 5.553   5.241   12.073  1.00 24.98 ? 89   ASP A O   1 
ATOM   569  C  CB  . ASP A 1 89  ? 7.147   7.806   10.958  1.00 24.02 ? 89   ASP A CB  1 
ATOM   570  C  CG  . ASP A 1 89  ? 8.341   8.264   10.141  1.00 24.75 ? 89   ASP A CG  1 
ATOM   571  O  OD1 . ASP A 1 89  ? 9.302   7.469   10.075  1.00 24.27 ? 89   ASP A OD1 1 
ATOM   572  O  OD2 . ASP A 1 89  ? 8.385   9.364   9.511   1.00 26.83 ? 89   ASP A OD2 1 
ATOM   573  N  N   . SER A 1 90  ? 4.137   6.572   10.975  1.00 23.81 ? 90   SER A N   1 
ATOM   574  C  CA  . SER A 1 90  ? 2.969   6.241   11.799  1.00 23.74 ? 90   SER A CA  1 
ATOM   575  C  C   . SER A 1 90  ? 1.719   6.740   11.078  1.00 23.90 ? 90   SER A C   1 
ATOM   576  O  O   . SER A 1 90  ? 1.811   7.493   10.097  1.00 24.05 ? 90   SER A O   1 
ATOM   577  C  CB  . SER A 1 90  ? 3.103   6.897   13.227  1.00 24.31 ? 90   SER A CB  1 
ATOM   578  O  OG  . SER A 1 90  ? 2.580   8.206   13.227  1.00 24.32 ? 90   SER A OG  1 
ATOM   579  N  N   . PRO A 1 91  ? 0.539   6.359   11.571  1.00 24.00 ? 91   PRO A N   1 
ATOM   580  C  CA  . PRO A 1 91  ? -0.718  6.842   11.005  1.00 24.57 ? 91   PRO A CA  1 
ATOM   581  C  C   . PRO A 1 91  ? -0.880  8.350   11.007  1.00 25.12 ? 91   PRO A C   1 
ATOM   582  O  O   . PRO A 1 91  ? -1.577  8.853   10.116  1.00 25.34 ? 91   PRO A O   1 
ATOM   583  C  CB  . PRO A 1 91  ? -1.776  6.126   11.841  1.00 24.90 ? 91   PRO A CB  1 
ATOM   584  C  CG  . PRO A 1 91  ? -1.082  4.906   12.334  1.00 23.11 ? 91   PRO A CG  1 
ATOM   585  C  CD  . PRO A 1 91  ? 0.296   5.344   12.621  1.00 25.65 ? 91   PRO A CD  1 
ATOM   586  N  N   . THR A 1 92  ? -0.221  9.046   11.933  1.00 25.48 ? 92   THR A N   1 
ATOM   587  C  CA  . THR A 1 92  ? -0.232  10.517  11.954  1.00 25.49 ? 92   THR A CA  1 
ATOM   588  C  C   . THR A 1 92  ? 1.073   11.159  11.523  1.00 25.03 ? 92   THR A C   1 
ATOM   589  O  O   . THR A 1 92  ? 1.235   12.353  11.690  1.00 26.00 ? 92   THR A O   1 
ATOM   590  C  CB  . THR A 1 92  ? -0.593  11.039  13.372  1.00 25.68 ? 92   THR A CB  1 
ATOM   591  O  OG1 . THR A 1 92  ? 0.274   10.445  14.366  1.00 26.39 ? 92   THR A OG1 1 
ATOM   592  C  CG2 . THR A 1 92  ? -2.013  10.630  13.716  1.00 28.61 ? 92   THR A CG2 1 
ATOM   593  N  N   . GLY A 1 93  ? 1.976   10.368  10.959  1.00 24.27 ? 93   GLY A N   1 
ATOM   594  C  CA  . GLY A 1 93  ? 3.207   10.884  10.376  1.00 22.91 ? 93   GLY A CA  1 
ATOM   595  C  C   . GLY A 1 93  ? 2.929   11.564  9.047   1.00 22.75 ? 93   GLY A C   1 
ATOM   596  O  O   . GLY A 1 93  ? 1.787   11.746  8.643   1.00 22.53 ? 93   GLY A O   1 
ATOM   597  N  N   . THR A 1 94  ? 3.987   11.944  8.385   1.00 22.19 ? 94   THR A N   1 
ATOM   598  C  CA  . THR A 1 94  ? 3.935   12.773  7.188   1.00 23.00 ? 94   THR A CA  1 
ATOM   599  C  C   . THR A 1 94  ? 3.111   12.098  6.095   1.00 23.23 ? 94   THR A C   1 
ATOM   600  O  O   . THR A 1 94  ? 3.330   10.934  5.818   1.00 24.11 ? 94   THR A O   1 
ATOM   601  C  CB  . THR A 1 94  ? 5.357   12.977  6.635   1.00 22.48 ? 94   THR A CB  1 
ATOM   602  O  OG1 . THR A 1 94  ? 6.160   13.616  7.615   1.00 24.51 ? 94   THR A OG1 1 
ATOM   603  C  CG2 . THR A 1 94  ? 5.325   13.897  5.403   1.00 24.69 ? 94   THR A CG2 1 
ATOM   604  N  N   . LEU A 1 95  ? 2.133   12.814  5.556   1.00 23.27 ? 95   LEU A N   1 
ATOM   605  C  CA  . LEU A 1 95  ? 1.439   12.387  4.346   1.00 22.96 ? 95   LEU A CA  1 
ATOM   606  C  C   . LEU A 1 95  ? 2.334   12.517  3.144   1.00 22.40 ? 95   LEU A C   1 
ATOM   607  O  O   . LEU A 1 95  ? 2.604   13.641  2.646   1.00 22.13 ? 95   LEU A O   1 
ATOM   608  C  CB  . LEU A 1 95  ? 0.168   13.196  4.150   1.00 23.76 ? 95   LEU A CB  1 
ATOM   609  C  CG  . LEU A 1 95  ? -0.646  12.802  2.916   1.00 24.44 ? 95   LEU A CG  1 
ATOM   610  C  CD1 . LEU A 1 95  ? -1.133  11.371  3.022   1.00 24.74 ? 95   LEU A CD1 1 
ATOM   611  C  CD2 . LEU A 1 95  ? -1.842  13.825  2.706   1.00 25.21 ? 95   LEU A CD2 1 
ATOM   612  N  N   . LEU A 1 96  ? 2.789   11.374  2.632   1.00 21.57 ? 96   LEU A N   1 
ATOM   613  C  CA  . LEU A 1 96  ? 3.659   11.368  1.441   1.00 22.24 ? 96   LEU A CA  1 
ATOM   614  C  C   . LEU A 1 96  ? 2.856   11.574  0.171   1.00 21.43 ? 96   LEU A C   1 
ATOM   615  O  O   . LEU A 1 96  ? 3.328   12.158  -0.751  1.00 20.90 ? 96   LEU A O   1 
ATOM   616  C  CB  . LEU A 1 96  ? 4.466   10.056  1.354   1.00 21.44 ? 96   LEU A CB  1 
ATOM   617  C  CG  . LEU A 1 96  ? 5.236   9.633   2.587   1.00 22.36 ? 96   LEU A CG  1 
ATOM   618  C  CD1 . LEU A 1 96  ? 5.830   8.260   2.358   1.00 22.95 ? 96   LEU A CD1 1 
ATOM   619  C  CD2 . LEU A 1 96  ? 6.356   10.669  2.835   1.00 22.85 ? 96   LEU A CD2 1 
ATOM   620  N  N   . GLY A 1 97  ? 1.636   11.052  0.139   1.00 21.41 ? 97   GLY A N   1 
ATOM   621  C  CA  . GLY A 1 97  ? 0.741   11.157  -0.998  1.00 21.78 ? 97   GLY A CA  1 
ATOM   622  C  C   . GLY A 1 97  ? -0.533  10.386  -0.740  1.00 22.36 ? 97   GLY A C   1 
ATOM   623  O  O   . GLY A 1 97  ? -0.669  9.739   0.291   1.00 23.46 ? 97   GLY A O   1 
ATOM   624  N  N   . THR A 1 98  ? -1.459  10.485  -1.687  1.00 22.64 ? 98   THR A N   1 
ATOM   625  C  CA  . THR A 1 98  ? -2.713  9.761   -1.693  1.00 23.39 ? 98   THR A CA  1 
ATOM   626  C  C   . THR A 1 98  ? -2.894  9.102   -3.040  1.00 24.03 ? 98   THR A C   1 
ATOM   627  O  O   . THR A 1 98  ? -2.850  9.763   -4.080  1.00 24.22 ? 98   THR A O   1 
ATOM   628  C  CB  . THR A 1 98  ? -3.881  10.706  -1.435  1.00 22.92 ? 98   THR A CB  1 
ATOM   629  O  OG1 . THR A 1 98  ? -3.626  11.448  -0.238  1.00 23.11 ? 98   THR A OG1 1 
ATOM   630  C  CG2 . THR A 1 98  ? -5.176  9.931   -1.248  1.00 25.39 ? 98   THR A CG2 1 
ATOM   631  N  N   . LEU A 1 99  ? -3.138  7.800   -3.016  1.00 25.73 ? 99   LEU A N   1 
ATOM   632  C  CA  . LEU A 1 99  ? -3.529  7.047   -4.212  1.00 24.69 ? 99   LEU A CA  1 
ATOM   633  C  C   . LEU A 1 99  ? -5.024  6.998   -4.350  1.00 25.58 ? 99   LEU A C   1 
ATOM   634  O  O   . LEU A 1 99  ? -5.749  6.407   -3.500  1.00 24.12 ? 99   LEU A O   1 
ATOM   635  C  CB  . LEU A 1 99  ? -2.976  5.603   -4.163  1.00 26.19 ? 99   LEU A CB  1 
ATOM   636  C  CG  . LEU A 1 99  ? -3.063  4.757   -5.425  1.00 24.61 ? 99   LEU A CG  1 
ATOM   637  C  CD1 . LEU A 1 99  ? -2.153  5.263   -6.482  1.00 28.74 ? 99   LEU A CD1 1 
ATOM   638  C  CD2 . LEU A 1 99  ? -2.748  3.272   -5.156  1.00 24.48 ? 99   LEU A CD2 1 
ATOM   639  N  N   . TYR A 1 100 ? -5.489  7.536   -5.460  1.00 25.39 ? 100  TYR A N   1 
ATOM   640  C  CA  . TYR A 1 100 ? -6.931  7.539   -5.755  1.00 27.63 ? 100  TYR A CA  1 
ATOM   641  C  C   . TYR A 1 100 ? -7.177  6.388   -6.716  1.00 27.48 ? 100  TYR A C   1 
ATOM   642  O  O   . TYR A 1 100 ? -6.494  6.257   -7.738  1.00 29.37 ? 100  TYR A O   1 
ATOM   643  C  CB  . TYR A 1 100 ? -7.352  8.887   -6.375  1.00 27.65 ? 100  TYR A CB  1 
ATOM   644  C  CG  . TYR A 1 100 ? -7.516  9.951   -5.314  1.00 29.42 ? 100  TYR A CG  1 
ATOM   645  C  CD1 . TYR A 1 100 ? -8.711  10.100  -4.666  1.00 31.29 ? 100  TYR A CD1 1 
ATOM   646  C  CD2 . TYR A 1 100 ? -6.440  10.744  -4.904  1.00 28.87 ? 100  TYR A CD2 1 
ATOM   647  C  CE1 . TYR A 1 100 ? -8.866  11.003  -3.669  1.00 33.03 ? 100  TYR A CE1 1 
ATOM   648  C  CE2 . TYR A 1 100 ? -6.599  11.668  -3.932  1.00 30.56 ? 100  TYR A CE2 1 
ATOM   649  C  CZ  . TYR A 1 100 ? -7.803  11.808  -3.314  1.00 33.49 ? 100  TYR A CZ  1 
ATOM   650  O  OH  . TYR A 1 100 ? -7.980  12.755  -2.313  1.00 38.06 ? 100  TYR A OH  1 
ATOM   651  N  N   . VAL A 1 101 ? -8.064  5.494   -6.340  1.00 28.47 ? 101  VAL A N   1 
ATOM   652  C  CA  . VAL A 1 101 ? -8.347  4.294   -7.127  1.00 30.32 ? 101  VAL A CA  1 
ATOM   653  C  C   . VAL A 1 101 ? -9.835  4.296   -7.499  1.00 29.73 ? 101  VAL A C   1 
ATOM   654  O  O   . VAL A 1 101 ? -10.674 4.290   -6.627  1.00 31.89 ? 101  VAL A O   1 
ATOM   655  C  CB  . VAL A 1 101 ? -8.021  3.013   -6.306  1.00 29.67 ? 101  VAL A CB  1 
ATOM   656  C  CG1 . VAL A 1 101 ? -8.200  1.740   -7.169  1.00 33.05 ? 101  VAL A CG1 1 
ATOM   657  C  CG2 . VAL A 1 101 ? -6.577  3.076   -5.791  1.00 31.28 ? 101  VAL A CG2 1 
ATOM   658  N  N   . SER A 1 102 ? -10.158 4.326   -8.775  1.00 30.45 ? 102  SER A N   1 
ATOM   659  C  CA  . SER A 1 102 ? -11.559 4.083   -9.159  1.00 31.34 ? 102  SER A CA  1 
ATOM   660  C  C   . SER A 1 102 ? -11.759 2.627   -9.486  1.00 29.95 ? 102  SER A C   1 
ATOM   661  O  O   . SER A 1 102 ? -10.812 1.838   -9.512  1.00 28.70 ? 102  SER A O   1 
ATOM   662  C  CB  . SER A 1 102 ? -11.986 4.966   -10.314 1.00 33.16 ? 102  SER A CB  1 
ATOM   663  O  OG  . SER A 1 102 ? -10.957 5.030   -11.269 1.00 34.45 ? 102  SER A OG  1 
ATOM   664  N  N   . SER A 1 103 ? -13.016 2.254   -9.670  1.00 29.85 ? 103  SER A N   1 
ATOM   665  C  CA  . SER A 1 103 ? -13.351 0.877   -9.894  1.00 29.42 ? 103  SER A CA  1 
ATOM   666  C  C   . SER A 1 103 ? -12.506 0.288   -11.005 1.00 28.38 ? 103  SER A C   1 
ATOM   667  O  O   . SER A 1 103 ? -12.315 0.893   -12.079 1.00 27.68 ? 103  SER A O   1 
ATOM   668  C  CB  . SER A 1 103 ? -14.840 0.745   -10.257 1.00 29.21 ? 103  SER A CB  1 
ATOM   669  O  OG  . SER A 1 103 ? -15.061 -0.588  -10.647 1.00 30.42 ? 103  SER A OG  1 
ATOM   670  N  N   . THR A 1 104 ? -11.965 -0.886  -10.726 1.00 28.16 ? 104  THR A N   1 
ATOM   671  C  CA  . THR A 1 104 ? -11.198 -1.649  -11.726 1.00 28.80 ? 104  THR A CA  1 
ATOM   672  C  C   . THR A 1 104 ? -12.090 -2.619  -12.479 1.00 29.62 ? 104  THR A C   1 
ATOM   673  O  O   . THR A 1 104 ? -11.612 -3.310  -13.392 1.00 31.00 ? 104  THR A O   1 
ATOM   674  C  CB  . THR A 1 104 ? -10.089 -2.449  -11.050 1.00 27.70 ? 104  THR A CB  1 
ATOM   675  O  OG1 . THR A 1 104 ? -10.669 -3.392  -10.109 1.00 26.91 ? 104  THR A OG1 1 
ATOM   676  C  CG2 . THR A 1 104 ? -9.155  -1.514  -10.237 1.00 27.57 ? 104  THR A CG2 1 
ATOM   677  N  N   . GLY A 1 105 ? -13.364 -2.715  -12.074 1.00 30.32 ? 105  GLY A N   1 
ATOM   678  C  CA  . GLY A 1 105 ? -14.312 -3.555  -12.793 1.00 30.82 ? 105  GLY A CA  1 
ATOM   679  C  C   . GLY A 1 105 ? -14.809 -4.770  -12.022 1.00 30.36 ? 105  GLY A C   1 
ATOM   680  O  O   . GLY A 1 105 ? -15.913 -5.243  -12.268 1.00 31.34 ? 105  GLY A O   1 
ATOM   681  N  N   . SER A 1 106 ? -13.985 -5.278  -11.112 1.00 29.39 ? 106  SER A N   1 
ATOM   682  C  CA  . SER A 1 106 ? -14.334 -6.332  -10.179 1.00 29.06 ? 106  SER A CA  1 
ATOM   683  C  C   . SER A 1 106 ? -13.316 -6.446  -9.054  1.00 28.93 ? 106  SER A C   1 
ATOM   684  O  O   . SER A 1 106 ? -12.200 -5.955  -9.150  1.00 26.48 ? 106  SER A O   1 
ATOM   685  C  CB  . SER A 1 106 ? -14.505 -7.689  -10.907 1.00 30.03 ? 106  SER A CB  1 
ATOM   686  O  OG  . SER A 1 106 ? -13.323 -8.450  -10.930 1.00 29.32 ? 106  SER A OG  1 
ATOM   687  N  N   . TRP A 1 107 ? -13.694 -7.172  -8.010  1.00 28.87 ? 107  TRP A N   1 
ATOM   688  C  CA  . TRP A 1 107 ? -12.818 -7.437  -6.854  1.00 29.45 ? 107  TRP A CA  1 
ATOM   689  C  C   . TRP A 1 107 ? -11.645 -8.328  -7.192  1.00 29.47 ? 107  TRP A C   1 
ATOM   690  O  O   . TRP A 1 107 ? -10.701 -8.439  -6.401  1.00 29.16 ? 107  TRP A O   1 
ATOM   691  C  CB  . TRP A 1 107 ? -13.646 -8.082  -5.750  1.00 29.59 ? 107  TRP A CB  1 
ATOM   692  C  CG  . TRP A 1 107 ? -14.690 -7.143  -5.264  1.00 30.06 ? 107  TRP A CG  1 
ATOM   693  C  CD1 . TRP A 1 107 ? -16.068 -7.241  -5.461  1.00 31.92 ? 107  TRP A CD1 1 
ATOM   694  C  CD2 . TRP A 1 107 ? -14.481 -5.921  -4.519  1.00 31.54 ? 107  TRP A CD2 1 
ATOM   695  N  NE1 . TRP A 1 107 ? -16.684 -6.164  -4.879  1.00 32.60 ? 107  TRP A NE1 1 
ATOM   696  C  CE2 . TRP A 1 107 ? -15.758 -5.342  -4.293  1.00 33.16 ? 107  TRP A CE2 1 
ATOM   697  C  CE3 . TRP A 1 107 ? -13.357 -5.272  -4.001  1.00 30.22 ? 107  TRP A CE3 1 
ATOM   698  C  CZ2 . TRP A 1 107 ? -15.928 -4.139  -3.550  1.00 32.59 ? 107  TRP A CZ2 1 
ATOM   699  C  CZ3 . TRP A 1 107 ? -13.509 -4.084  -3.301  1.00 31.13 ? 107  TRP A CZ3 1 
ATOM   700  C  CH2 . TRP A 1 107 ? -14.779 -3.511  -3.099  1.00 31.84 ? 107  TRP A CH2 1 
ATOM   701  N  N   . ASN A 1 108 ? -11.700 -8.944  -8.377  1.00 29.69 ? 108  ASN A N   1 
ATOM   702  C  CA  . ASN A 1 108 ? -10.594 -9.761  -8.886  1.00 29.82 ? 108  ASN A CA  1 
ATOM   703  C  C   . ASN A 1 108 ? -9.896  -9.253  -10.142 1.00 27.91 ? 108  ASN A C   1 
ATOM   704  O  O   . ASN A 1 108 ? -9.087  -9.970  -10.708 1.00 26.25 ? 108  ASN A O   1 
ATOM   705  C  CB  . ASN A 1 108 ? -11.088 -11.189 -9.099  1.00 31.35 ? 108  ASN A CB  1 
ATOM   706  C  CG  . ASN A 1 108 ? -11.295 -11.900 -7.792  1.00 34.82 ? 108  ASN A CG  1 
ATOM   707  O  OD1 . ASN A 1 108 ? -12.413 -12.255 -7.423  1.00 40.21 ? 108  ASN A OD1 1 
ATOM   708  N  ND2 . ASN A 1 108 ? -10.221 -12.084 -7.065  1.00 39.15 ? 108  ASN A ND2 1 
ATOM   709  N  N   . THR A 1 109 ? -10.223 -8.039  -10.579 1.00 27.20 ? 109  THR A N   1 
ATOM   710  C  CA  . THR A 1 109 ? -9.557  -7.395  -11.688 1.00 26.97 ? 109  THR A CA  1 
ATOM   711  C  C   . THR A 1 109 ? -8.515  -6.439  -11.121 1.00 25.09 ? 109  THR A C   1 
ATOM   712  O  O   . THR A 1 109 ? -8.838  -5.360  -10.680 1.00 25.61 ? 109  THR A O   1 
ATOM   713  C  CB  . THR A 1 109 ? -10.528 -6.619  -12.603 1.00 27.40 ? 109  THR A CB  1 
ATOM   714  O  OG1 . THR A 1 109 ? -11.546 -7.487  -13.113 1.00 31.18 ? 109  THR A OG1 1 
ATOM   715  C  CG2 . THR A 1 109 ? -9.813  -6.141  -13.892 1.00 27.44 ? 109  THR A CG2 1 
ATOM   716  N  N   . TYR A 1 110 ? -7.268  -6.858  -11.120 1.00 23.73 ? 110  TYR A N   1 
ATOM   717  C  CA  . TYR A 1 110 ? -6.191  -6.007  -10.598 1.00 22.47 ? 110  TYR A CA  1 
ATOM   718  C  C   . TYR A 1 110 ? -5.663  -5.031  -11.646 1.00 23.07 ? 110  TYR A C   1 
ATOM   719  O  O   . TYR A 1 110 ? -5.662  -5.316  -12.849 1.00 23.83 ? 110  TYR A O   1 
ATOM   720  C  CB  . TYR A 1 110 ? -5.103  -6.867  -9.968  1.00 22.38 ? 110  TYR A CB  1 
ATOM   721  C  CG  . TYR A 1 110 ? -5.588  -7.463  -8.675  1.00 19.87 ? 110  TYR A CG  1 
ATOM   722  C  CD1 . TYR A 1 110 ? -6.333  -8.630  -8.670  1.00 25.03 ? 110  TYR A CD1 1 
ATOM   723  C  CD2 . TYR A 1 110 ? -5.340  -6.835  -7.448  1.00 22.60 ? 110  TYR A CD2 1 
ATOM   724  C  CE1 . TYR A 1 110 ? -6.850  -9.196  -7.444  1.00 22.85 ? 110  TYR A CE1 1 
ATOM   725  C  CE2 . TYR A 1 110 ? -5.798  -7.381  -6.235  1.00 23.91 ? 110  TYR A CE2 1 
ATOM   726  C  CZ  . TYR A 1 110 ? -6.559  -8.559  -6.231  1.00 23.99 ? 110  TYR A CZ  1 
ATOM   727  O  OH  . TYR A 1 110 ? -7.031  -9.100  -5.047  1.00 23.96 ? 110  TYR A OH  1 
ATOM   728  N  N   . ASN A 1 111 ? -5.257  -3.862  -11.193 1.00 24.01 ? 111  ASN A N   1 
ATOM   729  C  CA  . ASN A 1 111 ? -4.715  -2.786  -12.051 1.00 24.87 ? 111  ASN A CA  1 
ATOM   730  C  C   . ASN A 1 111 ? -3.546  -2.179  -11.264 1.00 24.27 ? 111  ASN A C   1 
ATOM   731  O  O   . ASN A 1 111 ? -3.639  -1.909  -10.036 1.00 23.47 ? 111  ASN A O   1 
ATOM   732  C  CB  . ASN A 1 111 ? -5.810  -1.771  -12.260 1.00 27.12 ? 111  ASN A CB  1 
ATOM   733  C  CG  . ASN A 1 111 ? -5.530  -0.676  -13.307 1.00 34.25 ? 111  ASN A CG  1 
ATOM   734  O  OD1 . ASN A 1 111 ? -6.246  0.391   -13.312 1.00 45.15 ? 111  ASN A OD1 1 
ATOM   735  N  ND2 . ASN A 1 111 ? -4.632  -0.943  -14.271 1.00 43.95 ? 111  ASN A ND2 1 
ATOM   736  N  N   . THR A 1 112 ? -2.458  -1.918  -11.956 1.00 24.29 ? 112  THR A N   1 
ATOM   737  C  CA  . THR A 1 112 ? -1.414  -1.090  -11.382 1.00 24.51 ? 112  THR A CA  1 
ATOM   738  C  C   . THR A 1 112 ? -1.766  0.383   -11.448 1.00 24.87 ? 112  THR A C   1 
ATOM   739  O  O   . THR A 1 112 ? -2.150  0.897   -12.504 1.00 26.80 ? 112  THR A O   1 
ATOM   740  C  CB  . THR A 1 112 ? -0.107  -1.356  -12.058 1.00 26.30 ? 112  THR A CB  1 
ATOM   741  O  OG1 . THR A 1 112 ? 0.175   -2.772  -11.992 1.00 29.38 ? 112  THR A OG1 1 
ATOM   742  C  CG2 . THR A 1 112 ? 1.031   -0.648  -11.270 1.00 25.72 ? 112  THR A CG2 1 
ATOM   743  N  N   . VAL A 1 113 ? -1.765  1.049   -10.298 1.00 24.11 ? 113  VAL A N   1 
ATOM   744  C  CA  . VAL A 1 113 ? -2.139  2.470   -10.187 1.00 25.25 ? 113  VAL A CA  1 
ATOM   745  C  C   . VAL A 1 113 ? -1.011  3.179   -9.445  1.00 23.94 ? 113  VAL A C   1 
ATOM   746  O  O   . VAL A 1 113 ? -0.453  2.637   -8.501  1.00 22.44 ? 113  VAL A O   1 
ATOM   747  C  CB  . VAL A 1 113 ? -3.545  2.686   -9.466  1.00 25.16 ? 113  VAL A CB  1 
ATOM   748  C  CG1 . VAL A 1 113 ? -3.997  4.177   -9.476  1.00 30.10 ? 113  VAL A CG1 1 
ATOM   749  C  CG2 . VAL A 1 113 ? -4.657  1.810   -10.070 1.00 26.15 ? 113  VAL A CG2 1 
ATOM   750  N  N   . SER A 1 114 ? -0.642  4.373   -9.895  1.00 24.30 ? 114  SER A N   1 
ATOM   751  C  CA  . SER A 1 114 ? 0.518   5.075   -9.383  1.00 24.13 ? 114  SER A CA  1 
ATOM   752  C  C   . SER A 1 114 ? 0.134   6.510   -9.002  1.00 25.19 ? 114  SER A C   1 
ATOM   753  O  O   . SER A 1 114 ? -0.831  7.109   -9.549  1.00 26.25 ? 114  SER A O   1 
ATOM   754  C  CB  A SER A 1 114 ? 1.630   5.117   -10.445 0.65 24.24 ? 114  SER A CB  1 
ATOM   755  C  CB  B SER A 1 114 ? 1.624   5.091   -10.442 0.35 24.25 ? 114  SER A CB  1 
ATOM   756  O  OG  A SER A 1 114 ? 2.085   3.828   -10.823 0.65 23.70 ? 114  SER A OG  1 
ATOM   757  O  OG  B SER A 1 114 ? 1.322   6.006   -11.485 0.35 23.13 ? 114  SER A OG  1 
ATOM   758  N  N   . THR A 1 115 ? 0.890   7.068   -8.063  1.00 24.21 ? 115  THR A N   1 
ATOM   759  C  CA  . THR A 1 115 ? 0.784   8.464   -7.759  1.00 24.18 ? 115  THR A CA  1 
ATOM   760  C  C   . THR A 1 115 ? 2.143   9.066   -7.373  1.00 24.23 ? 115  THR A C   1 
ATOM   761  O  O   . THR A 1 115 ? 3.089   8.343   -7.056  1.00 23.79 ? 115  THR A O   1 
ATOM   762  C  CB  . THR A 1 115 ? -0.280  8.665   -6.660  1.00 24.85 ? 115  THR A CB  1 
ATOM   763  O  OG1 . THR A 1 115 ? -0.520  10.058  -6.500  1.00 26.53 ? 115  THR A OG1 1 
ATOM   764  C  CG2 . THR A 1 115 ? 0.173   8.209   -5.269  1.00 23.18 ? 115  THR A CG2 1 
ATOM   765  N  N   . ASN A 1 116 ? 2.239   10.388  -7.447  1.00 23.54 ? 116  ASN A N   1 
ATOM   766  C  CA  . ASN A 1 116 ? 3.378   11.116  -6.925  1.00 22.98 ? 116  ASN A CA  1 
ATOM   767  C  C   . ASN A 1 116 ? 3.348   11.148  -5.387  1.00 22.87 ? 116  ASN A C   1 
ATOM   768  O  O   . ASN A 1 116 ? 2.297   11.205  -4.760  1.00 23.88 ? 116  ASN A O   1 
ATOM   769  C  CB  . ASN A 1 116 ? 3.331   12.564  -7.435  1.00 23.35 ? 116  ASN A CB  1 
ATOM   770  C  CG  . ASN A 1 116 ? 2.005   13.271  -7.067  1.00 23.94 ? 116  ASN A CG  1 
ATOM   771  O  OD1 . ASN A 1 116 ? 0.987   13.018  -7.699  1.00 28.79 ? 116  ASN A OD1 1 
ATOM   772  N  ND2 . ASN A 1 116 ? 2.011   14.118  -6.014  1.00 26.97 ? 116  ASN A ND2 1 
ATOM   773  N  N   . ILE A 1 117 ? 4.535   11.167  -4.795  1.00 22.05 ? 117  ILE A N   1 
ATOM   774  C  CA  . ILE A 1 117 ? 4.712   11.442  -3.380  1.00 21.81 ? 117  ILE A CA  1 
ATOM   775  C  C   . ILE A 1 117 ? 5.829   12.457  -3.180  1.00 22.15 ? 117  ILE A C   1 
ATOM   776  O  O   . ILE A 1 117 ? 6.674   12.660  -4.048  1.00 22.00 ? 117  ILE A O   1 
ATOM   777  C  CB  . ILE A 1 117 ? 5.031   10.096  -2.570  1.00 21.41 ? 117  ILE A CB  1 
ATOM   778  C  CG1 . ILE A 1 117 ? 6.398   9.533   -2.929  1.00 22.27 ? 117  ILE A CG1 1 
ATOM   779  C  CG2 . ILE A 1 117 ? 3.835   9.102   -2.720  1.00 20.68 ? 117  ILE A CG2 1 
ATOM   780  C  CD1 . ILE A 1 117 ? 6.867   8.369   -2.028  1.00 24.24 ? 117  ILE A CD1 1 
ATOM   781  N  N   . SER A 1 118 ? 5.840   13.098  -2.022  1.00 22.19 ? 118  SER A N   1 
ATOM   782  C  CA  . SER A 1 118 ? 6.958   13.913  -1.628  1.00 21.96 ? 118  SER A CA  1 
ATOM   783  C  C   . SER A 1 118 ? 8.223   13.044  -1.506  1.00 22.23 ? 118  SER A C   1 
ATOM   784  O  O   . SER A 1 118 ? 8.174   11.904  -1.042  1.00 22.33 ? 118  SER A O   1 
ATOM   785  C  CB  . SER A 1 118 ? 6.634   14.581  -0.265  1.00 22.72 ? 118  SER A CB  1 
ATOM   786  O  OG  . SER A 1 118 ? 6.372   13.632  0.780   1.00 24.11 ? 118  SER A OG  1 
ATOM   787  N  N   . LYS A 1 119 ? 9.377   13.603  -1.870  1.00 22.74 ? 119  LYS A N   1 
ATOM   788  C  CA  . LYS A 1 119 ? 10.598  12.852  -1.779  1.00 22.15 ? 119  LYS A CA  1 
ATOM   789  C  C   . LYS A 1 119 ? 10.864  12.458  -0.332  1.00 22.29 ? 119  LYS A C   1 
ATOM   790  O  O   . LYS A 1 119 ? 10.943  13.312  0.571   1.00 23.18 ? 119  LYS A O   1 
ATOM   791  C  CB  . LYS A 1 119 ? 11.790  13.674  -2.282  1.00 22.49 ? 119  LYS A CB  1 
ATOM   792  C  CG  . LYS A 1 119 ? 13.067  12.902  -2.232  1.00 23.78 ? 119  LYS A CG  1 
ATOM   793  C  CD  . LYS A 1 119 ? 14.167  13.727  -2.849  1.00 27.98 ? 119  LYS A CD  1 
ATOM   794  C  CE  . LYS A 1 119 ? 15.449  13.665  -2.144  1.00 33.96 ? 119  LYS A CE  1 
ATOM   795  N  NZ  . LYS A 1 119 ? 16.322  14.763  -2.731  1.00 35.02 ? 119  LYS A NZ  1 
ATOM   796  N  N   . ILE A 1 120 ? 11.045  11.171  -0.145  1.00 22.61 ? 120  ILE A N   1 
ATOM   797  C  CA  . ILE A 1 120 ? 11.378  10.569  1.145   1.00 22.67 ? 120  ILE A CA  1 
ATOM   798  C  C   . ILE A 1 120 ? 12.716  9.796   0.972   1.00 21.86 ? 120  ILE A C   1 
ATOM   799  O  O   . ILE A 1 120 ? 12.920  9.117   -0.009  1.00 22.98 ? 120  ILE A O   1 
ATOM   800  C  CB  . ILE A 1 120 ? 10.225  9.630   1.643   1.00 22.06 ? 120  ILE A CB  1 
ATOM   801  C  CG1 . ILE A 1 120 ? 10.659  8.915   2.927   1.00 22.11 ? 120  ILE A CG1 1 
ATOM   802  C  CG2 . ILE A 1 120 ? 9.782   8.648   0.540   1.00 22.92 ? 120  ILE A CG2 1 
ATOM   803  C  CD1 . ILE A 1 120 ? 9.526   8.295   3.774   1.00 24.20 ? 120  ILE A CD1 1 
ATOM   804  N  N   . THR A 1 121 ? 13.603  9.881   1.967   1.00 23.09 ? 121  THR A N   1 
ATOM   805  C  CA  . THR A 1 121 ? 14.855  9.176   1.996   1.00 23.13 ? 121  THR A CA  1 
ATOM   806  C  C   . THR A 1 121 ? 14.997  8.446   3.318   1.00 23.60 ? 121  THR A C   1 
ATOM   807  O  O   . THR A 1 121 ? 14.254  8.740   4.298   1.00 25.91 ? 121  THR A O   1 
ATOM   808  C  CB  . THR A 1 121 ? 16.067  10.188  1.867   1.00 22.64 ? 121  THR A CB  1 
ATOM   809  O  OG1 . THR A 1 121 ? 16.151  11.013  3.051   1.00 23.30 ? 121  THR A OG1 1 
ATOM   810  C  CG2 . THR A 1 121 ? 15.843  11.177  0.720   1.00 24.94 ? 121  THR A CG2 1 
ATOM   811  N  N   . GLY A 1 122 ? 15.969  7.536   3.364   1.00 24.30 ? 122  GLY A N   1 
ATOM   812  C  CA  . GLY A 1 122 ? 16.352  6.788   4.553   1.00 24.52 ? 122  GLY A CA  1 
ATOM   813  C  C   . GLY A 1 122 ? 15.330  5.715   4.861   1.00 24.35 ? 122  GLY A C   1 
ATOM   814  O  O   . GLY A 1 122 ? 14.519  5.339   3.988   1.00 23.94 ? 122  GLY A O   1 
ATOM   815  N  N   . VAL A 1 123 ? 15.327  5.267   6.113   1.00 24.36 ? 123  VAL A N   1 
ATOM   816  C  CA  . VAL A 1 123 ? 14.544  4.120   6.530   1.00 23.57 ? 123  VAL A CA  1 
ATOM   817  C  C   . VAL A 1 123 ? 13.356  4.606   7.309   1.00 23.15 ? 123  VAL A C   1 
ATOM   818  O  O   . VAL A 1 123 ? 13.476  5.332   8.316   1.00 22.54 ? 123  VAL A O   1 
ATOM   819  C  CB  . VAL A 1 123 ? 15.348  3.074   7.370   1.00 24.28 ? 123  VAL A CB  1 
ATOM   820  C  CG1 . VAL A 1 123 ? 14.422  1.906   7.791   1.00 23.98 ? 123  VAL A CG1 1 
ATOM   821  C  CG2 . VAL A 1 123 ? 16.495  2.500   6.551   1.00 27.65 ? 123  VAL A CG2 1 
ATOM   822  N  N   . HIS A 1 124 ? 12.182  4.235   6.843   1.00 21.69 ? 124  HIS A N   1 
ATOM   823  C  CA  . HIS A 1 124 ? 10.989  4.581   7.569   1.00 22.63 ? 124  HIS A CA  1 
ATOM   824  C  C   . HIS A 1 124 ? 9.950   3.492   7.477   1.00 21.24 ? 124  HIS A C   1 
ATOM   825  O  O   . HIS A 1 124 ? 9.777   2.838   6.459   1.00 22.67 ? 124  HIS A O   1 
ATOM   826  C  CB  . HIS A 1 124 ? 10.369  5.842   6.992   1.00 21.96 ? 124  HIS A CB  1 
ATOM   827  C  CG  . HIS A 1 124 ? 11.274  7.030   7.030   1.00 24.85 ? 124  HIS A CG  1 
ATOM   828  N  ND1 . HIS A 1 124 ? 11.177  7.999   7.990   1.00 26.17 ? 124  HIS A ND1 1 
ATOM   829  C  CD2 . HIS A 1 124 ? 12.362  7.333   6.286   1.00 25.23 ? 124  HIS A CD2 1 
ATOM   830  C  CE1 . HIS A 1 124 ? 12.119  8.910   7.781   1.00 29.08 ? 124  HIS A CE1 1 
ATOM   831  N  NE2 . HIS A 1 124 ? 12.856  8.530   6.752   1.00 24.64 ? 124  HIS A NE2 1 
ATOM   832  N  N   . ASP A 1 125 ? 9.165   3.362   8.525   1.00 22.10 ? 125  ASP A N   1 
ATOM   833  C  CA  . ASP A 1 125 ? 7.915   2.618   8.403   1.00 21.06 ? 125  ASP A CA  1 
ATOM   834  C  C   . ASP A 1 125 ? 6.985   3.353   7.418   1.00 21.91 ? 125  ASP A C   1 
ATOM   835  O  O   . ASP A 1 125 ? 7.053   4.599   7.229   1.00 21.04 ? 125  ASP A O   1 
ATOM   836  C  CB  . ASP A 1 125 ? 7.184   2.537   9.726   1.00 21.92 ? 125  ASP A CB  1 
ATOM   837  C  CG  . ASP A 1 125 ? 7.809   1.599   10.721  1.00 21.80 ? 125  ASP A CG  1 
ATOM   838  O  OD1 . ASP A 1 125 ? 8.958   1.109   10.556  1.00 23.27 ? 125  ASP A OD1 1 
ATOM   839  O  OD2 . ASP A 1 125 ? 7.212   1.369   11.787  1.00 23.59 ? 125  ASP A OD2 1 
ATOM   840  N  N   . ILE A 1 126 ? 6.125   2.560   6.783   1.00 21.42 ? 126  ILE A N   1 
ATOM   841  C  CA  . ILE A 1 126 ? 5.071   3.041   5.913   1.00 21.45 ? 126  ILE A CA  1 
ATOM   842  C  C   . ILE A 1 126 ? 3.716   2.550   6.416   1.00 20.52 ? 126  ILE A C   1 
ATOM   843  O  O   . ILE A 1 126 ? 3.538   1.391   6.772   1.00 20.97 ? 126  ILE A O   1 
ATOM   844  C  CB  . ILE A 1 126 ? 5.306   2.640   4.393   1.00 20.83 ? 126  ILE A CB  1 
ATOM   845  C  CG1 . ILE A 1 126 ? 6.498   3.431   3.835   1.00 20.71 ? 126  ILE A CG1 1 
ATOM   846  C  CG2 . ILE A 1 126 ? 4.036   2.897   3.579   1.00 21.96 ? 126  ILE A CG2 1 
ATOM   847  C  CD1 . ILE A 1 126 ? 6.247   4.971   3.690   1.00 20.85 ? 126  ILE A CD1 1 
ATOM   848  N  N   . VAL A 1 127 ? 2.789   3.484   6.478   1.00 20.25 ? 127  VAL A N   1 
ATOM   849  C  CA  . VAL A 1 127 ? 1.398   3.189   6.857   1.00 19.99 ? 127  VAL A CA  1 
ATOM   850  C  C   . VAL A 1 127 ? 0.484   3.549   5.714   1.00 20.03 ? 127  VAL A C   1 
ATOM   851  O  O   . VAL A 1 127 ? 0.450   4.693   5.244   1.00 21.08 ? 127  VAL A O   1 
ATOM   852  C  CB  . VAL A 1 127 ? 0.938   3.918   8.116   1.00 19.82 ? 127  VAL A CB  1 
ATOM   853  C  CG1 . VAL A 1 127 ? -0.448  3.378   8.556   1.00 22.18 ? 127  VAL A CG1 1 
ATOM   854  C  CG2 . VAL A 1 127 ? 1.951   3.750   9.227   1.00 23.11 ? 127  VAL A CG2 1 
ATOM   855  N  N   . LEU A 1 128 ? -0.287  2.563   5.289   1.00 21.16 ? 128  LEU A N   1 
ATOM   856  C  CA  . LEU A 1 128 ? -1.372  2.784   4.344   1.00 21.10 ? 128  LEU A CA  1 
ATOM   857  C  C   . LEU A 1 128 ? -2.671  2.970   5.097   1.00 20.74 ? 128  LEU A C   1 
ATOM   858  O  O   . LEU A 1 128 ? -3.012  2.201   6.004   1.00 20.40 ? 128  LEU A O   1 
ATOM   859  C  CB  . LEU A 1 128 ? -1.448  1.639   3.315   1.00 20.88 ? 128  LEU A CB  1 
ATOM   860  C  CG  . LEU A 1 128 ? -0.187  1.249   2.569   1.00 21.00 ? 128  LEU A CG  1 
ATOM   861  C  CD1 . LEU A 1 128 ? -0.511  0.070   1.625   1.00 21.69 ? 128  LEU A CD1 1 
ATOM   862  C  CD2 . LEU A 1 128 ? 0.337   2.434   1.823   1.00 21.54 ? 128  LEU A CD2 1 
ATOM   863  N  N   . VAL A 1 129 ? -3.373  4.040   4.762   1.00 21.28 ? 129  VAL A N   1 
ATOM   864  C  CA  . VAL A 1 129 ? -4.623  4.399   5.411   1.00 20.79 ? 129  VAL A CA  1 
ATOM   865  C  C   . VAL A 1 129 ? -5.748  4.367   4.370   1.00 21.23 ? 129  VAL A C   1 
ATOM   866  O  O   . VAL A 1 129 ? -5.758  5.176   3.409   1.00 21.80 ? 129  VAL A O   1 
ATOM   867  C  CB  . VAL A 1 129 ? -4.600  5.793   6.081   1.00 21.23 ? 129  VAL A CB  1 
ATOM   868  C  CG1 . VAL A 1 129 ? -5.916  5.970   6.904   1.00 18.85 ? 129  VAL A CG1 1 
ATOM   869  C  CG2 . VAL A 1 129 ? -3.329  6.004   6.944   1.00 23.26 ? 129  VAL A CG2 1 
ATOM   870  N  N   . PHE A 1 130 ? -6.734  3.496   4.602   1.00 22.56 ? 130  PHE A N   1 
ATOM   871  C  CA  . PHE A 1 130 ? -7.797  3.211   3.631   1.00 22.17 ? 130  PHE A CA  1 
ATOM   872  C  C   . PHE A 1 130 ? -9.095  3.968   3.932   1.00 24.45 ? 130  PHE A C   1 
ATOM   873  O  O   . PHE A 1 130 ? -9.524  4.049   5.081   1.00 24.87 ? 130  PHE A O   1 
ATOM   874  C  CB  . PHE A 1 130 ? -8.057  1.705   3.629   1.00 22.37 ? 130  PHE A CB  1 
ATOM   875  C  CG  . PHE A 1 130 ? -6.884  0.897   3.188   1.00 22.70 ? 130  PHE A CG  1 
ATOM   876  C  CD1 . PHE A 1 130 ? -6.724  0.566   1.865   1.00 23.33 ? 130  PHE A CD1 1 
ATOM   877  C  CD2 . PHE A 1 130 ? -5.876  0.557   4.082   1.00 24.36 ? 130  PHE A CD2 1 
ATOM   878  C  CE1 . PHE A 1 130 ? -5.612  -0.171  1.433   1.00 21.95 ? 130  PHE A CE1 1 
ATOM   879  C  CE2 . PHE A 1 130 ? -4.761  -0.149  3.660   1.00 22.28 ? 130  PHE A CE2 1 
ATOM   880  C  CZ  . PHE A 1 130 ? -4.645  -0.531  2.333   1.00 23.25 ? 130  PHE A CZ  1 
ATOM   881  N  N   . SER A 1 131 ? -9.718  4.513   2.894   1.00 25.56 ? 131  SER A N   1 
ATOM   882  C  CA  . SER A 1 131 ? -10.986 5.229   3.044   1.00 27.69 ? 131  SER A CA  1 
ATOM   883  C  C   . SER A 1 131 ? -12.190 4.317   2.768   1.00 28.25 ? 131  SER A C   1 
ATOM   884  O  O   . SER A 1 131 ? -13.354 4.733   2.897   1.00 28.16 ? 131  SER A O   1 
ATOM   885  C  CB  . SER A 1 131 ? -11.029 6.388   2.091   1.00 26.97 ? 131  SER A CB  1 
ATOM   886  O  OG  . SER A 1 131 ? -11.096 5.843   0.779   1.00 32.53 ? 131  SER A OG  1 
ATOM   887  N  N   . GLY A 1 132 ? -11.907 3.076   2.414   1.00 28.50 ? 132  GLY A N   1 
ATOM   888  C  CA  . GLY A 1 132 ? -12.921 2.104   2.011   1.00 28.89 ? 132  GLY A CA  1 
ATOM   889  C  C   . GLY A 1 132 ? -12.277 0.813   1.499   1.00 28.27 ? 132  GLY A C   1 
ATOM   890  O  O   . GLY A 1 132 ? -11.030 0.692   1.485   1.00 25.84 ? 132  GLY A O   1 
ATOM   891  N  N   . PRO A 1 133 ? -13.135 -0.124  1.065   1.00 29.28 ? 133  PRO A N   1 
ATOM   892  C  CA  . PRO A 1 133 ? -12.722 -1.439  0.589   1.00 29.09 ? 133  PRO A CA  1 
ATOM   893  C  C   . PRO A 1 133 ? -11.939 -1.372  -0.732  1.00 27.52 ? 133  PRO A C   1 
ATOM   894  O  O   . PRO A 1 133 ? -12.338 -0.721  -1.716  1.00 26.05 ? 133  PRO A O   1 
ATOM   895  C  CB  . PRO A 1 133 ? -14.068 -2.165  0.336   1.00 30.32 ? 133  PRO A CB  1 
ATOM   896  C  CG  . PRO A 1 133 ? -15.015 -1.073  0.001   1.00 32.10 ? 133  PRO A CG  1 
ATOM   897  C  CD  . PRO A 1 133 ? -14.608 0.049   0.960   1.00 30.28 ? 133  PRO A CD  1 
ATOM   898  N  N   . VAL A 1 134 ? -10.803 -2.045  -0.698  1.00 27.48 ? 134  VAL A N   1 
ATOM   899  C  CA  . VAL A 1 134 ? -9.928  -2.258  -1.867  1.00 25.83 ? 134  VAL A CA  1 
ATOM   900  C  C   . VAL A 1 134 ? -9.151  -3.532  -1.554  1.00 24.32 ? 134  VAL A C   1 
ATOM   901  O  O   . VAL A 1 134 ? -8.915  -3.841  -0.406  1.00 25.45 ? 134  VAL A O   1 
ATOM   902  C  CB  . VAL A 1 134 ? -8.994  -1.056  -2.102  1.00 27.28 ? 134  VAL A CB  1 
ATOM   903  C  CG1 . VAL A 1 134 ? -8.266  -0.727  -0.817  1.00 28.05 ? 134  VAL A CG1 1 
ATOM   904  C  CG2 . VAL A 1 134 ? -8.025  -1.302  -3.253  1.00 25.30 ? 134  VAL A CG2 1 
ATOM   905  N  N   . ASN A 1 135 ? -8.822  -4.318  -2.572  1.00 22.50 ? 135  ASN A N   1 
ATOM   906  C  CA  . ASN A 1 135 ? -7.939  -5.423  -2.427  1.00 21.70 ? 135  ASN A CA  1 
ATOM   907  C  C   . ASN A 1 135 ? -6.575  -4.985  -2.962  1.00 21.15 ? 135  ASN A C   1 
ATOM   908  O  O   . ASN A 1 135 ? -6.471  -4.419  -4.036  1.00 22.28 ? 135  ASN A O   1 
ATOM   909  C  CB  . ASN A 1 135 ? -8.460  -6.603  -3.226  1.00 22.39 ? 135  ASN A CB  1 
ATOM   910  C  CG  . ASN A 1 135 ? -9.751  -7.176  -2.679  1.00 22.62 ? 135  ASN A CG  1 
ATOM   911  O  OD1 . ASN A 1 135 ? -10.076 -6.994  -1.497  1.00 24.59 ? 135  ASN A OD1 1 
ATOM   912  N  ND2 . ASN A 1 135 ? -10.514 -7.870  -3.553  1.00 23.90 ? 135  ASN A ND2 1 
ATOM   913  N  N   . VAL A 1 136 ? -5.555  -5.290  -2.221  1.00 20.50 ? 136  VAL A N   1 
ATOM   914  C  CA  . VAL A 1 136 ? -4.161  -4.908  -2.570  1.00 20.09 ? 136  VAL A CA  1 
ATOM   915  C  C   . VAL A 1 136 ? -3.311  -6.129  -2.630  1.00 20.06 ? 136  VAL A C   1 
ATOM   916  O  O   . VAL A 1 136 ? -3.197  -6.869  -1.649  1.00 20.91 ? 136  VAL A O   1 
ATOM   917  C  CB  . VAL A 1 136 ? -3.569  -3.933  -1.539  1.00 19.96 ? 136  VAL A CB  1 
ATOM   918  C  CG1 . VAL A 1 136 ? -2.288  -3.295  -2.067  1.00 21.94 ? 136  VAL A CG1 1 
ATOM   919  C  CG2 . VAL A 1 136 ? -4.588  -2.837  -1.171  1.00 22.42 ? 136  VAL A CG2 1 
ATOM   920  N  N   . ASP A 1 137 ? -2.632  -6.326  -3.785  1.00 20.66 ? 137  ASP A N   1 
ATOM   921  C  CA  . ASP A 1 137 ? -1.779  -7.450  -3.982  1.00 20.56 ? 137  ASP A CA  1 
ATOM   922  C  C   . ASP A 1 137 ? -0.333  -7.063  -3.514  1.00 21.07 ? 137  ASP A C   1 
ATOM   923  O  O   . ASP A 1 137 ? 0.287   -7.731  -2.664  1.00 19.68 ? 137  ASP A O   1 
ATOM   924  C  CB  . ASP A 1 137 ? -1.864  -7.863  -5.474  1.00 21.51 ? 137  ASP A CB  1 
ATOM   925  C  CG  . ASP A 1 137 ? -1.034  -9.057  -5.799  1.00 22.84 ? 137  ASP A CG  1 
ATOM   926  O  OD1 . ASP A 1 137 ? -0.086  -9.379  -5.053  1.00 23.09 ? 137  ASP A OD1 1 
ATOM   927  O  OD2 . ASP A 1 137 ? -1.251  -9.717  -6.826  1.00 26.30 ? 137  ASP A OD2 1 
ATOM   928  N  N   . ASN A 1 138 ? 0.171   -5.968  -4.038  1.00 20.87 ? 138  ASN A N   1 
ATOM   929  C  CA  . ASN A 1 138 ? 1.574   -5.552  -3.827  1.00 21.15 ? 138  ASN A CA  1 
ATOM   930  C  C   . ASN A 1 138 ? 1.741   -4.074  -4.086  1.00 19.57 ? 138  ASN A C   1 
ATOM   931  O  O   . ASN A 1 138 ? 0.789   -3.419  -4.539  1.00 20.98 ? 138  ASN A O   1 
ATOM   932  C  CB  . ASN A 1 138 ? 2.543   -6.416  -4.642  1.00 21.97 ? 138  ASN A CB  1 
ATOM   933  C  CG  . ASN A 1 138 ? 2.440   -6.210  -6.160  1.00 21.65 ? 138  ASN A CG  1 
ATOM   934  O  OD1 . ASN A 1 138 ? 2.679   -7.159  -6.943  1.00 27.39 ? 138  ASN A OD1 1 
ATOM   935  N  ND2 . ASN A 1 138 ? 2.190   -4.990  -6.586  1.00 20.04 ? 138  ASN A ND2 1 
ATOM   936  N  N   . PHE A 1 139 ? 2.934   -3.544  -3.800  1.00 20.93 ? 139  PHE A N   1 
ATOM   937  C  CA  . PHE A 1 139 ? 3.272   -2.174  -4.131  1.00 19.92 ? 139  PHE A CA  1 
ATOM   938  C  C   . PHE A 1 139 ? 4.762   -1.999  -4.169  1.00 20.47 ? 139  PHE A C   1 
ATOM   939  O  O   . PHE A 1 139 ? 5.510   -2.880  -3.774  1.00 19.17 ? 139  PHE A O   1 
ATOM   940  C  CB  . PHE A 1 139 ? 2.592   -1.158  -3.169  1.00 19.08 ? 139  PHE A CB  1 
ATOM   941  C  CG  . PHE A 1 139 ? 2.879   -1.402  -1.688  1.00 20.05 ? 139  PHE A CG  1 
ATOM   942  C  CD1 . PHE A 1 139 ? 1.975   -2.117  -0.879  1.00 22.50 ? 139  PHE A CD1 1 
ATOM   943  C  CD2 . PHE A 1 139 ? 4.031   -0.922  -1.112  1.00 22.22 ? 139  PHE A CD2 1 
ATOM   944  C  CE1 . PHE A 1 139 ? 2.206   -2.317  0.498   1.00 22.08 ? 139  PHE A CE1 1 
ATOM   945  C  CE2 . PHE A 1 139 ? 4.278   -1.132  0.242   1.00 21.64 ? 139  PHE A CE2 1 
ATOM   946  C  CZ  . PHE A 1 139 ? 3.356   -1.825  1.043   1.00 22.96 ? 139  PHE A CZ  1 
ATOM   947  N  N   . ILE A 1 140 ? 5.166   -0.874  -4.708  1.00 20.66 ? 140  ILE A N   1 
ATOM   948  C  CA  . ILE A 1 140 ? 6.572   -0.559  -4.922  1.00 20.52 ? 140  ILE A CA  1 
ATOM   949  C  C   . ILE A 1 140 ? 6.681   0.947   -5.066  1.00 21.08 ? 140  ILE A C   1 
ATOM   950  O  O   . ILE A 1 140 ? 5.767   1.613   -5.508  1.00 22.77 ? 140  ILE A O   1 
ATOM   951  C  CB  . ILE A 1 140 ? 7.129   -1.337  -6.194  1.00 20.85 ? 140  ILE A CB  1 
ATOM   952  C  CG1 . ILE A 1 140 ? 8.660   -1.270  -6.278  1.00 19.59 ? 140  ILE A CG1 1 
ATOM   953  C  CG2 . ILE A 1 140 ? 6.472   -0.851  -7.502  1.00 21.93 ? 140  ILE A CG2 1 
ATOM   954  C  CD1 . ILE A 1 140 ? 9.278   -2.188  -7.283  1.00 20.62 ? 140  ILE A CD1 1 
ATOM   955  N  N   . PHE A 1 141 ? 7.836   1.483   -4.729  1.00 21.38 ? 141  PHE A N   1 
ATOM   956  C  CA  . PHE A 1 141 ? 8.141   2.900   -4.891  1.00 22.23 ? 141  PHE A CA  1 
ATOM   957  C  C   . PHE A 1 141 ? 9.034   3.149   -6.123  1.00 23.45 ? 141  PHE A C   1 
ATOM   958  O  O   . PHE A 1 141 ? 9.717   2.243   -6.605  1.00 22.69 ? 141  PHE A O   1 
ATOM   959  C  CB  . PHE A 1 141 ? 8.824   3.437   -3.630  1.00 22.45 ? 141  PHE A CB  1 
ATOM   960  C  CG  . PHE A 1 141 ? 7.926   3.426   -2.435  1.00 21.78 ? 141  PHE A CG  1 
ATOM   961  C  CD1 . PHE A 1 141 ? 7.186   4.575   -2.076  1.00 21.04 ? 141  PHE A CD1 1 
ATOM   962  C  CD2 . PHE A 1 141 ? 7.822   2.274   -1.647  1.00 21.07 ? 141  PHE A CD2 1 
ATOM   963  C  CE1 . PHE A 1 141 ? 6.346   4.555   -0.955  1.00 23.71 ? 141  PHE A CE1 1 
ATOM   964  C  CE2 . PHE A 1 141 ? 6.953   2.237   -0.551  1.00 20.36 ? 141  PHE A CE2 1 
ATOM   965  C  CZ  . PHE A 1 141 ? 6.236   3.365   -0.185  1.00 20.86 ? 141  PHE A CZ  1 
ATOM   966  N  N   . SER A 1 142 ? 9.006   4.375   -6.619  1.00 24.70 ? 142  SER A N   1 
ATOM   967  C  CA  . SER A 1 142 ? 9.800   4.736   -7.742  1.00 27.40 ? 142  SER A CA  1 
ATOM   968  C  C   . SER A 1 142 ? 10.799  5.808   -7.316  1.00 28.39 ? 142  SER A C   1 
ATOM   969  O  O   . SER A 1 142 ? 10.483  6.744   -6.543  1.00 24.45 ? 142  SER A O   1 
ATOM   970  C  CB  . SER A 1 142 ? 8.928   5.162   -8.923  1.00 28.23 ? 142  SER A CB  1 
ATOM   971  O  OG  . SER A 1 142 ? 8.064   6.220   -8.548  1.00 32.58 ? 142  SER A OG  1 
ATOM   972  N  N   . ARG A 1 143 ? 11.999  5.649   -7.834  1.00 30.48 ? 143  ARG A N   1 
ATOM   973  C  CA  . ARG A 1 143 ? 13.092  6.435   -7.367  1.00 35.63 ? 143  ARG A CA  1 
ATOM   974  C  C   . ARG A 1 143 ? 12.907  7.848   -7.886  1.00 37.76 ? 143  ARG A C   1 
ATOM   975  O  O   . ARG A 1 143 ? 12.246  8.095   -8.922  1.00 36.70 ? 143  ARG A O   1 
ATOM   976  C  CB  . ARG A 1 143 ? 14.457  5.838   -7.761  1.00 35.91 ? 143  ARG A CB  1 
ATOM   977  C  CG  . ARG A 1 143 ? 14.754  5.944   -9.209  1.00 39.92 ? 143  ARG A CG  1 
ATOM   978  C  CD  . ARG A 1 143 ? 16.078  5.254   -9.609  1.00 45.30 ? 143  ARG A CD  1 
ATOM   979  N  NE  . ARG A 1 143 ? 16.298  5.360   -11.063 1.00 45.86 ? 143  ARG A NE  1 
ATOM   980  C  CZ  . ARG A 1 143 ? 17.415  5.799   -11.633 1.00 48.83 ? 143  ARG A CZ  1 
ATOM   981  N  NH1 . ARG A 1 143 ? 18.456  6.188   -10.891 1.00 49.94 ? 143  ARG A NH1 1 
ATOM   982  N  NH2 . ARG A 1 143 ? 17.493  5.833   -12.964 1.00 48.37 ? 143  ARG A NH2 1 
ATOM   983  N  N   . SER A 1 144 ? 13.409  8.787   -7.085  1.00 41.35 ? 144  SER A N   1 
ATOM   984  C  CA  . SER A 1 144 ? 13.498  10.160  -7.542  1.00 43.92 ? 144  SER A CA  1 
ATOM   985  C  C   . SER A 1 144 ? 14.530  10.257  -8.682  1.00 46.29 ? 144  SER A C   1 
ATOM   986  O  O   . SER A 1 144 ? 15.450  9.422   -8.801  1.00 45.95 ? 144  SER A O   1 
ATOM   987  C  CB  . SER A 1 144 ? 13.854  11.126  -6.387  1.00 44.03 ? 144  SER A CB  1 
ATOM   988  O  OG  . SER A 1 144 ? 14.902  10.621  -5.603  1.00 44.59 ? 144  SER A OG  1 
ATOM   989  N  N   . SER A 1 145 ? 14.324  11.280  -9.513  1.00 49.44 ? 145  SER A N   1 
ATOM   990  C  CA  . SER A 1 145 ? 15.204  11.671  -10.612 1.00 51.97 ? 145  SER A CA  1 
ATOM   991  C  C   . SER A 1 145 ? 16.257  12.668  -10.138 1.00 52.76 ? 145  SER A C   1 
ATOM   992  O  O   . SER A 1 145 ? 17.197  12.313  -9.418  1.00 54.49 ? 145  SER A O   1 
ATOM   993  C  CB  . SER A 1 145 ? 14.364  12.355  -11.715 1.00 52.62 ? 145  SER A CB  1 
ATOM   994  O  OG  . SER A 1 145 ? 15.031  12.284  -12.966 1.00 56.19 ? 145  SER A OG  1 
HETATM 995  NA NA  . NA  B 2 .   ? -9.578  -6.261  16.635  1.00 36.67 ? 1146 NA  A NA  1 
HETATM 996  CA CA  . CA  C 3 .   ? 0.680   -10.189 -2.960  1.00 23.78 ? 1147 CA  A CA  1 
HETATM 997  C  C1  . GOL D 4 .   ? 10.153  11.051  6.895   1.00 47.40 ? 1148 GOL A C1  1 
HETATM 998  O  O1  . GOL D 4 .   ? 11.017  11.687  7.828   1.00 50.04 ? 1148 GOL A O1  1 
HETATM 999  C  C2  . GOL D 4 .   ? 9.189   12.089  6.368   1.00 45.66 ? 1148 GOL A C2  1 
HETATM 1000 O  O2  . GOL D 4 .   ? 9.704   13.378  6.626   1.00 50.77 ? 1148 GOL A O2  1 
HETATM 1001 C  C3  . GOL D 4 .   ? 9.051   11.938  4.878   1.00 42.20 ? 1148 GOL A C3  1 
HETATM 1002 O  O3  . GOL D 4 .   ? 10.214  12.480  4.328   1.00 38.73 ? 1148 GOL A O3  1 
HETATM 1003 C  C1  . GOL E 4 .   ? -14.292 -7.038  0.266   1.00 49.71 ? 1149 GOL A C1  1 
HETATM 1004 O  O1  . GOL E 4 .   ? -13.838 -5.782  0.710   1.00 51.54 ? 1149 GOL A O1  1 
HETATM 1005 C  C2  . GOL E 4 .   ? -13.256 -7.630  -0.663  1.00 45.89 ? 1149 GOL A C2  1 
HETATM 1006 O  O2  . GOL E 4 .   ? -12.054 -7.864  0.019   1.00 41.53 ? 1149 GOL A O2  1 
HETATM 1007 C  C3  . GOL E 4 .   ? -13.721 -8.951  -1.294  1.00 45.26 ? 1149 GOL A C3  1 
HETATM 1008 O  O3  . GOL E 4 .   ? -12.825 -9.342  -2.336  1.00 39.88 ? 1149 GOL A O3  1 
HETATM 1009 O  O   . HOH F 5 .   ? 3.792   -12.423 6.730   1.00 52.92 ? 2001 HOH A O   1 
HETATM 1010 O  O   . HOH F 5 .   ? 12.858  -9.985  8.411   1.00 68.83 ? 2002 HOH A O   1 
HETATM 1011 O  O   . HOH F 5 .   ? 13.690  -8.324  6.940   0.50 33.38 ? 2003 HOH A O   1 
HETATM 1012 O  O   . HOH F 5 .   ? 16.524  -3.193  3.436   1.00 60.97 ? 2004 HOH A O   1 
HETATM 1013 O  O   . HOH F 5 .   ? 17.043  -1.789  -4.811  1.00 32.29 ? 2005 HOH A O   1 
HETATM 1014 O  O   . HOH F 5 .   ? 7.508   -13.150 -2.725  1.00 62.52 ? 2006 HOH A O   1 
HETATM 1015 O  O   . HOH F 5 .   ? 2.968   -13.815 -3.711  1.00 47.98 ? 2007 HOH A O   1 
HETATM 1016 O  O   . HOH F 5 .   ? 0.174   -10.696 10.537  0.50 41.76 ? 2008 HOH A O   1 
HETATM 1017 O  O   . HOH F 5 .   ? 2.177   -13.833 10.662  1.00 69.81 ? 2009 HOH A O   1 
HETATM 1018 O  O   . HOH F 5 .   ? 8.907   -9.099  -3.634  0.50 26.51 ? 2010 HOH A O   1 
HETATM 1019 O  O   . HOH F 5 .   ? 3.284   -9.868  -6.216  1.00 28.65 ? 2011 HOH A O   1 
HETATM 1020 O  O   . HOH F 5 .   ? 7.364   -10.625 -3.859  0.50 27.00 ? 2012 HOH A O   1 
HETATM 1021 O  O   . HOH F 5 .   ? -15.701 -8.398  6.818   1.00 53.61 ? 2013 HOH A O   1 
HETATM 1022 O  O   . HOH F 5 .   ? 2.404   -13.838 -0.639  1.00 43.93 ? 2014 HOH A O   1 
HETATM 1023 O  O   . HOH F 5 .   ? 0.608   -11.423 8.190   1.00 58.60 ? 2015 HOH A O   1 
HETATM 1024 O  O   . HOH F 5 .   ? 1.216   -13.544 4.586   1.00 59.94 ? 2016 HOH A O   1 
HETATM 1025 O  O   . HOH F 5 .   ? 7.129   -8.443  0.820   1.00 28.86 ? 2017 HOH A O   1 
HETATM 1026 O  O   . HOH F 5 .   ? 7.398   -12.775 -0.418  1.00 56.02 ? 2018 HOH A O   1 
HETATM 1027 O  O   . HOH F 5 .   ? -4.126  -9.048  11.690  1.00 45.44 ? 2019 HOH A O   1 
HETATM 1028 O  O   . HOH F 5 .   ? 1.519   -9.425  11.189  0.50 33.33 ? 2020 HOH A O   1 
HETATM 1029 O  O   . HOH F 5 .   ? 6.674   -7.607  12.418  1.00 50.16 ? 2021 HOH A O   1 
HETATM 1030 O  O   . HOH F 5 .   ? 1.369   -6.929  14.711  1.00 36.17 ? 2022 HOH A O   1 
HETATM 1031 O  O   . HOH F 5 .   ? 4.455   -2.699  12.699  0.50 15.06 ? 2023 HOH A O   1 
HETATM 1032 O  O   . HOH F 5 .   ? -16.986 0.791   7.240   1.00 59.74 ? 2024 HOH A O   1 
HETATM 1033 O  O   . HOH F 5 .   ? -8.733  7.598   8.893   1.00 44.23 ? 2025 HOH A O   1 
HETATM 1034 O  O   . HOH F 5 .   ? -5.133  7.141   10.628  1.00 45.58 ? 2026 HOH A O   1 
HETATM 1035 O  O   . HOH F 5 .   ? -11.245 4.383   11.982  0.50 35.17 ? 2027 HOH A O   1 
HETATM 1036 O  O   . HOH F 5 .   ? -10.563 -2.175  14.323  1.00 29.24 ? 2028 HOH A O   1 
HETATM 1037 O  O   . HOH F 5 .   ? 19.208  4.973   6.250   1.00 60.15 ? 2029 HOH A O   1 
HETATM 1038 O  O   . HOH F 5 .   ? 18.415  2.233   -2.585  1.00 58.59 ? 2030 HOH A O   1 
HETATM 1039 O  O   . HOH F 5 .   ? 18.638  -4.802  -0.363  1.00 70.80 ? 2031 HOH A O   1 
HETATM 1040 O  O   . HOH F 5 .   ? 20.029  11.406  1.257   1.00 59.22 ? 2032 HOH A O   1 
HETATM 1041 O  O   . HOH F 5 .   ? 17.760  4.959   -6.018  0.50 50.57 ? 2033 HOH A O   1 
HETATM 1042 O  O   . HOH F 5 .   ? -13.352 -10.202 7.660   1.00 37.41 ? 2034 HOH A O   1 
HETATM 1043 O  O   . HOH F 5 .   ? -11.928 -3.317  10.303  1.00 35.05 ? 2035 HOH A O   1 
HETATM 1044 O  O   . HOH F 5 .   ? 13.002  14.527  -6.885  1.00 47.14 ? 2036 HOH A O   1 
HETATM 1045 O  O   . HOH F 5 .   ? -7.542  -8.789  11.153  1.00 66.64 ? 2037 HOH A O   1 
HETATM 1046 O  O   . HOH F 5 .   ? -9.595  -14.731 3.248   1.00 48.26 ? 2038 HOH A O   1 
HETATM 1047 O  O   . HOH F 5 .   ? -6.351  -13.662 7.000   1.00 39.78 ? 2039 HOH A O   1 
HETATM 1048 O  O   . HOH F 5 .   ? -12.319 9.029   -4.156  1.00 62.18 ? 2040 HOH A O   1 
HETATM 1049 O  O   . HOH F 5 .   ? -10.965 7.904   -7.994  0.50 45.78 ? 2041 HOH A O   1 
HETATM 1050 O  O   . HOH F 5 .   ? -9.320  -15.535 -1.035  1.00 41.62 ? 2042 HOH A O   1 
HETATM 1051 O  O   . HOH F 5 .   ? -6.551  -17.908 -5.530  1.00 58.39 ? 2043 HOH A O   1 
HETATM 1052 O  O   . HOH F 5 .   ? -1.445  -12.710 -8.348  1.00 55.65 ? 2044 HOH A O   1 
HETATM 1053 O  O   . HOH F 5 .   ? -6.222  -17.745 -13.734 1.00 57.55 ? 2045 HOH A O   1 
HETATM 1054 O  O   . HOH F 5 .   ? 6.084   12.408  12.021  1.00 42.84 ? 2046 HOH A O   1 
HETATM 1055 O  O   . HOH F 5 .   ? 1.372   -15.709 -10.099 1.00 48.91 ? 2047 HOH A O   1 
HETATM 1056 O  O   . HOH F 5 .   ? -0.807  -19.139 -11.526 1.00 62.86 ? 2048 HOH A O   1 
HETATM 1057 O  O   . HOH F 5 .   ? 6.663   8.104   14.656  1.00 44.77 ? 2049 HOH A O   1 
HETATM 1058 O  O   . HOH F 5 .   ? -3.478  13.220  10.639  1.00 60.99 ? 2050 HOH A O   1 
HETATM 1059 O  O   . HOH F 5 .   ? -3.466  -17.881 -3.327  1.00 45.67 ? 2051 HOH A O   1 
HETATM 1060 O  O   . HOH F 5 .   ? 1.108   -12.287 -4.150  1.00 21.91 ? 2052 HOH A O   1 
HETATM 1061 O  O   . HOH F 5 .   ? -6.450  -17.733 0.991   1.00 65.79 ? 2053 HOH A O   1 
HETATM 1062 O  O   . HOH F 5 .   ? -10.368 -16.180 -9.093  1.00 68.43 ? 2054 HOH A O   1 
HETATM 1063 O  O   . HOH F 5 .   ? -14.661 -4.691  3.415   1.00 40.46 ? 2055 HOH A O   1 
HETATM 1064 O  O   . HOH F 5 .   ? -15.243 -5.878  5.728   1.00 46.46 ? 2056 HOH A O   1 
HETATM 1065 O  O   . HOH F 5 .   ? -15.801 0.943   4.829   1.00 39.41 ? 2057 HOH A O   1 
HETATM 1066 O  O   . HOH F 5 .   ? -15.290 1.861   9.108   1.00 47.92 ? 2058 HOH A O   1 
HETATM 1067 O  O   . HOH F 5 .   ? -9.774  7.242   6.688   1.00 57.57 ? 2059 HOH A O   1 
HETATM 1068 O  O   . HOH F 5 .   ? -17.474 4.499   5.335   1.00 67.11 ? 2060 HOH A O   1 
HETATM 1069 O  O   . HOH F 5 .   ? 15.254  3.123   10.986  1.00 69.52 ? 2061 HOH A O   1 
HETATM 1070 O  O   . HOH F 5 .   ? -7.385  5.858   10.624  1.00 32.69 ? 2062 HOH A O   1 
HETATM 1071 O  O   . HOH F 5 .   ? -11.772 -0.821  12.320  1.00 45.48 ? 2063 HOH A O   1 
HETATM 1072 O  O   . HOH F 5 .   ? -11.059 1.447   11.035  1.00 32.58 ? 2064 HOH A O   1 
HETATM 1073 O  O   . HOH F 5 .   ? -3.988  2.962   13.305  1.00 21.02 ? 2065 HOH A O   1 
HETATM 1074 O  O   . HOH F 5 .   ? -1.357  -0.179  11.029  1.00 22.83 ? 2066 HOH A O   1 
HETATM 1075 O  O   . HOH F 5 .   ? 9.205   -4.793  6.475   1.00 29.14 ? 2067 HOH A O   1 
HETATM 1076 O  O   . HOH F 5 .   ? 6.526   -1.463  12.007  0.50 22.40 ? 2068 HOH A O   1 
HETATM 1077 O  O   . HOH F 5 .   ? 8.650   -5.366  12.219  1.00 52.29 ? 2069 HOH A O   1 
HETATM 1078 O  O   . HOH F 5 .   ? 15.364  -1.457  5.533   1.00 40.51 ? 2070 HOH A O   1 
HETATM 1079 O  O   . HOH F 5 .   ? 11.652  2.427   10.215  1.00 34.99 ? 2071 HOH A O   1 
HETATM 1080 O  O   . HOH F 5 .   ? 16.674  1.352   -0.926  1.00 33.77 ? 2072 HOH A O   1 
HETATM 1081 O  O   . HOH F 5 .   ? 17.642  -1.934  1.137   1.00 53.56 ? 2073 HOH A O   1 
HETATM 1082 O  O   . HOH F 5 .   ? 20.439  1.722   1.538   1.00 49.31 ? 2074 HOH A O   1 
HETATM 1083 O  O   . HOH F 5 .   ? 19.042  4.486   3.667   1.00 29.59 ? 2075 HOH A O   1 
HETATM 1084 O  O   . HOH F 5 .   ? 20.176  8.635   2.336   1.00 54.96 ? 2076 HOH A O   1 
HETATM 1085 O  O   . HOH F 5 .   ? 18.914  4.796   -3.135  1.00 42.23 ? 2077 HOH A O   1 
HETATM 1086 O  O   . HOH F 5 .   ? 18.551  12.675  -2.191  1.00 63.25 ? 2078 HOH A O   1 
HETATM 1087 O  O   . HOH F 5 .   ? 16.742  7.140   -5.154  0.50 31.97 ? 2079 HOH A O   1 
HETATM 1088 O  O   . HOH F 5 .   ? 6.932   11.070  -9.568  1.00 62.00 ? 2080 HOH A O   1 
HETATM 1089 O  O   . HOH F 5 .   ? 11.518  12.698  -9.094  1.00 44.66 ? 2081 HOH A O   1 
HETATM 1090 O  O   . HOH F 5 .   ? 6.428   2.956   -8.145  0.50 21.87 ? 2082 HOH A O   1 
HETATM 1091 O  O   . HOH F 5 .   ? -19.264 -4.925  -5.489  1.00 58.54 ? 2083 HOH A O   1 
HETATM 1092 O  O   . HOH F 5 .   ? -16.368 -9.429  -8.270  1.00 38.40 ? 2084 HOH A O   1 
HETATM 1093 O  O   . HOH F 5 .   ? -14.416 4.350   -0.334  0.50 44.98 ? 2085 HOH A O   1 
HETATM 1094 O  O   . HOH F 5 .   ? -11.324 7.701   -6.063  0.50 31.13 ? 2086 HOH A O   1 
HETATM 1095 O  O   . HOH F 5 .   ? -11.889 8.785   -1.741  1.00 60.80 ? 2087 HOH A O   1 
HETATM 1096 O  O   . HOH F 5 .   ? -5.254  9.584   8.305   1.00 45.54 ? 2088 HOH A O   1 
HETATM 1097 O  O   . HOH F 5 .   ? -6.093  13.033  6.473   1.00 48.53 ? 2089 HOH A O   1 
HETATM 1098 O  O   . HOH F 5 .   ? 8.090   4.396   13.444  1.00 50.26 ? 2090 HOH A O   1 
HETATM 1099 O  O   . HOH F 5 .   ? 9.632   4.828   10.931  1.00 26.01 ? 2091 HOH A O   1 
HETATM 1100 O  O   . HOH F 5 .   ? 6.728   11.539  9.554   1.00 27.22 ? 2092 HOH A O   1 
HETATM 1101 O  O   . HOH F 5 .   ? 4.917   9.755   13.333  1.00 34.57 ? 2093 HOH A O   1 
HETATM 1102 O  O   . HOH F 5 .   ? -3.852  10.346  10.329  1.00 48.08 ? 2094 HOH A O   1 
HETATM 1103 O  O   . HOH F 5 .   ? 2.657   11.366  15.024  1.00 65.54 ? 2095 HOH A O   1 
HETATM 1104 O  O   . HOH F 5 .   ? -1.044  14.276  11.321  1.00 48.45 ? 2096 HOH A O   1 
HETATM 1105 O  O   . HOH F 5 .   ? 4.440   15.271  9.915   0.50 50.43 ? 2097 HOH A O   1 
HETATM 1106 O  O   . HOH F 5 .   ? 4.935   16.056  8.398   0.50 26.74 ? 2098 HOH A O   1 
HETATM 1107 O  O   . HOH F 5 .   ? 1.586   15.472  6.747   1.00 36.31 ? 2099 HOH A O   1 
HETATM 1108 O  O   . HOH F 5 .   ? -5.448  12.464  1.349   1.00 36.01 ? 2100 HOH A O   1 
HETATM 1109 O  O   . HOH F 5 .   ? -3.746  8.599   -7.594  0.33 16.01 ? 2101 HOH A O   1 
HETATM 1110 O  O   . HOH F 5 .   ? -5.235  7.744   -9.713  0.33 32.11 ? 2102 HOH A O   1 
HETATM 1111 O  O   . HOH F 5 .   ? -7.681  4.210   -10.882 1.00 40.05 ? 2103 HOH A O   1 
HETATM 1112 O  O   . HOH F 5 .   ? -13.294 2.898   -12.997 1.00 42.64 ? 2104 HOH A O   1 
HETATM 1113 O  O   . HOH F 5 .   ? -13.704 -10.965 -11.934 1.00 55.83 ? 2105 HOH A O   1 
HETATM 1114 O  O   . HOH F 5 .   ? -8.496  -11.308 -5.398  1.00 30.51 ? 2106 HOH A O   1 
HETATM 1115 O  O   . HOH F 5 .   ? -9.150  -14.745 -6.813  1.00 45.02 ? 2107 HOH A O   1 
HETATM 1116 O  O   . HOH F 5 .   ? -13.277 -6.382  -14.545 1.00 51.37 ? 2108 HOH A O   1 
HETATM 1117 O  O   . HOH F 5 .   ? -10.867 -9.468  -14.788 1.00 50.05 ? 2109 HOH A O   1 
HETATM 1118 O  O   . HOH F 5 .   ? -5.373  -4.227  -15.079 1.00 44.74 ? 2110 HOH A O   1 
HETATM 1119 O  O   . HOH F 5 .   ? -2.436  -2.765  -14.733 1.00 27.04 ? 2111 HOH A O   1 
HETATM 1120 O  O   . HOH F 5 .   ? -2.963  0.148   -14.909 1.00 53.02 ? 2112 HOH A O   1 
HETATM 1121 O  O   . HOH F 5 .   ? 2.404   -3.521  -11.886 1.00 55.52 ? 2113 HOH A O   1 
HETATM 1122 O  O   . HOH F 5 .   ? -3.715  3.241   -13.700 1.00 44.37 ? 2114 HOH A O   1 
HETATM 1123 O  O   . HOH F 5 .   ? -0.500  1.654   -15.443 1.00 54.30 ? 2115 HOH A O   1 
HETATM 1124 O  O   . HOH F 5 .   ? -1.909  5.329   -12.337 1.00 38.66 ? 2116 HOH A O   1 
HETATM 1125 O  O   . HOH F 5 .   ? 0.799   3.193   -13.225 0.50 38.39 ? 2117 HOH A O   1 
HETATM 1126 O  O   . HOH F 5 .   ? -3.790  10.961  -7.585  1.00 60.91 ? 2118 HOH A O   1 
HETATM 1127 O  O   . HOH F 5 .   ? 4.122   8.589   -10.089 1.00 56.98 ? 2119 HOH A O   1 
HETATM 1128 O  O   . HOH F 5 .   ? -1.755  13.026  -7.267  1.00 26.92 ? 2120 HOH A O   1 
HETATM 1129 O  O   . HOH F 5 .   ? -0.271  12.163  -3.980  1.00 26.71 ? 2121 HOH A O   1 
HETATM 1130 O  O   . HOH F 5 .   ? 6.223   14.020  -6.478  1.00 23.45 ? 2122 HOH A O   1 
HETATM 1131 O  O   . HOH F 5 .   ? 8.621   13.261  2.106   1.00 25.92 ? 2123 HOH A O   1 
HETATM 1132 O  O   . HOH F 5 .   ? 13.263  13.809  1.634   1.00 37.67 ? 2124 HOH A O   1 
HETATM 1133 O  O   . HOH F 5 .   ? 10.846  16.112  0.402   1.00 22.39 ? 2125 HOH A O   1 
HETATM 1134 O  O   . HOH F 5 .   ? 18.443  16.159  -3.054  1.00 45.11 ? 2126 HOH A O   1 
HETATM 1135 O  O   . HOH F 5 .   ? 16.955  15.261  -5.651  1.00 56.13 ? 2127 HOH A O   1 
HETATM 1136 O  O   . HOH F 5 .   ? 15.729  10.142  6.810   0.50 43.50 ? 2128 HOH A O   1 
HETATM 1137 O  O   . HOH F 5 .   ? 15.420  13.586  3.208   1.00 55.69 ? 2129 HOH A O   1 
HETATM 1138 O  O   . HOH F 5 .   ? 17.334  10.205  5.298   1.00 49.75 ? 2130 HOH A O   1 
HETATM 1139 O  O   . HOH F 5 .   ? 12.417  4.921   11.073  1.00 62.95 ? 2131 HOH A O   1 
HETATM 1140 O  O   . HOH F 5 .   ? 15.499  7.707   9.133   1.00 66.82 ? 2132 HOH A O   1 
HETATM 1141 O  O   . HOH F 5 .   ? 17.457  6.166   7.903   1.00 35.03 ? 2133 HOH A O   1 
HETATM 1142 O  O   . HOH F 5 .   ? 14.368  11.360  6.341   0.50 35.29 ? 2134 HOH A O   1 
HETATM 1143 O  O   . HOH F 5 .   ? 4.953   2.638   12.484  1.00 23.31 ? 2135 HOH A O   1 
HETATM 1144 O  O   . HOH F 5 .   ? -7.473  7.357   3.283   1.00 31.77 ? 2136 HOH A O   1 
HETATM 1145 O  O   . HOH F 5 .   ? -14.358 7.412   3.246   1.00 56.20 ? 2137 HOH A O   1 
HETATM 1146 O  O   . HOH F 5 .   ? -13.240 6.633   0.123   0.50 46.69 ? 2138 HOH A O   1 
HETATM 1147 O  O   . HOH F 5 .   ? -16.351 3.042   3.199   1.00 59.18 ? 2139 HOH A O   1 
HETATM 1148 O  O   . HOH F 5 .   ? -9.212  2.368   0.680   1.00 52.21 ? 2140 HOH A O   1 
HETATM 1149 O  O   . HOH F 5 .   ? -11.205 -4.767  0.847   1.00 28.53 ? 2141 HOH A O   1 
HETATM 1150 O  O   . HOH F 5 .   ? -2.991  -9.633  -8.784  1.00 24.56 ? 2142 HOH A O   1 
HETATM 1151 O  O   . HOH F 5 .   ? 1.061   -11.503 -6.868  1.00 33.03 ? 2143 HOH A O   1 
HETATM 1152 O  O   . HOH F 5 .   ? 3.689   -5.498  -9.464  0.50 30.79 ? 2144 HOH A O   1 
HETATM 1153 O  O   . HOH F 5 .   ? 2.605   -2.721  -7.901  1.00 41.88 ? 2145 HOH A O   1 
HETATM 1154 O  O   . HOH F 5 .   ? 5.828   5.258   -8.766  0.50 37.81 ? 2146 HOH A O   1 
HETATM 1155 O  O   . HOH F 5 .   ? 9.230   8.878   -9.436  1.00 45.47 ? 2147 HOH A O   1 
HETATM 1156 O  O   . HOH F 5 .   ? 14.499  3.337   -10.925 1.00 45.46 ? 2148 HOH A O   1 
HETATM 1157 O  O   . HOH F 5 .   ? 12.127  3.564   -9.770  1.00 47.16 ? 2149 HOH A O   1 
HETATM 1158 O  O   . HOH F 5 .   ? 11.494  6.011   -11.472 1.00 54.03 ? 2150 HOH A O   1 
HETATM 1159 O  O   . HOH F 5 .   ? 21.249  6.479   -11.638 1.00 64.86 ? 2151 HOH A O   1 
HETATM 1160 O  O   . HOH F 5 .   ? 19.124  13.138  -11.649 1.00 55.81 ? 2152 HOH A O   1 
HETATM 1161 O  O   . HOH F 5 .   ? 12.744  11.953  4.063   1.00 31.62 ? 2153 HOH A O   1 
HETATM 1162 O  O   . HOH F 5 .   ? 10.624  10.948  9.920   1.00 47.73 ? 2154 HOH A O   1 
# 
loop_
_pdbx_poly_seq_scheme.asym_id 
_pdbx_poly_seq_scheme.entity_id 
_pdbx_poly_seq_scheme.seq_id 
_pdbx_poly_seq_scheme.mon_id 
_pdbx_poly_seq_scheme.ndb_seq_num 
_pdbx_poly_seq_scheme.pdb_seq_num 
_pdbx_poly_seq_scheme.auth_seq_num 
_pdbx_poly_seq_scheme.pdb_mon_id 
_pdbx_poly_seq_scheme.auth_mon_id 
_pdbx_poly_seq_scheme.pdb_strand_id 
_pdbx_poly_seq_scheme.pdb_ins_code 
_pdbx_poly_seq_scheme.hetero 
A 1 1   GLY 1   1   ?   ?   ?   A . n 
A 1 2   SER 2   2   ?   ?   ?   A . n 
A 1 3   HIS 3   3   ?   ?   ?   A . n 
A 1 4   MET 4   4   ?   ?   ?   A . n 
A 1 5   ALA 5   5   ?   ?   ?   A . n 
A 1 6   SER 6   6   ?   ?   ?   A . n 
A 1 7   PRO 7   7   ?   ?   ?   A . n 
A 1 8   THR 8   8   ?   ?   ?   A . n 
A 1 9   PRO 9   9   ?   ?   ?   A . n 
A 1 10  ALA 10  10  ?   ?   ?   A . n 
A 1 11  PRO 11  11  ?   ?   ?   A . n 
A 1 12  SER 12  12  ?   ?   ?   A . n 
A 1 13  GLN 13  13  ?   ?   ?   A . n 
A 1 14  SER 14  14  14  SER SER A . n 
A 1 15  PRO 15  15  15  PRO PRO A . n 
A 1 16  ILE 16  16  16  ILE ILE A . n 
A 1 17  ARG 17  17  17  ARG ARG A . n 
A 1 18  ARG 18  18  18  ARG ARG A . n 
A 1 19  ASP 19  19  19  ASP ASP A . n 
A 1 20  ALA 20  20  20  ALA ALA A . n 
A 1 21  PHE 21  21  21  PHE PHE A . n 
A 1 22  SER 22  22  22  SER SER A . n 
A 1 23  ILE 23  23  23  ILE ILE A . n 
A 1 24  ILE 24  24  24  ILE ILE A . n 
A 1 25  GLU 25  25  25  GLU GLU A . n 
A 1 26  ALA 26  26  26  ALA ALA A . n 
A 1 27  GLU 27  27  27  GLU GLU A . n 
A 1 28  GLU 28  28  28  GLU GLU A . n 
A 1 29  TYR 29  29  29  TYR TYR A . n 
A 1 30  ASN 30  30  30  ASN ASN A . n 
A 1 31  SER 31  31  31  SER SER A . n 
A 1 32  THR 32  32  32  THR THR A . n 
A 1 33  ASN 33  33  33  ASN ASN A . n 
A 1 34  SER 34  34  34  SER SER A . n 
A 1 35  SER 35  35  35  SER SER A . n 
A 1 36  THR 36  36  36  THR THR A . n 
A 1 37  LEU 37  37  37  LEU LEU A . n 
A 1 38  GLN 38  38  38  GLN GLN A . n 
A 1 39  VAL 39  39  39  VAL VAL A . n 
A 1 40  ILE 40  40  40  ILE ILE A . n 
A 1 41  GLY 41  41  41  GLY GLY A . n 
A 1 42  THR 42  42  42  THR THR A . n 
A 1 43  PRO 43  43  43  PRO PRO A . n 
A 1 44  ASN 44  44  44  ASN ASN A . n 
A 1 45  ASN 45  45  45  ASN ASN A . n 
A 1 46  GLY 46  46  46  GLY GLY A . n 
A 1 47  ARG 47  47  47  ARG ARG A . n 
A 1 48  GLY 48  48  48  GLY GLY A . n 
A 1 49  ILE 49  49  49  ILE ILE A . n 
A 1 50  GLY 50  50  50  GLY GLY A . n 
A 1 51  TYR 51  51  51  TYR TYR A . n 
A 1 52  ILE 52  52  52  ILE ILE A . n 
A 1 53  GLU 53  53  53  GLU GLU A . n 
A 1 54  ASN 54  54  54  ASN ASN A . n 
A 1 55  GLY 55  55  55  GLY GLY A . n 
A 1 56  ASN 56  56  56  ASN ASN A . n 
A 1 57  THR 57  57  57  THR THR A . n 
A 1 58  VAL 58  58  58  VAL VAL A . n 
A 1 59  THR 59  59  59  THR THR A . n 
A 1 60  TYR 60  60  60  TYR TYR A . n 
A 1 61  SER 61  61  61  SER SER A . n 
A 1 62  ASN 62  62  62  ASN ASN A . n 
A 1 63  ILE 63  63  63  ILE ILE A . n 
A 1 64  ASP 64  64  64  ASP ASP A . n 
A 1 65  PHE 65  65  65  PHE PHE A . n 
A 1 66  GLY 66  66  66  GLY GLY A . n 
A 1 67  SER 67  67  67  SER SER A . n 
A 1 68  GLY 68  68  68  GLY GLY A . n 
A 1 69  ALA 69  69  69  ALA ALA A . n 
A 1 70  THR 70  70  70  THR THR A . n 
A 1 71  GLY 71  71  71  GLY GLY A . n 
A 1 72  PHE 72  72  72  PHE PHE A . n 
A 1 73  SER 73  73  73  SER SER A . n 
A 1 74  ALA 74  74  74  ALA ALA A . n 
A 1 75  THR 75  75  75  THR THR A . n 
A 1 76  VAL 76  76  76  VAL VAL A . n 
A 1 77  ALA 77  77  77  ALA ALA A . n 
A 1 78  THR 78  78  78  THR THR A . n 
A 1 79  GLU 79  79  79  GLU GLU A . n 
A 1 80  VAL 80  80  80  VAL VAL A . n 
A 1 81  ASN 81  81  81  ASN ASN A . n 
A 1 82  THR 82  82  82  THR THR A . n 
A 1 83  SER 83  83  83  SER SER A . n 
A 1 84  ILE 84  84  84  ILE ILE A . n 
A 1 85  GLN 85  85  85  GLN GLN A . n 
A 1 86  ILE 86  86  86  ILE ILE A . n 
A 1 87  ARG 87  87  87  ARG ARG A . n 
A 1 88  SER 88  88  88  SER SER A . n 
A 1 89  ASP 89  89  89  ASP ASP A . n 
A 1 90  SER 90  90  90  SER SER A . n 
A 1 91  PRO 91  91  91  PRO PRO A . n 
A 1 92  THR 92  92  92  THR THR A . n 
A 1 93  GLY 93  93  93  GLY GLY A . n 
A 1 94  THR 94  94  94  THR THR A . n 
A 1 95  LEU 95  95  95  LEU LEU A . n 
A 1 96  LEU 96  96  96  LEU LEU A . n 
A 1 97  GLY 97  97  97  GLY GLY A . n 
A 1 98  THR 98  98  98  THR THR A . n 
A 1 99  LEU 99  99  99  LEU LEU A . n 
A 1 100 TYR 100 100 100 TYR TYR A . n 
A 1 101 VAL 101 101 101 VAL VAL A . n 
A 1 102 SER 102 102 102 SER SER A . n 
A 1 103 SER 103 103 103 SER SER A . n 
A 1 104 THR 104 104 104 THR THR A . n 
A 1 105 GLY 105 105 105 GLY GLY A . n 
A 1 106 SER 106 106 106 SER SER A . n 
A 1 107 TRP 107 107 107 TRP TRP A . n 
A 1 108 ASN 108 108 108 ASN ASN A . n 
A 1 109 THR 109 109 109 THR THR A . n 
A 1 110 TYR 110 110 110 TYR TYR A . n 
A 1 111 ASN 111 111 111 ASN ASN A . n 
A 1 112 THR 112 112 112 THR THR A . n 
A 1 113 VAL 113 113 113 VAL VAL A . n 
A 1 114 SER 114 114 114 SER SER A . n 
A 1 115 THR 115 115 115 THR THR A . n 
A 1 116 ASN 116 116 116 ASN ASN A . n 
A 1 117 ILE 117 117 117 ILE ILE A . n 
A 1 118 SER 118 118 118 SER SER A . n 
A 1 119 LYS 119 119 119 LYS LYS A . n 
A 1 120 ILE 120 120 120 ILE ILE A . n 
A 1 121 THR 121 121 121 THR THR A . n 
A 1 122 GLY 122 122 122 GLY GLY A . n 
A 1 123 VAL 123 123 123 VAL VAL A . n 
A 1 124 HIS 124 124 124 HIS HIS A . n 
A 1 125 ASP 125 125 125 ASP ASP A . n 
A 1 126 ILE 126 126 126 ILE ILE A . n 
A 1 127 VAL 127 127 127 VAL VAL A . n 
A 1 128 LEU 128 128 128 LEU LEU A . n 
A 1 129 VAL 129 129 129 VAL VAL A . n 
A 1 130 PHE 130 130 130 PHE PHE A . n 
A 1 131 SER 131 131 131 SER SER A . n 
A 1 132 GLY 132 132 132 GLY GLY A . n 
A 1 133 PRO 133 133 133 PRO PRO A . n 
A 1 134 VAL 134 134 134 VAL VAL A . n 
A 1 135 ASN 135 135 135 ASN ASN A . n 
A 1 136 VAL 136 136 136 VAL VAL A . n 
A 1 137 ASP 137 137 137 ASP ASP A . n 
A 1 138 ASN 138 138 138 ASN ASN A . n 
A 1 139 PHE 139 139 139 PHE PHE A . n 
A 1 140 ILE 140 140 140 ILE ILE A . n 
A 1 141 PHE 141 141 141 PHE PHE A . n 
A 1 142 SER 142 142 142 SER SER A . n 
A 1 143 ARG 143 143 143 ARG ARG A . n 
A 1 144 SER 144 144 144 SER SER A . n 
A 1 145 SER 145 145 145 SER SER A . n 
# 
loop_
_pdbx_nonpoly_scheme.asym_id 
_pdbx_nonpoly_scheme.entity_id 
_pdbx_nonpoly_scheme.mon_id 
_pdbx_nonpoly_scheme.ndb_seq_num 
_pdbx_nonpoly_scheme.pdb_seq_num 
_pdbx_nonpoly_scheme.auth_seq_num 
_pdbx_nonpoly_scheme.pdb_mon_id 
_pdbx_nonpoly_scheme.auth_mon_id 
_pdbx_nonpoly_scheme.pdb_strand_id 
_pdbx_nonpoly_scheme.pdb_ins_code 
B 2 NA  1   1146 1146 NA  NA  A . 
C 3 CA  1   1147 1147 CA  CA  A . 
D 4 GOL 1   1148 1148 GOL GOL A . 
E 4 GOL 1   1149 1149 GOL GOL A . 
F 5 HOH 1   2001 2001 HOH HOH A . 
F 5 HOH 2   2002 2002 HOH HOH A . 
F 5 HOH 3   2003 2003 HOH HOH A . 
F 5 HOH 4   2004 2004 HOH HOH A . 
F 5 HOH 5   2005 2005 HOH HOH A . 
F 5 HOH 6   2006 2006 HOH HOH A . 
F 5 HOH 7   2007 2007 HOH HOH A . 
F 5 HOH 8   2008 2008 HOH HOH A . 
F 5 HOH 9   2009 2009 HOH HOH A . 
F 5 HOH 10  2010 2010 HOH HOH A . 
F 5 HOH 11  2011 2011 HOH HOH A . 
F 5 HOH 12  2012 2012 HOH HOH A . 
F 5 HOH 13  2013 2013 HOH HOH A . 
F 5 HOH 14  2014 2014 HOH HOH A . 
F 5 HOH 15  2015 2015 HOH HOH A . 
F 5 HOH 16  2016 2016 HOH HOH A . 
F 5 HOH 17  2017 2017 HOH HOH A . 
F 5 HOH 18  2018 2018 HOH HOH A . 
F 5 HOH 19  2019 2019 HOH HOH A . 
F 5 HOH 20  2020 2020 HOH HOH A . 
F 5 HOH 21  2021 2021 HOH HOH A . 
F 5 HOH 22  2022 2022 HOH HOH A . 
F 5 HOH 23  2023 2023 HOH HOH A . 
F 5 HOH 24  2024 2024 HOH HOH A . 
F 5 HOH 25  2025 2025 HOH HOH A . 
F 5 HOH 26  2026 2026 HOH HOH A . 
F 5 HOH 27  2027 2027 HOH HOH A . 
F 5 HOH 28  2028 2028 HOH HOH A . 
F 5 HOH 29  2029 2029 HOH HOH A . 
F 5 HOH 30  2030 2030 HOH HOH A . 
F 5 HOH 31  2031 2031 HOH HOH A . 
F 5 HOH 32  2032 2032 HOH HOH A . 
F 5 HOH 33  2033 2033 HOH HOH A . 
F 5 HOH 34  2034 2034 HOH HOH A . 
F 5 HOH 35  2035 2035 HOH HOH A . 
F 5 HOH 36  2036 2036 HOH HOH A . 
F 5 HOH 37  2037 2037 HOH HOH A . 
F 5 HOH 38  2038 2038 HOH HOH A . 
F 5 HOH 39  2039 2039 HOH HOH A . 
F 5 HOH 40  2040 2040 HOH HOH A . 
F 5 HOH 41  2041 2041 HOH HOH A . 
F 5 HOH 42  2042 2042 HOH HOH A . 
F 5 HOH 43  2043 2043 HOH HOH A . 
F 5 HOH 44  2044 2044 HOH HOH A . 
F 5 HOH 45  2045 2045 HOH HOH A . 
F 5 HOH 46  2046 2046 HOH HOH A . 
F 5 HOH 47  2047 2047 HOH HOH A . 
F 5 HOH 48  2048 2048 HOH HOH A . 
F 5 HOH 49  2049 2049 HOH HOH A . 
F 5 HOH 50  2050 2050 HOH HOH A . 
F 5 HOH 51  2051 2051 HOH HOH A . 
F 5 HOH 52  2052 2052 HOH HOH A . 
F 5 HOH 53  2053 2053 HOH HOH A . 
F 5 HOH 54  2054 2054 HOH HOH A . 
F 5 HOH 55  2055 2055 HOH HOH A . 
F 5 HOH 56  2056 2056 HOH HOH A . 
F 5 HOH 57  2057 2057 HOH HOH A . 
F 5 HOH 58  2058 2058 HOH HOH A . 
F 5 HOH 59  2059 2059 HOH HOH A . 
F 5 HOH 60  2060 2060 HOH HOH A . 
F 5 HOH 61  2061 2061 HOH HOH A . 
F 5 HOH 62  2062 2062 HOH HOH A . 
F 5 HOH 63  2063 2063 HOH HOH A . 
F 5 HOH 64  2064 2064 HOH HOH A . 
F 5 HOH 65  2065 2065 HOH HOH A . 
F 5 HOH 66  2066 2066 HOH HOH A . 
F 5 HOH 67  2067 2067 HOH HOH A . 
F 5 HOH 68  2068 2068 HOH HOH A . 
F 5 HOH 69  2069 2069 HOH HOH A . 
F 5 HOH 70  2070 2070 HOH HOH A . 
F 5 HOH 71  2071 2071 HOH HOH A . 
F 5 HOH 72  2072 2072 HOH HOH A . 
F 5 HOH 73  2073 2073 HOH HOH A . 
F 5 HOH 74  2074 2074 HOH HOH A . 
F 5 HOH 75  2075 2075 HOH HOH A . 
F 5 HOH 76  2076 2076 HOH HOH A . 
F 5 HOH 77  2077 2077 HOH HOH A . 
F 5 HOH 78  2078 2078 HOH HOH A . 
F 5 HOH 79  2079 2079 HOH HOH A . 
F 5 HOH 80  2080 2080 HOH HOH A . 
F 5 HOH 81  2081 2081 HOH HOH A . 
F 5 HOH 82  2082 2082 HOH HOH A . 
F 5 HOH 83  2083 2083 HOH HOH A . 
F 5 HOH 84  2084 2084 HOH HOH A . 
F 5 HOH 85  2085 2085 HOH HOH A . 
F 5 HOH 86  2086 2086 HOH HOH A . 
F 5 HOH 87  2087 2087 HOH HOH A . 
F 5 HOH 88  2088 2088 HOH HOH A . 
F 5 HOH 89  2089 2089 HOH HOH A . 
F 5 HOH 90  2090 2090 HOH HOH A . 
F 5 HOH 91  2091 2091 HOH HOH A . 
F 5 HOH 92  2092 2092 HOH HOH A . 
F 5 HOH 93  2093 2093 HOH HOH A . 
F 5 HOH 94  2094 2094 HOH HOH A . 
F 5 HOH 95  2095 2095 HOH HOH A . 
F 5 HOH 96  2096 2096 HOH HOH A . 
F 5 HOH 97  2097 2097 HOH HOH A . 
F 5 HOH 98  2098 2098 HOH HOH A . 
F 5 HOH 99  2099 2099 HOH HOH A . 
F 5 HOH 100 2100 2100 HOH HOH A . 
F 5 HOH 101 2101 2101 HOH HOH A . 
F 5 HOH 102 2102 2102 HOH HOH A . 
F 5 HOH 103 2103 2103 HOH HOH A . 
F 5 HOH 104 2104 2104 HOH HOH A . 
F 5 HOH 105 2105 2105 HOH HOH A . 
F 5 HOH 106 2106 2106 HOH HOH A . 
F 5 HOH 107 2107 2107 HOH HOH A . 
F 5 HOH 108 2108 2108 HOH HOH A . 
F 5 HOH 109 2109 2109 HOH HOH A . 
F 5 HOH 110 2110 2110 HOH HOH A . 
F 5 HOH 111 2111 2111 HOH HOH A . 
F 5 HOH 112 2112 2112 HOH HOH A . 
F 5 HOH 113 2113 2113 HOH HOH A . 
F 5 HOH 114 2114 2114 HOH HOH A . 
F 5 HOH 115 2115 2115 HOH HOH A . 
F 5 HOH 116 2116 2116 HOH HOH A . 
F 5 HOH 117 2117 2117 HOH HOH A . 
F 5 HOH 118 2118 2118 HOH HOH A . 
F 5 HOH 119 2119 2119 HOH HOH A . 
F 5 HOH 120 2120 2120 HOH HOH A . 
F 5 HOH 121 2121 2121 HOH HOH A . 
F 5 HOH 122 2122 2122 HOH HOH A . 
F 5 HOH 123 2123 2123 HOH HOH A . 
F 5 HOH 124 2124 2124 HOH HOH A . 
F 5 HOH 125 2125 2125 HOH HOH A . 
F 5 HOH 126 2126 2126 HOH HOH A . 
F 5 HOH 127 2127 2127 HOH HOH A . 
F 5 HOH 128 2128 2128 HOH HOH A . 
F 5 HOH 129 2129 2129 HOH HOH A . 
F 5 HOH 130 2130 2130 HOH HOH A . 
F 5 HOH 131 2131 2131 HOH HOH A . 
F 5 HOH 132 2132 2132 HOH HOH A . 
F 5 HOH 133 2133 2133 HOH HOH A . 
F 5 HOH 134 2134 2134 HOH HOH A . 
F 5 HOH 135 2135 2135 HOH HOH A . 
F 5 HOH 136 2136 2136 HOH HOH A . 
F 5 HOH 137 2137 2137 HOH HOH A . 
F 5 HOH 138 2138 2138 HOH HOH A . 
F 5 HOH 139 2139 2139 HOH HOH A . 
F 5 HOH 140 2140 2140 HOH HOH A . 
F 5 HOH 141 2141 2141 HOH HOH A . 
F 5 HOH 142 2142 2142 HOH HOH A . 
F 5 HOH 143 2143 2143 HOH HOH A . 
F 5 HOH 144 2144 2144 HOH HOH A . 
F 5 HOH 145 2145 2145 HOH HOH A . 
F 5 HOH 146 2146 2146 HOH HOH A . 
F 5 HOH 147 2147 2147 HOH HOH A . 
F 5 HOH 148 2148 2148 HOH HOH A . 
F 5 HOH 149 2149 2149 HOH HOH A . 
F 5 HOH 150 2150 2150 HOH HOH A . 
F 5 HOH 151 2151 2151 HOH HOH A . 
F 5 HOH 152 2152 2152 HOH HOH A . 
F 5 HOH 153 2153 2153 HOH HOH A . 
F 5 HOH 154 2154 2154 HOH HOH A . 
# 
_pdbx_struct_assembly.id                   1 
_pdbx_struct_assembly.details              author_and_software_defined_assembly 
_pdbx_struct_assembly.method_details       PQS 
_pdbx_struct_assembly.oligomeric_details   monomeric 
_pdbx_struct_assembly.oligomeric_count     1 
# 
_pdbx_struct_assembly_gen.assembly_id       1 
_pdbx_struct_assembly_gen.oper_expression   1 
_pdbx_struct_assembly_gen.asym_id_list      A,B,C,D,E,F 
# 
_pdbx_struct_oper_list.id                   1 
_pdbx_struct_oper_list.type                 'identity operation' 
_pdbx_struct_oper_list.name                 1_555 
_pdbx_struct_oper_list.symmetry_operation   x,y,z 
_pdbx_struct_oper_list.matrix[1][1]         1.0000000000 
_pdbx_struct_oper_list.matrix[1][2]         0.0000000000 
_pdbx_struct_oper_list.matrix[1][3]         0.0000000000 
_pdbx_struct_oper_list.vector[1]            0.0000000000 
_pdbx_struct_oper_list.matrix[2][1]         0.0000000000 
_pdbx_struct_oper_list.matrix[2][2]         1.0000000000 
_pdbx_struct_oper_list.matrix[2][3]         0.0000000000 
_pdbx_struct_oper_list.vector[2]            0.0000000000 
_pdbx_struct_oper_list.matrix[3][1]         0.0000000000 
_pdbx_struct_oper_list.matrix[3][2]         0.0000000000 
_pdbx_struct_oper_list.matrix[3][3]         1.0000000000 
_pdbx_struct_oper_list.vector[3]            0.0000000000 
# 
_pdbx_struct_special_symmetry.id              1 
_pdbx_struct_special_symmetry.PDB_model_num   1 
_pdbx_struct_special_symmetry.auth_asym_id    A 
_pdbx_struct_special_symmetry.auth_comp_id    HOH 
_pdbx_struct_special_symmetry.auth_seq_id     2144 
_pdbx_struct_special_symmetry.PDB_ins_code    ? 
_pdbx_struct_special_symmetry.label_asym_id   F 
_pdbx_struct_special_symmetry.label_comp_id   HOH 
_pdbx_struct_special_symmetry.label_seq_id    . 
# 
loop_
_pdbx_struct_conn_angle.id 
_pdbx_struct_conn_angle.ptnr1_label_atom_id 
_pdbx_struct_conn_angle.ptnr1_label_alt_id 
_pdbx_struct_conn_angle.ptnr1_label_asym_id 
_pdbx_struct_conn_angle.ptnr1_label_comp_id 
_pdbx_struct_conn_angle.ptnr1_label_seq_id 
_pdbx_struct_conn_angle.ptnr1_auth_atom_id 
_pdbx_struct_conn_angle.ptnr1_auth_asym_id 
_pdbx_struct_conn_angle.ptnr1_auth_comp_id 
_pdbx_struct_conn_angle.ptnr1_auth_seq_id 
_pdbx_struct_conn_angle.ptnr1_PDB_ins_code 
_pdbx_struct_conn_angle.ptnr1_symmetry 
_pdbx_struct_conn_angle.ptnr2_label_atom_id 
_pdbx_struct_conn_angle.ptnr2_label_alt_id 
_pdbx_struct_conn_angle.ptnr2_label_asym_id 
_pdbx_struct_conn_angle.ptnr2_label_comp_id 
_pdbx_struct_conn_angle.ptnr2_label_seq_id 
_pdbx_struct_conn_angle.ptnr2_auth_atom_id 
_pdbx_struct_conn_angle.ptnr2_auth_asym_id 
_pdbx_struct_conn_angle.ptnr2_auth_comp_id 
_pdbx_struct_conn_angle.ptnr2_auth_seq_id 
_pdbx_struct_conn_angle.ptnr2_PDB_ins_code 
_pdbx_struct_conn_angle.ptnr2_symmetry 
_pdbx_struct_conn_angle.ptnr3_label_atom_id 
_pdbx_struct_conn_angle.ptnr3_label_alt_id 
_pdbx_struct_conn_angle.ptnr3_label_asym_id 
_pdbx_struct_conn_angle.ptnr3_label_comp_id 
_pdbx_struct_conn_angle.ptnr3_label_seq_id 
_pdbx_struct_conn_angle.ptnr3_auth_atom_id 
_pdbx_struct_conn_angle.ptnr3_auth_asym_id 
_pdbx_struct_conn_angle.ptnr3_auth_comp_id 
_pdbx_struct_conn_angle.ptnr3_auth_seq_id 
_pdbx_struct_conn_angle.ptnr3_PDB_ins_code 
_pdbx_struct_conn_angle.ptnr3_symmetry 
_pdbx_struct_conn_angle.value 
_pdbx_struct_conn_angle.value_esd 
1  OE1 ? A GLU 25  ? A GLU 25   ? 1_555 CA ? C CA . ? A CA 1147 ? 1_555 OE1 ? A GLU 27  ? A GLU 27   ? 1_555 102.4 ? 
2  OE1 ? A GLU 25  ? A GLU 25   ? 1_555 CA ? C CA . ? A CA 1147 ? 1_555 OE2 ? A GLU 27  ? A GLU 27   ? 1_555 88.9  ? 
3  OE1 ? A GLU 27  ? A GLU 27   ? 1_555 CA ? C CA . ? A CA 1147 ? 1_555 OE2 ? A GLU 27  ? A GLU 27   ? 1_555 51.8  ? 
4  OE1 ? A GLU 25  ? A GLU 25   ? 1_555 CA ? C CA . ? A CA 1147 ? 1_555 O   ? A ARG 47  ? A ARG 47   ? 1_555 170.4 ? 
5  OE1 ? A GLU 27  ? A GLU 27   ? 1_555 CA ? C CA . ? A CA 1147 ? 1_555 O   ? A ARG 47  ? A ARG 47   ? 1_555 79.6  ? 
6  OE2 ? A GLU 27  ? A GLU 27   ? 1_555 CA ? C CA . ? A CA 1147 ? 1_555 O   ? A ARG 47  ? A ARG 47   ? 1_555 85.1  ? 
7  OE1 ? A GLU 25  ? A GLU 25   ? 1_555 CA ? C CA . ? A CA 1147 ? 1_555 OD1 ? A ASP 137 ? A ASP 137  ? 1_555 101.7 ? 
8  OE1 ? A GLU 27  ? A GLU 27   ? 1_555 CA ? C CA . ? A CA 1147 ? 1_555 OD1 ? A ASP 137 ? A ASP 137  ? 1_555 139.0 ? 
9  OE2 ? A GLU 27  ? A GLU 27   ? 1_555 CA ? C CA . ? A CA 1147 ? 1_555 OD1 ? A ASP 137 ? A ASP 137  ? 1_555 160.1 ? 
10 O   ? A ARG 47  ? A ARG 47   ? 1_555 CA ? C CA . ? A CA 1147 ? 1_555 OD1 ? A ASP 137 ? A ASP 137  ? 1_555 82.0  ? 
11 OE1 ? A GLU 25  ? A GLU 25   ? 1_555 CA ? C CA . ? A CA 1147 ? 1_555 O   ? A ASP 137 ? A ASP 137  ? 1_555 86.8  ? 
12 OE1 ? A GLU 27  ? A GLU 27   ? 1_555 CA ? C CA . ? A CA 1147 ? 1_555 O   ? A ASP 137 ? A ASP 137  ? 1_555 75.1  ? 
13 OE2 ? A GLU 27  ? A GLU 27   ? 1_555 CA ? C CA . ? A CA 1147 ? 1_555 O   ? A ASP 137 ? A ASP 137  ? 1_555 124.3 ? 
14 O   ? A ARG 47  ? A ARG 47   ? 1_555 CA ? C CA . ? A CA 1147 ? 1_555 O   ? A ASP 137 ? A ASP 137  ? 1_555 102.7 ? 
15 OD1 ? A ASP 137 ? A ASP 137  ? 1_555 CA ? C CA . ? A CA 1147 ? 1_555 O   ? A ASP 137 ? A ASP 137  ? 1_555 73.7  ? 
16 OE1 ? A GLU 25  ? A GLU 25   ? 1_555 CA ? C CA . ? A CA 1147 ? 1_555 O   ? F HOH .   ? A HOH 2052 ? 1_555 89.7  ? 
17 OE1 ? A GLU 27  ? A GLU 27   ? 1_555 CA ? C CA . ? A CA 1147 ? 1_555 O   ? F HOH .   ? A HOH 2052 ? 1_555 127.2 ? 
18 OE2 ? A GLU 27  ? A GLU 27   ? 1_555 CA ? C CA . ? A CA 1147 ? 1_555 O   ? F HOH .   ? A HOH 2052 ? 1_555 77.7  ? 
19 O   ? A ARG 47  ? A ARG 47   ? 1_555 CA ? C CA . ? A CA 1147 ? 1_555 O   ? F HOH .   ? A HOH 2052 ? 1_555 81.7  ? 
20 OD1 ? A ASP 137 ? A ASP 137  ? 1_555 CA ? C CA . ? A CA 1147 ? 1_555 O   ? F HOH .   ? A HOH 2052 ? 1_555 85.4  ? 
21 O   ? A ASP 137 ? A ASP 137  ? 1_555 CA ? C CA . ? A CA 1147 ? 1_555 O   ? F HOH .   ? A HOH 2052 ? 1_555 157.6 ? 
22 OG  ? A SER 35  ? A SER 35   ? 1_555 NA ? B NA . ? A NA 1146 ? 1_555 O   ? A THR 98  ? A THR 98   ? 3_545 89.8  ? 
23 OG  ? A SER 35  ? A SER 35   ? 1_555 NA ? B NA . ? A NA 1146 ? 1_555 OG1 ? A THR 115 ? A THR 115  ? 3_545 165.3 ? 
24 O   ? A THR 98  ? A THR 98   ? 3_545 NA ? B NA . ? A NA 1146 ? 1_555 OG1 ? A THR 115 ? A THR 115  ? 3_545 85.9  ? 
25 OG  ? A SER 35  ? A SER 35   ? 1_555 NA ? B NA . ? A NA 1146 ? 1_555 O   ? F HOH .   ? A HOH 2120 ? 3_545 98.3  ? 
26 O   ? A THR 98  ? A THR 98   ? 3_545 NA ? B NA . ? A NA 1146 ? 1_555 O   ? F HOH .   ? A HOH 2120 ? 3_545 165.5 ? 
27 OG1 ? A THR 115 ? A THR 115  ? 3_545 NA ? B NA . ? A NA 1146 ? 1_555 O   ? F HOH .   ? A HOH 2120 ? 3_545 89.0  ? 
28 OG  ? A SER 35  ? A SER 35   ? 1_555 NA ? B NA . ? A NA 1146 ? 1_555 O   ? F HOH .   ? A HOH 2121 ? 3_545 82.8  ? 
29 O   ? A THR 98  ? A THR 98   ? 3_545 NA ? B NA . ? A NA 1146 ? 1_555 O   ? F HOH .   ? A HOH 2121 ? 3_545 90.1  ? 
30 OG1 ? A THR 115 ? A THR 115  ? 3_545 NA ? B NA . ? A NA 1146 ? 1_555 O   ? F HOH .   ? A HOH 2121 ? 3_545 83.1  ? 
31 O   ? F HOH .   ? A HOH 2120 ? 3_545 NA ? B NA . ? A NA 1146 ? 1_555 O   ? F HOH .   ? A HOH 2121 ? 3_545 102.7 ? 
# 
loop_
_pdbx_audit_revision_history.ordinal 
_pdbx_audit_revision_history.data_content_type 
_pdbx_audit_revision_history.major_revision 
_pdbx_audit_revision_history.minor_revision 
_pdbx_audit_revision_history.revision_date 
1 'Structure model' 1 0 2004-06-18 
2 'Structure model' 1 1 2011-05-07 
3 'Structure model' 1 2 2011-07-13 
4 'Structure model' 1 3 2017-07-05 
5 'Structure model' 1 4 2023-12-13 
# 
_pdbx_audit_revision_details.ordinal             1 
_pdbx_audit_revision_details.revision_ordinal    1 
_pdbx_audit_revision_details.data_content_type   'Structure model' 
_pdbx_audit_revision_details.provider            repository 
_pdbx_audit_revision_details.type                'Initial release' 
_pdbx_audit_revision_details.description         ? 
_pdbx_audit_revision_details.details             ? 
# 
loop_
_pdbx_audit_revision_group.ordinal 
_pdbx_audit_revision_group.revision_ordinal 
_pdbx_audit_revision_group.data_content_type 
_pdbx_audit_revision_group.group 
1 2 'Structure model' 'Version format compliance' 
2 3 'Structure model' 'Version format compliance' 
3 4 'Structure model' 'Data collection'           
4 5 'Structure model' 'Data collection'           
5 5 'Structure model' 'Database references'       
6 5 'Structure model' 'Derived calculations'      
7 5 'Structure model' Other                       
8 5 'Structure model' 'Refinement description'    
# 
loop_
_pdbx_audit_revision_category.ordinal 
_pdbx_audit_revision_category.revision_ordinal 
_pdbx_audit_revision_category.data_content_type 
_pdbx_audit_revision_category.category 
1 4 'Structure model' diffrn_source                 
2 5 'Structure model' chem_comp_atom                
3 5 'Structure model' chem_comp_bond                
4 5 'Structure model' database_2                    
5 5 'Structure model' pdbx_database_status          
6 5 'Structure model' pdbx_initial_refinement_model 
7 5 'Structure model' pdbx_struct_conn_angle        
8 5 'Structure model' struct_conn                   
# 
loop_
_pdbx_audit_revision_item.ordinal 
_pdbx_audit_revision_item.revision_ordinal 
_pdbx_audit_revision_item.data_content_type 
_pdbx_audit_revision_item.item 
1  4 'Structure model' '_diffrn_source.type'                         
2  5 'Structure model' '_database_2.pdbx_DOI'                        
3  5 'Structure model' '_database_2.pdbx_database_accession'         
4  5 'Structure model' '_pdbx_database_status.status_code_sf'        
5  5 'Structure model' '_pdbx_struct_conn_angle.ptnr1_auth_comp_id'  
6  5 'Structure model' '_pdbx_struct_conn_angle.ptnr1_auth_seq_id'   
7  5 'Structure model' '_pdbx_struct_conn_angle.ptnr1_label_asym_id' 
8  5 'Structure model' '_pdbx_struct_conn_angle.ptnr1_label_atom_id' 
9  5 'Structure model' '_pdbx_struct_conn_angle.ptnr1_label_comp_id' 
10 5 'Structure model' '_pdbx_struct_conn_angle.ptnr1_label_seq_id'  
11 5 'Structure model' '_pdbx_struct_conn_angle.ptnr1_symmetry'      
12 5 'Structure model' '_pdbx_struct_conn_angle.ptnr2_auth_comp_id'  
13 5 'Structure model' '_pdbx_struct_conn_angle.ptnr2_auth_seq_id'   
14 5 'Structure model' '_pdbx_struct_conn_angle.ptnr2_label_asym_id' 
15 5 'Structure model' '_pdbx_struct_conn_angle.ptnr2_label_atom_id' 
16 5 'Structure model' '_pdbx_struct_conn_angle.ptnr2_label_comp_id' 
17 5 'Structure model' '_pdbx_struct_conn_angle.ptnr3_auth_comp_id'  
18 5 'Structure model' '_pdbx_struct_conn_angle.ptnr3_auth_seq_id'   
19 5 'Structure model' '_pdbx_struct_conn_angle.ptnr3_label_asym_id' 
20 5 'Structure model' '_pdbx_struct_conn_angle.ptnr3_label_atom_id' 
21 5 'Structure model' '_pdbx_struct_conn_angle.ptnr3_label_comp_id' 
22 5 'Structure model' '_pdbx_struct_conn_angle.ptnr3_label_seq_id'  
23 5 'Structure model' '_pdbx_struct_conn_angle.ptnr3_symmetry'      
24 5 'Structure model' '_pdbx_struct_conn_angle.value'               
25 5 'Structure model' '_struct_conn.pdbx_dist_value'                
26 5 'Structure model' '_struct_conn.ptnr1_auth_comp_id'             
27 5 'Structure model' '_struct_conn.ptnr1_auth_seq_id'              
28 5 'Structure model' '_struct_conn.ptnr1_label_asym_id'            
29 5 'Structure model' '_struct_conn.ptnr1_label_atom_id'            
30 5 'Structure model' '_struct_conn.ptnr1_label_comp_id'            
31 5 'Structure model' '_struct_conn.ptnr1_label_seq_id'             
32 5 'Structure model' '_struct_conn.ptnr1_symmetry'                 
33 5 'Structure model' '_struct_conn.ptnr2_auth_comp_id'             
34 5 'Structure model' '_struct_conn.ptnr2_auth_seq_id'              
35 5 'Structure model' '_struct_conn.ptnr2_label_asym_id'            
36 5 'Structure model' '_struct_conn.ptnr2_label_atom_id'            
37 5 'Structure model' '_struct_conn.ptnr2_label_comp_id'            
38 5 'Structure model' '_struct_conn.ptnr2_label_seq_id'             
39 5 'Structure model' '_struct_conn.ptnr2_symmetry'                 
# 
loop_
_software.name 
_software.classification 
_software.version 
_software.citation_id 
_software.pdbx_ordinal 
REFMAC refinement       5.1.24 ? 1 
d*TREK 'data reduction' .      ? 2 
d*TREK 'data scaling'   .      ? 3 
MOLREP phasing          .      ? 4 
# 
_pdbx_database_remark.id     700 
_pdbx_database_remark.text   
;
SHEET
THE SHEET STRUCTURE OF THIS MOLECULE IS BIFURCATED. IN
ORDER TO REPRESENT THIS FEATURE IN THE SHEET RECORDS BELOW,
TWO SHEETS ARE DEFINED.
;
# 
_pdbx_validate_close_contact.id               1 
_pdbx_validate_close_contact.PDB_model_num    1 
_pdbx_validate_close_contact.auth_atom_id_1   ND2 
_pdbx_validate_close_contact.auth_asym_id_1   A 
_pdbx_validate_close_contact.auth_comp_id_1   ASN 
_pdbx_validate_close_contact.auth_seq_id_1    111 
_pdbx_validate_close_contact.PDB_ins_code_1   ? 
_pdbx_validate_close_contact.label_alt_id_1   ? 
_pdbx_validate_close_contact.auth_atom_id_2   O 
_pdbx_validate_close_contact.auth_asym_id_2   A 
_pdbx_validate_close_contact.auth_comp_id_2   HOH 
_pdbx_validate_close_contact.auth_seq_id_2    2112 
_pdbx_validate_close_contact.PDB_ins_code_2   ? 
_pdbx_validate_close_contact.label_alt_id_2   ? 
_pdbx_validate_close_contact.dist             2.09 
# 
_pdbx_validate_symm_contact.id                1 
_pdbx_validate_symm_contact.PDB_model_num     1 
_pdbx_validate_symm_contact.auth_atom_id_1    O 
_pdbx_validate_symm_contact.auth_asym_id_1    A 
_pdbx_validate_symm_contact.auth_comp_id_1    HOH 
_pdbx_validate_symm_contact.auth_seq_id_1     2110 
_pdbx_validate_symm_contact.PDB_ins_code_1    ? 
_pdbx_validate_symm_contact.label_alt_id_1    ? 
_pdbx_validate_symm_contact.site_symmetry_1   1_555 
_pdbx_validate_symm_contact.auth_atom_id_2    O 
_pdbx_validate_symm_contact.auth_asym_id_2    A 
_pdbx_validate_symm_contact.auth_comp_id_2    HOH 
_pdbx_validate_symm_contact.auth_seq_id_2     2149 
_pdbx_validate_symm_contact.PDB_ins_code_2    ? 
_pdbx_validate_symm_contact.label_alt_id_2    ? 
_pdbx_validate_symm_contact.site_symmetry_2   7_555 
_pdbx_validate_symm_contact.dist              2.08 
# 
loop_
_pdbx_validate_rmsd_angle.id 
_pdbx_validate_rmsd_angle.PDB_model_num 
_pdbx_validate_rmsd_angle.auth_atom_id_1 
_pdbx_validate_rmsd_angle.auth_asym_id_1 
_pdbx_validate_rmsd_angle.auth_comp_id_1 
_pdbx_validate_rmsd_angle.auth_seq_id_1 
_pdbx_validate_rmsd_angle.PDB_ins_code_1 
_pdbx_validate_rmsd_angle.label_alt_id_1 
_pdbx_validate_rmsd_angle.auth_atom_id_2 
_pdbx_validate_rmsd_angle.auth_asym_id_2 
_pdbx_validate_rmsd_angle.auth_comp_id_2 
_pdbx_validate_rmsd_angle.auth_seq_id_2 
_pdbx_validate_rmsd_angle.PDB_ins_code_2 
_pdbx_validate_rmsd_angle.label_alt_id_2 
_pdbx_validate_rmsd_angle.auth_atom_id_3 
_pdbx_validate_rmsd_angle.auth_asym_id_3 
_pdbx_validate_rmsd_angle.auth_comp_id_3 
_pdbx_validate_rmsd_angle.auth_seq_id_3 
_pdbx_validate_rmsd_angle.PDB_ins_code_3 
_pdbx_validate_rmsd_angle.label_alt_id_3 
_pdbx_validate_rmsd_angle.angle_value 
_pdbx_validate_rmsd_angle.angle_target_value 
_pdbx_validate_rmsd_angle.angle_deviation 
_pdbx_validate_rmsd_angle.angle_standard_deviation 
_pdbx_validate_rmsd_angle.linker_flag 
1 1 CB A ASP 19 ? ? CG A ASP 19 ? ? OD1 A ASP 19 ? ? 125.26 118.30 6.96 0.90 N 
2 1 CB A ASP 89 ? ? CG A ASP 89 ? ? OD2 A ASP 89 ? ? 123.85 118.30 5.55 0.90 N 
# 
loop_
_pdbx_validate_torsion.id 
_pdbx_validate_torsion.PDB_model_num 
_pdbx_validate_torsion.auth_comp_id 
_pdbx_validate_torsion.auth_asym_id 
_pdbx_validate_torsion.auth_seq_id 
_pdbx_validate_torsion.PDB_ins_code 
_pdbx_validate_torsion.label_alt_id 
_pdbx_validate_torsion.phi 
_pdbx_validate_torsion.psi 
1 1 GLU A 28 ? ? -96.26 53.71  
2 1 ASP A 89 ? ? 75.51  -41.25 
# 
loop_
_pdbx_unobs_or_zero_occ_residues.id 
_pdbx_unobs_or_zero_occ_residues.PDB_model_num 
_pdbx_unobs_or_zero_occ_residues.polymer_flag 
_pdbx_unobs_or_zero_occ_residues.occupancy_flag 
_pdbx_unobs_or_zero_occ_residues.auth_asym_id 
_pdbx_unobs_or_zero_occ_residues.auth_comp_id 
_pdbx_unobs_or_zero_occ_residues.auth_seq_id 
_pdbx_unobs_or_zero_occ_residues.PDB_ins_code 
_pdbx_unobs_or_zero_occ_residues.label_asym_id 
_pdbx_unobs_or_zero_occ_residues.label_comp_id 
_pdbx_unobs_or_zero_occ_residues.label_seq_id 
1  1 Y 1 A GLY 1  ? A GLY 1  
2  1 Y 1 A SER 2  ? A SER 2  
3  1 Y 1 A HIS 3  ? A HIS 3  
4  1 Y 1 A MET 4  ? A MET 4  
5  1 Y 1 A ALA 5  ? A ALA 5  
6  1 Y 1 A SER 6  ? A SER 6  
7  1 Y 1 A PRO 7  ? A PRO 7  
8  1 Y 1 A THR 8  ? A THR 8  
9  1 Y 1 A PRO 9  ? A PRO 9  
10 1 Y 1 A ALA 10 ? A ALA 10 
11 1 Y 1 A PRO 11 ? A PRO 11 
12 1 Y 1 A SER 12 ? A SER 12 
13 1 Y 1 A GLN 13 ? A GLN 13 
# 
loop_
_chem_comp_atom.comp_id 
_chem_comp_atom.atom_id 
_chem_comp_atom.type_symbol 
_chem_comp_atom.pdbx_aromatic_flag 
_chem_comp_atom.pdbx_stereo_config 
_chem_comp_atom.pdbx_ordinal 
ALA N    N  N N 1   
ALA CA   C  N S 2   
ALA C    C  N N 3   
ALA O    O  N N 4   
ALA CB   C  N N 5   
ALA OXT  O  N N 6   
ALA H    H  N N 7   
ALA H2   H  N N 8   
ALA HA   H  N N 9   
ALA HB1  H  N N 10  
ALA HB2  H  N N 11  
ALA HB3  H  N N 12  
ALA HXT  H  N N 13  
ARG N    N  N N 14  
ARG CA   C  N S 15  
ARG C    C  N N 16  
ARG O    O  N N 17  
ARG CB   C  N N 18  
ARG CG   C  N N 19  
ARG CD   C  N N 20  
ARG NE   N  N N 21  
ARG CZ   C  N N 22  
ARG NH1  N  N N 23  
ARG NH2  N  N N 24  
ARG OXT  O  N N 25  
ARG H    H  N N 26  
ARG H2   H  N N 27  
ARG HA   H  N N 28  
ARG HB2  H  N N 29  
ARG HB3  H  N N 30  
ARG HG2  H  N N 31  
ARG HG3  H  N N 32  
ARG HD2  H  N N 33  
ARG HD3  H  N N 34  
ARG HE   H  N N 35  
ARG HH11 H  N N 36  
ARG HH12 H  N N 37  
ARG HH21 H  N N 38  
ARG HH22 H  N N 39  
ARG HXT  H  N N 40  
ASN N    N  N N 41  
ASN CA   C  N S 42  
ASN C    C  N N 43  
ASN O    O  N N 44  
ASN CB   C  N N 45  
ASN CG   C  N N 46  
ASN OD1  O  N N 47  
ASN ND2  N  N N 48  
ASN OXT  O  N N 49  
ASN H    H  N N 50  
ASN H2   H  N N 51  
ASN HA   H  N N 52  
ASN HB2  H  N N 53  
ASN HB3  H  N N 54  
ASN HD21 H  N N 55  
ASN HD22 H  N N 56  
ASN HXT  H  N N 57  
ASP N    N  N N 58  
ASP CA   C  N S 59  
ASP C    C  N N 60  
ASP O    O  N N 61  
ASP CB   C  N N 62  
ASP CG   C  N N 63  
ASP OD1  O  N N 64  
ASP OD2  O  N N 65  
ASP OXT  O  N N 66  
ASP H    H  N N 67  
ASP H2   H  N N 68  
ASP HA   H  N N 69  
ASP HB2  H  N N 70  
ASP HB3  H  N N 71  
ASP HD2  H  N N 72  
ASP HXT  H  N N 73  
CA  CA   CA N N 74  
GLN N    N  N N 75  
GLN CA   C  N S 76  
GLN C    C  N N 77  
GLN O    O  N N 78  
GLN CB   C  N N 79  
GLN CG   C  N N 80  
GLN CD   C  N N 81  
GLN OE1  O  N N 82  
GLN NE2  N  N N 83  
GLN OXT  O  N N 84  
GLN H    H  N N 85  
GLN H2   H  N N 86  
GLN HA   H  N N 87  
GLN HB2  H  N N 88  
GLN HB3  H  N N 89  
GLN HG2  H  N N 90  
GLN HG3  H  N N 91  
GLN HE21 H  N N 92  
GLN HE22 H  N N 93  
GLN HXT  H  N N 94  
GLU N    N  N N 95  
GLU CA   C  N S 96  
GLU C    C  N N 97  
GLU O    O  N N 98  
GLU CB   C  N N 99  
GLU CG   C  N N 100 
GLU CD   C  N N 101 
GLU OE1  O  N N 102 
GLU OE2  O  N N 103 
GLU OXT  O  N N 104 
GLU H    H  N N 105 
GLU H2   H  N N 106 
GLU HA   H  N N 107 
GLU HB2  H  N N 108 
GLU HB3  H  N N 109 
GLU HG2  H  N N 110 
GLU HG3  H  N N 111 
GLU HE2  H  N N 112 
GLU HXT  H  N N 113 
GLY N    N  N N 114 
GLY CA   C  N N 115 
GLY C    C  N N 116 
GLY O    O  N N 117 
GLY OXT  O  N N 118 
GLY H    H  N N 119 
GLY H2   H  N N 120 
GLY HA2  H  N N 121 
GLY HA3  H  N N 122 
GLY HXT  H  N N 123 
GOL C1   C  N N 124 
GOL O1   O  N N 125 
GOL C2   C  N N 126 
GOL O2   O  N N 127 
GOL C3   C  N N 128 
GOL O3   O  N N 129 
GOL H11  H  N N 130 
GOL H12  H  N N 131 
GOL HO1  H  N N 132 
GOL H2   H  N N 133 
GOL HO2  H  N N 134 
GOL H31  H  N N 135 
GOL H32  H  N N 136 
GOL HO3  H  N N 137 
HIS N    N  N N 138 
HIS CA   C  N S 139 
HIS C    C  N N 140 
HIS O    O  N N 141 
HIS CB   C  N N 142 
HIS CG   C  Y N 143 
HIS ND1  N  Y N 144 
HIS CD2  C  Y N 145 
HIS CE1  C  Y N 146 
HIS NE2  N  Y N 147 
HIS OXT  O  N N 148 
HIS H    H  N N 149 
HIS H2   H  N N 150 
HIS HA   H  N N 151 
HIS HB2  H  N N 152 
HIS HB3  H  N N 153 
HIS HD1  H  N N 154 
HIS HD2  H  N N 155 
HIS HE1  H  N N 156 
HIS HE2  H  N N 157 
HIS HXT  H  N N 158 
HOH O    O  N N 159 
HOH H1   H  N N 160 
HOH H2   H  N N 161 
ILE N    N  N N 162 
ILE CA   C  N S 163 
ILE C    C  N N 164 
ILE O    O  N N 165 
ILE CB   C  N S 166 
ILE CG1  C  N N 167 
ILE CG2  C  N N 168 
ILE CD1  C  N N 169 
ILE OXT  O  N N 170 
ILE H    H  N N 171 
ILE H2   H  N N 172 
ILE HA   H  N N 173 
ILE HB   H  N N 174 
ILE HG12 H  N N 175 
ILE HG13 H  N N 176 
ILE HG21 H  N N 177 
ILE HG22 H  N N 178 
ILE HG23 H  N N 179 
ILE HD11 H  N N 180 
ILE HD12 H  N N 181 
ILE HD13 H  N N 182 
ILE HXT  H  N N 183 
LEU N    N  N N 184 
LEU CA   C  N S 185 
LEU C    C  N N 186 
LEU O    O  N N 187 
LEU CB   C  N N 188 
LEU CG   C  N N 189 
LEU CD1  C  N N 190 
LEU CD2  C  N N 191 
LEU OXT  O  N N 192 
LEU H    H  N N 193 
LEU H2   H  N N 194 
LEU HA   H  N N 195 
LEU HB2  H  N N 196 
LEU HB3  H  N N 197 
LEU HG   H  N N 198 
LEU HD11 H  N N 199 
LEU HD12 H  N N 200 
LEU HD13 H  N N 201 
LEU HD21 H  N N 202 
LEU HD22 H  N N 203 
LEU HD23 H  N N 204 
LEU HXT  H  N N 205 
LYS N    N  N N 206 
LYS CA   C  N S 207 
LYS C    C  N N 208 
LYS O    O  N N 209 
LYS CB   C  N N 210 
LYS CG   C  N N 211 
LYS CD   C  N N 212 
LYS CE   C  N N 213 
LYS NZ   N  N N 214 
LYS OXT  O  N N 215 
LYS H    H  N N 216 
LYS H2   H  N N 217 
LYS HA   H  N N 218 
LYS HB2  H  N N 219 
LYS HB3  H  N N 220 
LYS HG2  H  N N 221 
LYS HG3  H  N N 222 
LYS HD2  H  N N 223 
LYS HD3  H  N N 224 
LYS HE2  H  N N 225 
LYS HE3  H  N N 226 
LYS HZ1  H  N N 227 
LYS HZ2  H  N N 228 
LYS HZ3  H  N N 229 
LYS HXT  H  N N 230 
MET N    N  N N 231 
MET CA   C  N S 232 
MET C    C  N N 233 
MET O    O  N N 234 
MET CB   C  N N 235 
MET CG   C  N N 236 
MET SD   S  N N 237 
MET CE   C  N N 238 
MET OXT  O  N N 239 
MET H    H  N N 240 
MET H2   H  N N 241 
MET HA   H  N N 242 
MET HB2  H  N N 243 
MET HB3  H  N N 244 
MET HG2  H  N N 245 
MET HG3  H  N N 246 
MET HE1  H  N N 247 
MET HE2  H  N N 248 
MET HE3  H  N N 249 
MET HXT  H  N N 250 
NA  NA   NA N N 251 
PHE N    N  N N 252 
PHE CA   C  N S 253 
PHE C    C  N N 254 
PHE O    O  N N 255 
PHE CB   C  N N 256 
PHE CG   C  Y N 257 
PHE CD1  C  Y N 258 
PHE CD2  C  Y N 259 
PHE CE1  C  Y N 260 
PHE CE2  C  Y N 261 
PHE CZ   C  Y N 262 
PHE OXT  O  N N 263 
PHE H    H  N N 264 
PHE H2   H  N N 265 
PHE HA   H  N N 266 
PHE HB2  H  N N 267 
PHE HB3  H  N N 268 
PHE HD1  H  N N 269 
PHE HD2  H  N N 270 
PHE HE1  H  N N 271 
PHE HE2  H  N N 272 
PHE HZ   H  N N 273 
PHE HXT  H  N N 274 
PRO N    N  N N 275 
PRO CA   C  N S 276 
PRO C    C  N N 277 
PRO O    O  N N 278 
PRO CB   C  N N 279 
PRO CG   C  N N 280 
PRO CD   C  N N 281 
PRO OXT  O  N N 282 
PRO H    H  N N 283 
PRO HA   H  N N 284 
PRO HB2  H  N N 285 
PRO HB3  H  N N 286 
PRO HG2  H  N N 287 
PRO HG3  H  N N 288 
PRO HD2  H  N N 289 
PRO HD3  H  N N 290 
PRO HXT  H  N N 291 
SER N    N  N N 292 
SER CA   C  N S 293 
SER C    C  N N 294 
SER O    O  N N 295 
SER CB   C  N N 296 
SER OG   O  N N 297 
SER OXT  O  N N 298 
SER H    H  N N 299 
SER H2   H  N N 300 
SER HA   H  N N 301 
SER HB2  H  N N 302 
SER HB3  H  N N 303 
SER HG   H  N N 304 
SER HXT  H  N N 305 
THR N    N  N N 306 
THR CA   C  N S 307 
THR C    C  N N 308 
THR O    O  N N 309 
THR CB   C  N R 310 
THR OG1  O  N N 311 
THR CG2  C  N N 312 
THR OXT  O  N N 313 
THR H    H  N N 314 
THR H2   H  N N 315 
THR HA   H  N N 316 
THR HB   H  N N 317 
THR HG1  H  N N 318 
THR HG21 H  N N 319 
THR HG22 H  N N 320 
THR HG23 H  N N 321 
THR HXT  H  N N 322 
TRP N    N  N N 323 
TRP CA   C  N S 324 
TRP C    C  N N 325 
TRP O    O  N N 326 
TRP CB   C  N N 327 
TRP CG   C  Y N 328 
TRP CD1  C  Y N 329 
TRP CD2  C  Y N 330 
TRP NE1  N  Y N 331 
TRP CE2  C  Y N 332 
TRP CE3  C  Y N 333 
TRP CZ2  C  Y N 334 
TRP CZ3  C  Y N 335 
TRP CH2  C  Y N 336 
TRP OXT  O  N N 337 
TRP H    H  N N 338 
TRP H2   H  N N 339 
TRP HA   H  N N 340 
TRP HB2  H  N N 341 
TRP HB3  H  N N 342 
TRP HD1  H  N N 343 
TRP HE1  H  N N 344 
TRP HE3  H  N N 345 
TRP HZ2  H  N N 346 
TRP HZ3  H  N N 347 
TRP HH2  H  N N 348 
TRP HXT  H  N N 349 
TYR N    N  N N 350 
TYR CA   C  N S 351 
TYR C    C  N N 352 
TYR O    O  N N 353 
TYR CB   C  N N 354 
TYR CG   C  Y N 355 
TYR CD1  C  Y N 356 
TYR CD2  C  Y N 357 
TYR CE1  C  Y N 358 
TYR CE2  C  Y N 359 
TYR CZ   C  Y N 360 
TYR OH   O  N N 361 
TYR OXT  O  N N 362 
TYR H    H  N N 363 
TYR H2   H  N N 364 
TYR HA   H  N N 365 
TYR HB2  H  N N 366 
TYR HB3  H  N N 367 
TYR HD1  H  N N 368 
TYR HD2  H  N N 369 
TYR HE1  H  N N 370 
TYR HE2  H  N N 371 
TYR HH   H  N N 372 
TYR HXT  H  N N 373 
VAL N    N  N N 374 
VAL CA   C  N S 375 
VAL C    C  N N 376 
VAL O    O  N N 377 
VAL CB   C  N N 378 
VAL CG1  C  N N 379 
VAL CG2  C  N N 380 
VAL OXT  O  N N 381 
VAL H    H  N N 382 
VAL H2   H  N N 383 
VAL HA   H  N N 384 
VAL HB   H  N N 385 
VAL HG11 H  N N 386 
VAL HG12 H  N N 387 
VAL HG13 H  N N 388 
VAL HG21 H  N N 389 
VAL HG22 H  N N 390 
VAL HG23 H  N N 391 
VAL HXT  H  N N 392 
# 
loop_
_chem_comp_bond.comp_id 
_chem_comp_bond.atom_id_1 
_chem_comp_bond.atom_id_2 
_chem_comp_bond.value_order 
_chem_comp_bond.pdbx_aromatic_flag 
_chem_comp_bond.pdbx_stereo_config 
_chem_comp_bond.pdbx_ordinal 
ALA N   CA   sing N N 1   
ALA N   H    sing N N 2   
ALA N   H2   sing N N 3   
ALA CA  C    sing N N 4   
ALA CA  CB   sing N N 5   
ALA CA  HA   sing N N 6   
ALA C   O    doub N N 7   
ALA C   OXT  sing N N 8   
ALA CB  HB1  sing N N 9   
ALA CB  HB2  sing N N 10  
ALA CB  HB3  sing N N 11  
ALA OXT HXT  sing N N 12  
ARG N   CA   sing N N 13  
ARG N   H    sing N N 14  
ARG N   H2   sing N N 15  
ARG CA  C    sing N N 16  
ARG CA  CB   sing N N 17  
ARG CA  HA   sing N N 18  
ARG C   O    doub N N 19  
ARG C   OXT  sing N N 20  
ARG CB  CG   sing N N 21  
ARG CB  HB2  sing N N 22  
ARG CB  HB3  sing N N 23  
ARG CG  CD   sing N N 24  
ARG CG  HG2  sing N N 25  
ARG CG  HG3  sing N N 26  
ARG CD  NE   sing N N 27  
ARG CD  HD2  sing N N 28  
ARG CD  HD3  sing N N 29  
ARG NE  CZ   sing N N 30  
ARG NE  HE   sing N N 31  
ARG CZ  NH1  sing N N 32  
ARG CZ  NH2  doub N N 33  
ARG NH1 HH11 sing N N 34  
ARG NH1 HH12 sing N N 35  
ARG NH2 HH21 sing N N 36  
ARG NH2 HH22 sing N N 37  
ARG OXT HXT  sing N N 38  
ASN N   CA   sing N N 39  
ASN N   H    sing N N 40  
ASN N   H2   sing N N 41  
ASN CA  C    sing N N 42  
ASN CA  CB   sing N N 43  
ASN CA  HA   sing N N 44  
ASN C   O    doub N N 45  
ASN C   OXT  sing N N 46  
ASN CB  CG   sing N N 47  
ASN CB  HB2  sing N N 48  
ASN CB  HB3  sing N N 49  
ASN CG  OD1  doub N N 50  
ASN CG  ND2  sing N N 51  
ASN ND2 HD21 sing N N 52  
ASN ND2 HD22 sing N N 53  
ASN OXT HXT  sing N N 54  
ASP N   CA   sing N N 55  
ASP N   H    sing N N 56  
ASP N   H2   sing N N 57  
ASP CA  C    sing N N 58  
ASP CA  CB   sing N N 59  
ASP CA  HA   sing N N 60  
ASP C   O    doub N N 61  
ASP C   OXT  sing N N 62  
ASP CB  CG   sing N N 63  
ASP CB  HB2  sing N N 64  
ASP CB  HB3  sing N N 65  
ASP CG  OD1  doub N N 66  
ASP CG  OD2  sing N N 67  
ASP OD2 HD2  sing N N 68  
ASP OXT HXT  sing N N 69  
GLN N   CA   sing N N 70  
GLN N   H    sing N N 71  
GLN N   H2   sing N N 72  
GLN CA  C    sing N N 73  
GLN CA  CB   sing N N 74  
GLN CA  HA   sing N N 75  
GLN C   O    doub N N 76  
GLN C   OXT  sing N N 77  
GLN CB  CG   sing N N 78  
GLN CB  HB2  sing N N 79  
GLN CB  HB3  sing N N 80  
GLN CG  CD   sing N N 81  
GLN CG  HG2  sing N N 82  
GLN CG  HG3  sing N N 83  
GLN CD  OE1  doub N N 84  
GLN CD  NE2  sing N N 85  
GLN NE2 HE21 sing N N 86  
GLN NE2 HE22 sing N N 87  
GLN OXT HXT  sing N N 88  
GLU N   CA   sing N N 89  
GLU N   H    sing N N 90  
GLU N   H2   sing N N 91  
GLU CA  C    sing N N 92  
GLU CA  CB   sing N N 93  
GLU CA  HA   sing N N 94  
GLU C   O    doub N N 95  
GLU C   OXT  sing N N 96  
GLU CB  CG   sing N N 97  
GLU CB  HB2  sing N N 98  
GLU CB  HB3  sing N N 99  
GLU CG  CD   sing N N 100 
GLU CG  HG2  sing N N 101 
GLU CG  HG3  sing N N 102 
GLU CD  OE1  doub N N 103 
GLU CD  OE2  sing N N 104 
GLU OE2 HE2  sing N N 105 
GLU OXT HXT  sing N N 106 
GLY N   CA   sing N N 107 
GLY N   H    sing N N 108 
GLY N   H2   sing N N 109 
GLY CA  C    sing N N 110 
GLY CA  HA2  sing N N 111 
GLY CA  HA3  sing N N 112 
GLY C   O    doub N N 113 
GLY C   OXT  sing N N 114 
GLY OXT HXT  sing N N 115 
GOL C1  O1   sing N N 116 
GOL C1  C2   sing N N 117 
GOL C1  H11  sing N N 118 
GOL C1  H12  sing N N 119 
GOL O1  HO1  sing N N 120 
GOL C2  O2   sing N N 121 
GOL C2  C3   sing N N 122 
GOL C2  H2   sing N N 123 
GOL O2  HO2  sing N N 124 
GOL C3  O3   sing N N 125 
GOL C3  H31  sing N N 126 
GOL C3  H32  sing N N 127 
GOL O3  HO3  sing N N 128 
HIS N   CA   sing N N 129 
HIS N   H    sing N N 130 
HIS N   H2   sing N N 131 
HIS CA  C    sing N N 132 
HIS CA  CB   sing N N 133 
HIS CA  HA   sing N N 134 
HIS C   O    doub N N 135 
HIS C   OXT  sing N N 136 
HIS CB  CG   sing N N 137 
HIS CB  HB2  sing N N 138 
HIS CB  HB3  sing N N 139 
HIS CG  ND1  sing Y N 140 
HIS CG  CD2  doub Y N 141 
HIS ND1 CE1  doub Y N 142 
HIS ND1 HD1  sing N N 143 
HIS CD2 NE2  sing Y N 144 
HIS CD2 HD2  sing N N 145 
HIS CE1 NE2  sing Y N 146 
HIS CE1 HE1  sing N N 147 
HIS NE2 HE2  sing N N 148 
HIS OXT HXT  sing N N 149 
HOH O   H1   sing N N 150 
HOH O   H2   sing N N 151 
ILE N   CA   sing N N 152 
ILE N   H    sing N N 153 
ILE N   H2   sing N N 154 
ILE CA  C    sing N N 155 
ILE CA  CB   sing N N 156 
ILE CA  HA   sing N N 157 
ILE C   O    doub N N 158 
ILE C   OXT  sing N N 159 
ILE CB  CG1  sing N N 160 
ILE CB  CG2  sing N N 161 
ILE CB  HB   sing N N 162 
ILE CG1 CD1  sing N N 163 
ILE CG1 HG12 sing N N 164 
ILE CG1 HG13 sing N N 165 
ILE CG2 HG21 sing N N 166 
ILE CG2 HG22 sing N N 167 
ILE CG2 HG23 sing N N 168 
ILE CD1 HD11 sing N N 169 
ILE CD1 HD12 sing N N 170 
ILE CD1 HD13 sing N N 171 
ILE OXT HXT  sing N N 172 
LEU N   CA   sing N N 173 
LEU N   H    sing N N 174 
LEU N   H2   sing N N 175 
LEU CA  C    sing N N 176 
LEU CA  CB   sing N N 177 
LEU CA  HA   sing N N 178 
LEU C   O    doub N N 179 
LEU C   OXT  sing N N 180 
LEU CB  CG   sing N N 181 
LEU CB  HB2  sing N N 182 
LEU CB  HB3  sing N N 183 
LEU CG  CD1  sing N N 184 
LEU CG  CD2  sing N N 185 
LEU CG  HG   sing N N 186 
LEU CD1 HD11 sing N N 187 
LEU CD1 HD12 sing N N 188 
LEU CD1 HD13 sing N N 189 
LEU CD2 HD21 sing N N 190 
LEU CD2 HD22 sing N N 191 
LEU CD2 HD23 sing N N 192 
LEU OXT HXT  sing N N 193 
LYS N   CA   sing N N 194 
LYS N   H    sing N N 195 
LYS N   H2   sing N N 196 
LYS CA  C    sing N N 197 
LYS CA  CB   sing N N 198 
LYS CA  HA   sing N N 199 
LYS C   O    doub N N 200 
LYS C   OXT  sing N N 201 
LYS CB  CG   sing N N 202 
LYS CB  HB2  sing N N 203 
LYS CB  HB3  sing N N 204 
LYS CG  CD   sing N N 205 
LYS CG  HG2  sing N N 206 
LYS CG  HG3  sing N N 207 
LYS CD  CE   sing N N 208 
LYS CD  HD2  sing N N 209 
LYS CD  HD3  sing N N 210 
LYS CE  NZ   sing N N 211 
LYS CE  HE2  sing N N 212 
LYS CE  HE3  sing N N 213 
LYS NZ  HZ1  sing N N 214 
LYS NZ  HZ2  sing N N 215 
LYS NZ  HZ3  sing N N 216 
LYS OXT HXT  sing N N 217 
MET N   CA   sing N N 218 
MET N   H    sing N N 219 
MET N   H2   sing N N 220 
MET CA  C    sing N N 221 
MET CA  CB   sing N N 222 
MET CA  HA   sing N N 223 
MET C   O    doub N N 224 
MET C   OXT  sing N N 225 
MET CB  CG   sing N N 226 
MET CB  HB2  sing N N 227 
MET CB  HB3  sing N N 228 
MET CG  SD   sing N N 229 
MET CG  HG2  sing N N 230 
MET CG  HG3  sing N N 231 
MET SD  CE   sing N N 232 
MET CE  HE1  sing N N 233 
MET CE  HE2  sing N N 234 
MET CE  HE3  sing N N 235 
MET OXT HXT  sing N N 236 
PHE N   CA   sing N N 237 
PHE N   H    sing N N 238 
PHE N   H2   sing N N 239 
PHE CA  C    sing N N 240 
PHE CA  CB   sing N N 241 
PHE CA  HA   sing N N 242 
PHE C   O    doub N N 243 
PHE C   OXT  sing N N 244 
PHE CB  CG   sing N N 245 
PHE CB  HB2  sing N N 246 
PHE CB  HB3  sing N N 247 
PHE CG  CD1  doub Y N 248 
PHE CG  CD2  sing Y N 249 
PHE CD1 CE1  sing Y N 250 
PHE CD1 HD1  sing N N 251 
PHE CD2 CE2  doub Y N 252 
PHE CD2 HD2  sing N N 253 
PHE CE1 CZ   doub Y N 254 
PHE CE1 HE1  sing N N 255 
PHE CE2 CZ   sing Y N 256 
PHE CE2 HE2  sing N N 257 
PHE CZ  HZ   sing N N 258 
PHE OXT HXT  sing N N 259 
PRO N   CA   sing N N 260 
PRO N   CD   sing N N 261 
PRO N   H    sing N N 262 
PRO CA  C    sing N N 263 
PRO CA  CB   sing N N 264 
PRO CA  HA   sing N N 265 
PRO C   O    doub N N 266 
PRO C   OXT  sing N N 267 
PRO CB  CG   sing N N 268 
PRO CB  HB2  sing N N 269 
PRO CB  HB3  sing N N 270 
PRO CG  CD   sing N N 271 
PRO CG  HG2  sing N N 272 
PRO CG  HG3  sing N N 273 
PRO CD  HD2  sing N N 274 
PRO CD  HD3  sing N N 275 
PRO OXT HXT  sing N N 276 
SER N   CA   sing N N 277 
SER N   H    sing N N 278 
SER N   H2   sing N N 279 
SER CA  C    sing N N 280 
SER CA  CB   sing N N 281 
SER CA  HA   sing N N 282 
SER C   O    doub N N 283 
SER C   OXT  sing N N 284 
SER CB  OG   sing N N 285 
SER CB  HB2  sing N N 286 
SER CB  HB3  sing N N 287 
SER OG  HG   sing N N 288 
SER OXT HXT  sing N N 289 
THR N   CA   sing N N 290 
THR N   H    sing N N 291 
THR N   H2   sing N N 292 
THR CA  C    sing N N 293 
THR CA  CB   sing N N 294 
THR CA  HA   sing N N 295 
THR C   O    doub N N 296 
THR C   OXT  sing N N 297 
THR CB  OG1  sing N N 298 
THR CB  CG2  sing N N 299 
THR CB  HB   sing N N 300 
THR OG1 HG1  sing N N 301 
THR CG2 HG21 sing N N 302 
THR CG2 HG22 sing N N 303 
THR CG2 HG23 sing N N 304 
THR OXT HXT  sing N N 305 
TRP N   CA   sing N N 306 
TRP N   H    sing N N 307 
TRP N   H2   sing N N 308 
TRP CA  C    sing N N 309 
TRP CA  CB   sing N N 310 
TRP CA  HA   sing N N 311 
TRP C   O    doub N N 312 
TRP C   OXT  sing N N 313 
TRP CB  CG   sing N N 314 
TRP CB  HB2  sing N N 315 
TRP CB  HB3  sing N N 316 
TRP CG  CD1  doub Y N 317 
TRP CG  CD2  sing Y N 318 
TRP CD1 NE1  sing Y N 319 
TRP CD1 HD1  sing N N 320 
TRP CD2 CE2  doub Y N 321 
TRP CD2 CE3  sing Y N 322 
TRP NE1 CE2  sing Y N 323 
TRP NE1 HE1  sing N N 324 
TRP CE2 CZ2  sing Y N 325 
TRP CE3 CZ3  doub Y N 326 
TRP CE3 HE3  sing N N 327 
TRP CZ2 CH2  doub Y N 328 
TRP CZ2 HZ2  sing N N 329 
TRP CZ3 CH2  sing Y N 330 
TRP CZ3 HZ3  sing N N 331 
TRP CH2 HH2  sing N N 332 
TRP OXT HXT  sing N N 333 
TYR N   CA   sing N N 334 
TYR N   H    sing N N 335 
TYR N   H2   sing N N 336 
TYR CA  C    sing N N 337 
TYR CA  CB   sing N N 338 
TYR CA  HA   sing N N 339 
TYR C   O    doub N N 340 
TYR C   OXT  sing N N 341 
TYR CB  CG   sing N N 342 
TYR CB  HB2  sing N N 343 
TYR CB  HB3  sing N N 344 
TYR CG  CD1  doub Y N 345 
TYR CG  CD2  sing Y N 346 
TYR CD1 CE1  sing Y N 347 
TYR CD1 HD1  sing N N 348 
TYR CD2 CE2  doub Y N 349 
TYR CD2 HD2  sing N N 350 
TYR CE1 CZ   doub Y N 351 
TYR CE1 HE1  sing N N 352 
TYR CE2 CZ   sing Y N 353 
TYR CE2 HE2  sing N N 354 
TYR CZ  OH   sing N N 355 
TYR OH  HH   sing N N 356 
TYR OXT HXT  sing N N 357 
VAL N   CA   sing N N 358 
VAL N   H    sing N N 359 
VAL N   H2   sing N N 360 
VAL CA  C    sing N N 361 
VAL CA  CB   sing N N 362 
VAL CA  HA   sing N N 363 
VAL C   O    doub N N 364 
VAL C   OXT  sing N N 365 
VAL CB  CG1  sing N N 366 
VAL CB  CG2  sing N N 367 
VAL CB  HB   sing N N 368 
VAL CG1 HG11 sing N N 369 
VAL CG1 HG12 sing N N 370 
VAL CG1 HG13 sing N N 371 
VAL CG2 HG21 sing N N 372 
VAL CG2 HG22 sing N N 373 
VAL CG2 HG23 sing N N 374 
VAL OXT HXT  sing N N 375 
# 
loop_
_pdbx_entity_nonpoly.entity_id 
_pdbx_entity_nonpoly.name 
_pdbx_entity_nonpoly.comp_id 
2 'SODIUM ION'  NA  
3 'CALCIUM ION' CA  
4 GLYCEROL      GOL 
5 water         HOH 
# 
_pdbx_initial_refinement_model.id               1 
_pdbx_initial_refinement_model.entity_id_list   ? 
_pdbx_initial_refinement_model.type             'experimental model' 
_pdbx_initial_refinement_model.source_name      PDB 
_pdbx_initial_refinement_model.accession_code   1GMM 
_pdbx_initial_refinement_model.details          'PDB ENTRY 1GMM' 
# 
